data_1ZVX
# 
_entry.id   1ZVX 
# 
_audit_conform.dict_name       mmcif_pdbx.dic 
_audit_conform.dict_version    5.376 
_audit_conform.dict_location   http://mmcif.pdb.org/dictionaries/ascii/mmcif_pdbx.dic 
# 
loop_
_database_2.database_id 
_database_2.database_code 
_database_2.pdbx_database_accession 
_database_2.pdbx_DOI 
PDB   1ZVX         pdb_00001zvx 10.2210/pdb1zvx/pdb 
RCSB  RCSB033184   ?            ?                   
WWPDB D_1000033184 ?            ?                   
# 
_pdbx_database_related.db_name        PDB 
_pdbx_database_related.db_id          1ZS0 
_pdbx_database_related.details        . 
_pdbx_database_related.content_type   unspecified 
# 
_pdbx_database_status.status_code                     REL 
_pdbx_database_status.entry_id                        1ZVX 
_pdbx_database_status.recvd_initial_deposition_date   2005-06-03 
_pdbx_database_status.deposit_site                    RCSB 
_pdbx_database_status.process_site                    RCSB 
_pdbx_database_status.status_code_sf                  REL 
_pdbx_database_status.status_code_mr                  ? 
_pdbx_database_status.SG_entry                        ? 
_pdbx_database_status.pdb_format_compatible           Y 
_pdbx_database_status.status_code_cs                  ? 
_pdbx_database_status.methods_development_category    ? 
_pdbx_database_status.status_code_nmr_data            ? 
# 
loop_
_audit_author.name 
_audit_author.pdbx_ordinal 
'Pochetti, G.'   1  
'Gavuzzo, E.'    2  
'Campestre, C.'  3  
'Agamennone, M.' 4  
'Tortorella, P.' 5  
'Consalvi, V.'   6  
'Gallina, C.'    7  
'Hiller, O.'     8  
'Tschesche, H.'  9  
'Tucker, P.A.'   10 
'Mazza, F.'      11 
# 
loop_
_citation.id 
_citation.title 
_citation.journal_abbrev 
_citation.journal_volume 
_citation.page_first 
_citation.page_last 
_citation.year 
_citation.journal_id_ASTM 
_citation.country 
_citation.journal_id_ISSN 
_citation.journal_id_CSD 
_citation.book_publisher 
_citation.pdbx_database_id_PubMed 
_citation.pdbx_database_id_DOI 
primary 'Structural insight into the stereoselective inhibition of MMP-8 by enantiomeric sulfonamide phosphonates.' J.Med.Chem.    
49  923  931  2006 JMCMAR US 0022-2623 0151 ? 16451058 10.1021/jm050787+                  
1       
'X-ray structure of human stromelysin catalytic domain complexed with nonpeptide inhibitors: implications for inhibitor selectivity' 
'Protein Sci.' 8   1455 1462 1999 PRCIEI US 0961-8368 0795 ? 10422833 ?                                  
2       
;Two crystal structures of human neutrophil collagenase, one complexed with a primed- and the other with an unprimed-side inhibitor: implications for drug design
;
J.Med.Chem.    43  3377 3385 2000 JMCMAR US 0022-2623 0151 ? 10978185 10.1021/jm9909589                  
3       
;X-ray structuresof human neutrophil collagenase complexed with peptide hydroxamate and peptide thiol inhibitors. Implications for substrate binding and rational drug design
;
Eur.J.Biochem. 228 830  841  1995 EJBCAI IX 0014-2956 0262 ? 7737183  10.1111/j.1432-1033.1995.tb20329.x 
# 
loop_
_citation_author.citation_id 
_citation_author.name 
_citation_author.ordinal 
_citation_author.identifier_ORCID 
primary 'Pochetti, G.'      1  ? 
primary 'Gavuzzo, E.'       2  ? 
primary 'Campestre, C.'     3  ? 
primary 'Agamennone, M.'    4  ? 
primary 'Tortorella, P.'    5  ? 
primary 'Consalvi, V.'      6  ? 
primary 'Gallina, C.'       7  ? 
primary 'Hiller, O.'        8  ? 
primary 'Tschesche, H.'     9  ? 
primary 'Tucker, P.A.'      10 ? 
primary 'Mazza, F.'         11 ? 
1       'Pavlovsky, A.G.'   12 ? 
1       'Williams, M.G.'    13 ? 
1       'Ye, Q.Z.'          14 ? 
1       'Ortwine, D.F.'     15 ? 
1       'Purchase II, C.F.' 16 ? 
1       'White, A.D.'       17 ? 
1       'Dhanaraj, V.'      18 ? 
1       'Roth, B.D.'        19 ? 
1       'Johnson, L.L.'     20 ? 
1       'Hupe, D.'          21 ? 
1       'Humblet, C.'       22 ? 
1       'Blundell, T.L.'    23 ? 
2       'Gavuzzo, E.'       24 ? 
2       'Pochetti, G.'      25 ? 
2       'Mazza, F.'         26 ? 
2       'Gallina, C.'       27 ? 
2       'Gorini, B.'        28 ? 
2       
;D'Alessio, S.
;
29 ? 
2       'Pieper, M.'        30 ? 
2       'Tschesche, H.'     31 ? 
2       'Tucker, P.A.'      32 ? 
3       'Grams, F.'         33 ? 
3       'Reinemer, P.'      34 ? 
3       'Powers, J.C.'      35 ? 
3       'Kleine, T.'        36 ? 
3       'Pieper, M.'        37 ? 
3       'Tschesche, H.'     38 ? 
3       'Huber, R.'         39 ? 
3       'Bode, W.'          40 ? 
# 
_cell.entry_id           1ZVX 
_cell.length_a           32.706 
_cell.length_b           54.754 
_cell.length_c           68.413 
_cell.angle_alpha        90.00 
_cell.angle_beta         90.00 
_cell.angle_gamma        90.00 
_cell.Z_PDB              4 
_cell.pdbx_unique_axis   ? 
# 
_symmetry.entry_id                         1ZVX 
_symmetry.space_group_name_H-M             'P 21 21 21' 
_symmetry.pdbx_full_space_group_name_H-M   ? 
_symmetry.cell_setting                     ? 
_symmetry.Int_Tables_number                19 
_symmetry.space_group_name_Hall            ? 
# 
loop_
_entity.id 
_entity.type 
_entity.src_method 
_entity.pdbx_description 
_entity.formula_weight 
_entity.pdbx_number_of_molecules 
_entity.pdbx_ec 
_entity.pdbx_mutation 
_entity.pdbx_fragment 
_entity.details 
1 polymer     man 'Neutrophil collagenase'                                                                18111.744 1   3.4.24.34 
? 'catalytic domain of neutrophil collagenase (Residues:80-242)' ? 
2 non-polymer syn 'CALCIUM ION'                                                                           40.078    2   ?         
? ?                                                              ? 
3 non-polymer syn 'ZINC ION'                                                                              65.409    2   ?         
? ?                                                              ? 
4 non-polymer syn 
;(1R)-1-{[(4'-METHOXY-1,1'-BIPHENYL-4-YL)SULFONYL]AMINO}-2-METHYLPROPYLPHOSPHONIC ACID
;
399.398   1   ?         ? ?                                                              ? 
5 water       nat water                                                                                   18.015    144 ?         
? ?                                                              ? 
# 
_entity_name_com.entity_id   1 
_entity_name_com.name        'Matrix metalloproteinase-8, MMP-8, PMNL collagenase, PMNL-CL' 
# 
_entity_poly.entity_id                      1 
_entity_poly.type                           'polypeptide(L)' 
_entity_poly.nstd_linkage                   no 
_entity_poly.nstd_monomer                   no 
_entity_poly.pdbx_seq_one_letter_code       
;MLTPGNPKWERTNLTYRIRNYTPQLSEAEVERAIKDAFELWSVASPLIFTRISQGEADINIAFYQRDHGDNSPFDGPNGI
LAHAFQPGQGIGGDAHFDAEETWTNTSANYNLFLVAAHEFGHSLGLAHSSDPGALMYPNYAFRETSNYSLPQDDIDGIQA
IYG
;
_entity_poly.pdbx_seq_one_letter_code_can   
;MLTPGNPKWERTNLTYRIRNYTPQLSEAEVERAIKDAFELWSVASPLIFTRISQGEADINIAFYQRDHGDNSPFDGPNGI
LAHAFQPGQGIGGDAHFDAEETWTNTSANYNLFLVAAHEFGHSLGLAHSSDPGALMYPNYAFRETSNYSLPQDDIDGIQA
IYG
;
_entity_poly.pdbx_strand_id                 A 
_entity_poly.pdbx_target_identifier         ? 
# 
loop_
_entity_poly_seq.entity_id 
_entity_poly_seq.num 
_entity_poly_seq.mon_id 
_entity_poly_seq.hetero 
1 1   MET n 
1 2   LEU n 
1 3   THR n 
1 4   PRO n 
1 5   GLY n 
1 6   ASN n 
1 7   PRO n 
1 8   LYS n 
1 9   TRP n 
1 10  GLU n 
1 11  ARG n 
1 12  THR n 
1 13  ASN n 
1 14  LEU n 
1 15  THR n 
1 16  TYR n 
1 17  ARG n 
1 18  ILE n 
1 19  ARG n 
1 20  ASN n 
1 21  TYR n 
1 22  THR n 
1 23  PRO n 
1 24  GLN n 
1 25  LEU n 
1 26  SER n 
1 27  GLU n 
1 28  ALA n 
1 29  GLU n 
1 30  VAL n 
1 31  GLU n 
1 32  ARG n 
1 33  ALA n 
1 34  ILE n 
1 35  LYS n 
1 36  ASP n 
1 37  ALA n 
1 38  PHE n 
1 39  GLU n 
1 40  LEU n 
1 41  TRP n 
1 42  SER n 
1 43  VAL n 
1 44  ALA n 
1 45  SER n 
1 46  PRO n 
1 47  LEU n 
1 48  ILE n 
1 49  PHE n 
1 50  THR n 
1 51  ARG n 
1 52  ILE n 
1 53  SER n 
1 54  GLN n 
1 55  GLY n 
1 56  GLU n 
1 57  ALA n 
1 58  ASP n 
1 59  ILE n 
1 60  ASN n 
1 61  ILE n 
1 62  ALA n 
1 63  PHE n 
1 64  TYR n 
1 65  GLN n 
1 66  ARG n 
1 67  ASP n 
1 68  HIS n 
1 69  GLY n 
1 70  ASP n 
1 71  ASN n 
1 72  SER n 
1 73  PRO n 
1 74  PHE n 
1 75  ASP n 
1 76  GLY n 
1 77  PRO n 
1 78  ASN n 
1 79  GLY n 
1 80  ILE n 
1 81  LEU n 
1 82  ALA n 
1 83  HIS n 
1 84  ALA n 
1 85  PHE n 
1 86  GLN n 
1 87  PRO n 
1 88  GLY n 
1 89  GLN n 
1 90  GLY n 
1 91  ILE n 
1 92  GLY n 
1 93  GLY n 
1 94  ASP n 
1 95  ALA n 
1 96  HIS n 
1 97  PHE n 
1 98  ASP n 
1 99  ALA n 
1 100 GLU n 
1 101 GLU n 
1 102 THR n 
1 103 TRP n 
1 104 THR n 
1 105 ASN n 
1 106 THR n 
1 107 SER n 
1 108 ALA n 
1 109 ASN n 
1 110 TYR n 
1 111 ASN n 
1 112 LEU n 
1 113 PHE n 
1 114 LEU n 
1 115 VAL n 
1 116 ALA n 
1 117 ALA n 
1 118 HIS n 
1 119 GLU n 
1 120 PHE n 
1 121 GLY n 
1 122 HIS n 
1 123 SER n 
1 124 LEU n 
1 125 GLY n 
1 126 LEU n 
1 127 ALA n 
1 128 HIS n 
1 129 SER n 
1 130 SER n 
1 131 ASP n 
1 132 PRO n 
1 133 GLY n 
1 134 ALA n 
1 135 LEU n 
1 136 MET n 
1 137 TYR n 
1 138 PRO n 
1 139 ASN n 
1 140 TYR n 
1 141 ALA n 
1 142 PHE n 
1 143 ARG n 
1 144 GLU n 
1 145 THR n 
1 146 SER n 
1 147 ASN n 
1 148 TYR n 
1 149 SER n 
1 150 LEU n 
1 151 PRO n 
1 152 GLN n 
1 153 ASP n 
1 154 ASP n 
1 155 ILE n 
1 156 ASP n 
1 157 GLY n 
1 158 ILE n 
1 159 GLN n 
1 160 ALA n 
1 161 ILE n 
1 162 TYR n 
1 163 GLY n 
# 
_entity_src_gen.entity_id                          1 
_entity_src_gen.pdbx_src_id                        1 
_entity_src_gen.pdbx_alt_source_flag               sample 
_entity_src_gen.pdbx_seq_type                      ? 
_entity_src_gen.pdbx_beg_seq_num                   ? 
_entity_src_gen.pdbx_end_seq_num                   ? 
_entity_src_gen.gene_src_common_name               human 
_entity_src_gen.gene_src_genus                     Homo 
_entity_src_gen.pdbx_gene_src_gene                 'MMP8, CLG1' 
_entity_src_gen.gene_src_species                   ? 
_entity_src_gen.gene_src_strain                    ? 
_entity_src_gen.gene_src_tissue                    ? 
_entity_src_gen.gene_src_tissue_fraction           ? 
_entity_src_gen.gene_src_details                   ? 
_entity_src_gen.pdbx_gene_src_fragment             ? 
_entity_src_gen.pdbx_gene_src_scientific_name      'Homo sapiens' 
_entity_src_gen.pdbx_gene_src_ncbi_taxonomy_id     9606 
_entity_src_gen.pdbx_gene_src_variant              ? 
_entity_src_gen.pdbx_gene_src_cell_line            ? 
_entity_src_gen.pdbx_gene_src_atcc                 ? 
_entity_src_gen.pdbx_gene_src_organ                ? 
_entity_src_gen.pdbx_gene_src_organelle            ? 
_entity_src_gen.pdbx_gene_src_cell                 ? 
_entity_src_gen.pdbx_gene_src_cellular_location    ? 
_entity_src_gen.host_org_common_name               ? 
_entity_src_gen.pdbx_host_org_scientific_name      'Escherichia coli BL21' 
_entity_src_gen.pdbx_host_org_ncbi_taxonomy_id     511693 
_entity_src_gen.host_org_genus                     Escherichia 
_entity_src_gen.pdbx_host_org_gene                 ? 
_entity_src_gen.pdbx_host_org_organ                ? 
_entity_src_gen.host_org_species                   'Escherichia coli' 
_entity_src_gen.pdbx_host_org_tissue               ? 
_entity_src_gen.pdbx_host_org_tissue_fraction      ? 
_entity_src_gen.pdbx_host_org_strain               BL21 
_entity_src_gen.pdbx_host_org_variant              ? 
_entity_src_gen.pdbx_host_org_cell_line            ? 
_entity_src_gen.pdbx_host_org_atcc                 ? 
_entity_src_gen.pdbx_host_org_culture_collection   ? 
_entity_src_gen.pdbx_host_org_cell                 ? 
_entity_src_gen.pdbx_host_org_organelle            ? 
_entity_src_gen.pdbx_host_org_cellular_location    ? 
_entity_src_gen.pdbx_host_org_vector_type          ? 
_entity_src_gen.pdbx_host_org_vector               ? 
_entity_src_gen.host_org_details                   ? 
_entity_src_gen.expression_system_id               ? 
_entity_src_gen.plasmid_name                       pSVB30 
_entity_src_gen.plasmid_details                    ? 
_entity_src_gen.pdbx_description                   ? 
# 
_struct_ref.id                         1 
_struct_ref.db_name                    UNP 
_struct_ref.db_code                    MMP8_HUMAN 
_struct_ref.pdbx_db_accession          P22894 
_struct_ref.entity_id                  1 
_struct_ref.pdbx_align_begin           100 
_struct_ref.pdbx_db_isoform            ? 
_struct_ref.pdbx_seq_one_letter_code   ? 
# 
_struct_ref_seq.align_id                      1 
_struct_ref_seq.ref_id                        1 
_struct_ref_seq.pdbx_PDB_id_code              1ZVX 
_struct_ref_seq.pdbx_strand_id                A 
_struct_ref_seq.seq_align_beg                 1 
_struct_ref_seq.pdbx_seq_align_beg_ins_code   ? 
_struct_ref_seq.seq_align_end                 163 
_struct_ref_seq.pdbx_seq_align_end_ins_code   ? 
_struct_ref_seq.pdbx_db_accession             P22894 
_struct_ref_seq.db_align_beg                  100 
_struct_ref_seq.pdbx_db_align_beg_ins_code    ? 
_struct_ref_seq.db_align_end                  262 
_struct_ref_seq.pdbx_db_align_end_ins_code    ? 
_struct_ref_seq.pdbx_auth_seq_align_beg       80 
_struct_ref_seq.pdbx_auth_seq_align_end       242 
# 
loop_
_chem_comp.id 
_chem_comp.type 
_chem_comp.mon_nstd_flag 
_chem_comp.name 
_chem_comp.pdbx_synonyms 
_chem_comp.formula 
_chem_comp.formula_weight 
ALA 'L-peptide linking' y ALANINE                                                                                 ? 'C3 H7 N O2' 
89.093  
ARG 'L-peptide linking' y ARGININE                                                                                ? 
'C6 H15 N4 O2 1'   175.209 
ASN 'L-peptide linking' y ASPARAGINE                                                                              ? 'C4 H8 N2 O3' 
132.118 
ASP 'L-peptide linking' y 'ASPARTIC ACID'                                                                         ? 'C4 H7 N O4' 
133.103 
CA  non-polymer         . 'CALCIUM ION'                                                                           ? 'Ca 2' 40.078  
FIN non-polymer         . 
;(1R)-1-{[(4'-METHOXY-1,1'-BIPHENYL-4-YL)SULFONYL]AMINO}-2-METHYLPROPYLPHOSPHONIC ACID
;
? 'C17 H22 N O6 P S' 399.398 
GLN 'L-peptide linking' y GLUTAMINE                                                                               ? 'C5 H10 N2 O3' 
146.144 
GLU 'L-peptide linking' y 'GLUTAMIC ACID'                                                                         ? 'C5 H9 N O4' 
147.129 
GLY 'peptide linking'   y GLYCINE                                                                                 ? 'C2 H5 N O2' 
75.067  
HIS 'L-peptide linking' y HISTIDINE                                                                               ? 
'C6 H10 N3 O2 1'   156.162 
HOH non-polymer         . WATER                                                                                   ? 'H2 O' 18.015  
ILE 'L-peptide linking' y ISOLEUCINE                                                                              ? 'C6 H13 N O2' 
131.173 
LEU 'L-peptide linking' y LEUCINE                                                                                 ? 'C6 H13 N O2' 
131.173 
LYS 'L-peptide linking' y LYSINE                                                                                  ? 
'C6 H15 N2 O2 1'   147.195 
MET 'L-peptide linking' y METHIONINE                                                                              ? 
'C5 H11 N O2 S'    149.211 
PHE 'L-peptide linking' y PHENYLALANINE                                                                           ? 'C9 H11 N O2' 
165.189 
PRO 'L-peptide linking' y PROLINE                                                                                 ? 'C5 H9 N O2' 
115.130 
SER 'L-peptide linking' y SERINE                                                                                  ? 'C3 H7 N O3' 
105.093 
THR 'L-peptide linking' y THREONINE                                                                               ? 'C4 H9 N O3' 
119.119 
TRP 'L-peptide linking' y TRYPTOPHAN                                                                              ? 
'C11 H12 N2 O2'    204.225 
TYR 'L-peptide linking' y TYROSINE                                                                                ? 'C9 H11 N O3' 
181.189 
VAL 'L-peptide linking' y VALINE                                                                                  ? 'C5 H11 N O2' 
117.146 
ZN  non-polymer         . 'ZINC ION'                                                                              ? 'Zn 2' 65.409  
# 
_exptl.entry_id          1ZVX 
_exptl.method            'X-RAY DIFFRACTION' 
_exptl.crystals_number   1 
# 
_exptl_crystal.id                    1 
_exptl_crystal.density_meas          ? 
_exptl_crystal.density_Matthews      1.6 
_exptl_crystal.density_percent_sol   24.6 
_exptl_crystal.description           ? 
_exptl_crystal.F_000                 ? 
_exptl_crystal.preparation           ? 
# 
_exptl_crystal_grow.crystal_id      1 
_exptl_crystal_grow.method          'VAPOR DIFFUSION, HANGING DROP' 
_exptl_crystal_grow.temp            291.0 
_exptl_crystal_grow.temp_details    ? 
_exptl_crystal_grow.pH              6.0 
_exptl_crystal_grow.pdbx_details    
'PEG6000, MES/NaOH, NaCl, CaCl2, ZnCl2, NaPhosphate, pH 6.0, VAPOR DIFFUSION, HANGING DROP, temperature 291.0K' 
_exptl_crystal_grow.pdbx_pH_range   . 
# 
_diffrn.id                     1 
_diffrn.ambient_temp           100.0 
_diffrn.ambient_temp_details   ? 
_diffrn.crystal_id             1 
# 
_diffrn_detector.diffrn_id              1 
_diffrn_detector.detector               CCD 
_diffrn_detector.type                   MARRESEARCH 
_diffrn_detector.pdbx_collection_date   2004-01-28 
_diffrn_detector.details                MIRRORS 
# 
_diffrn_radiation.diffrn_id                        1 
_diffrn_radiation.wavelength_id                    1 
_diffrn_radiation.pdbx_monochromatic_or_laue_m_l   M 
_diffrn_radiation.monochromator                    MIRRORS 
_diffrn_radiation.pdbx_diffrn_protocol             'SINGLE WAVELENGTH' 
_diffrn_radiation.pdbx_scattering_type             x-ray 
# 
_diffrn_radiation_wavelength.id           1 
_diffrn_radiation_wavelength.wavelength   0.8042 
_diffrn_radiation_wavelength.wt           1.0 
# 
_diffrn_source.diffrn_id                   1 
_diffrn_source.source                      SYNCHROTRON 
_diffrn_source.type                        'EMBL/DESY, HAMBURG BEAMLINE X13' 
_diffrn_source.pdbx_synchrotron_site       'EMBL/DESY, HAMBURG' 
_diffrn_source.pdbx_synchrotron_beamline   X13 
_diffrn_source.pdbx_wavelength             ? 
_diffrn_source.pdbx_wavelength_list        0.8042 
# 
_reflns.entry_id                     1ZVX 
_reflns.observed_criterion_sigma_F   0.0 
_reflns.observed_criterion_sigma_I   0.0 
_reflns.d_resolution_high            1.87 
_reflns.d_resolution_low             30.0 
_reflns.number_all                   10210 
_reflns.number_obs                   10210 
_reflns.percent_possible_obs         95.0 
_reflns.pdbx_Rmerge_I_obs            0.075 
_reflns.pdbx_Rsym_value              ? 
_reflns.pdbx_netI_over_sigmaI        13.0 
_reflns.B_iso_Wilson_estimate        ? 
_reflns.pdbx_redundancy              3.5 
_reflns.R_free_details               ? 
_reflns.limit_h_max                  ? 
_reflns.limit_h_min                  ? 
_reflns.limit_k_max                  ? 
_reflns.limit_k_min                  ? 
_reflns.limit_l_max                  ? 
_reflns.limit_l_min                  ? 
_reflns.observed_criterion_F_max     ? 
_reflns.observed_criterion_F_min     ? 
_reflns.pdbx_chi_squared             ? 
_reflns.pdbx_scaling_rejects         ? 
_reflns.pdbx_diffrn_id               1 
_reflns.pdbx_ordinal                 1 
# 
_reflns_shell.d_res_high             1.87 
_reflns_shell.d_res_low              1.94 
_reflns_shell.percent_possible_all   88.1 
_reflns_shell.Rmerge_I_obs           0.304 
_reflns_shell.pdbx_Rsym_value        ? 
_reflns_shell.meanI_over_sigI_obs    2.9 
_reflns_shell.pdbx_redundancy        2.5 
_reflns_shell.percent_possible_obs   ? 
_reflns_shell.number_unique_all      ? 
_reflns_shell.number_measured_all    ? 
_reflns_shell.number_measured_obs    ? 
_reflns_shell.number_unique_obs      ? 
_reflns_shell.pdbx_chi_squared       ? 
_reflns_shell.pdbx_diffrn_id         ? 
_reflns_shell.pdbx_ordinal           1 
# 
_refine.entry_id                                 1ZVX 
_refine.ls_d_res_high                            1.87 
_refine.ls_d_res_low                             10.0 
_refine.pdbx_ls_sigma_F                          2.0 
_refine.pdbx_ls_sigma_I                          ? 
_refine.ls_number_reflns_all                     10210 
_refine.ls_number_reflns_obs                     9924 
_refine.ls_number_reflns_R_free                  1014 
_refine.ls_percent_reflns_obs                    ? 
_refine.ls_R_factor_all                          0.211 
_refine.ls_R_factor_obs                          0.209 
_refine.ls_R_factor_R_work                       0.208 
_refine.ls_R_factor_R_free                       0.244 
_refine.ls_redundancy_reflns_obs                 ? 
_refine.pdbx_data_cutoff_high_absF               ? 
_refine.pdbx_data_cutoff_low_absF                ? 
_refine.ls_number_parameters                     ? 
_refine.ls_number_restraints                     ? 
_refine.ls_percent_reflns_R_free                 ? 
_refine.ls_R_factor_R_free_error                 ? 
_refine.ls_R_factor_R_free_error_details         ? 
_refine.pdbx_method_to_determine_struct          'MOLECULAR REPLACEMENT' 
_refine.pdbx_starting_model                      'PDB ENTRY 1I76' 
_refine.pdbx_ls_cross_valid_method               ? 
_refine.pdbx_R_Free_selection_details            RANDOM 
_refine.pdbx_stereochem_target_val_spec_case     ? 
_refine.pdbx_stereochemistry_target_values       'Engh & Huber' 
_refine.solvent_model_details                    ? 
_refine.solvent_model_param_bsol                 ? 
_refine.solvent_model_param_ksol                 ? 
_refine.occupancy_max                            ? 
_refine.occupancy_min                            ? 
_refine.pdbx_isotropic_thermal_model             ? 
_refine.B_iso_mean                               ? 
_refine.aniso_B[1][1]                            ? 
_refine.aniso_B[1][2]                            ? 
_refine.aniso_B[1][3]                            ? 
_refine.aniso_B[2][2]                            ? 
_refine.aniso_B[2][3]                            ? 
_refine.aniso_B[3][3]                            ? 
_refine.details                                  ? 
_refine.B_iso_min                                ? 
_refine.B_iso_max                                ? 
_refine.correlation_coeff_Fo_to_Fc               ? 
_refine.correlation_coeff_Fo_to_Fc_free          ? 
_refine.pdbx_solvent_vdw_probe_radii             ? 
_refine.pdbx_solvent_ion_probe_radii             ? 
_refine.pdbx_solvent_shrinkage_radii             ? 
_refine.overall_SU_R_Cruickshank_DPI             ? 
_refine.overall_SU_R_free                        ? 
_refine.overall_SU_ML                            ? 
_refine.overall_SU_B                             ? 
_refine.pdbx_overall_ESU_R_Free                  ? 
_refine.pdbx_data_cutoff_high_rms_absF           ? 
_refine.pdbx_overall_ESU_R                       ? 
_refine.ls_wR_factor_R_free                      ? 
_refine.ls_wR_factor_R_work                      ? 
_refine.overall_FOM_free_R_set                   ? 
_refine.overall_FOM_work_R_set                   ? 
_refine.pdbx_refine_id                           'X-RAY DIFFRACTION' 
_refine.pdbx_diffrn_id                           1 
_refine.pdbx_TLS_residual_ADP_flag               ? 
_refine.pdbx_overall_phase_error                 ? 
_refine.pdbx_overall_SU_R_free_Cruickshank_DPI   ? 
_refine.pdbx_overall_SU_R_Blow_DPI               ? 
_refine.pdbx_overall_SU_R_free_Blow_DPI          ? 
# 
_refine_hist.pdbx_refine_id                   'X-RAY DIFFRACTION' 
_refine_hist.cycle_id                         LAST 
_refine_hist.pdbx_number_atoms_protein        1282 
_refine_hist.pdbx_number_atoms_nucleic_acid   0 
_refine_hist.pdbx_number_atoms_ligand         30 
_refine_hist.number_atoms_solvent             144 
_refine_hist.number_atoms_total               1456 
_refine_hist.d_res_high                       1.87 
_refine_hist.d_res_low                        10.0 
# 
_struct.entry_id                  1ZVX 
_struct.title                     'Crystal structure of the complex between MMP-8 and a phosphonate inhibitor (R-enantiomer)' 
_struct.pdbx_model_details        ? 
_struct.pdbx_CASP_flag            ? 
_struct.pdbx_model_type_details   ? 
# 
_struct_keywords.entry_id        1ZVX 
_struct_keywords.pdbx_keywords   HYDROLASE 
_struct_keywords.text            'stereoselective inhibition, phosphonic inhibitors, hydrolase, sulfonamide junction' 
# 
loop_
_struct_asym.id 
_struct_asym.pdbx_blank_PDB_chainid_flag 
_struct_asym.pdbx_modified 
_struct_asym.entity_id 
_struct_asym.details 
A N N 1 ? 
B N N 2 ? 
C N N 2 ? 
D N N 3 ? 
E N N 3 ? 
F N N 4 ? 
G N N 5 ? 
# 
_struct_biol.id                    1 
_struct_biol.pdbx_parent_biol_id   ? 
_struct_biol.details               ? 
# 
loop_
_struct_conf.conf_type_id 
_struct_conf.id 
_struct_conf.pdbx_PDB_helix_id 
_struct_conf.beg_label_comp_id 
_struct_conf.beg_label_asym_id 
_struct_conf.beg_label_seq_id 
_struct_conf.pdbx_beg_PDB_ins_code 
_struct_conf.end_label_comp_id 
_struct_conf.end_label_asym_id 
_struct_conf.end_label_seq_id 
_struct_conf.pdbx_end_PDB_ins_code 
_struct_conf.beg_auth_comp_id 
_struct_conf.beg_auth_asym_id 
_struct_conf.beg_auth_seq_id 
_struct_conf.end_auth_comp_id 
_struct_conf.end_auth_asym_id 
_struct_conf.end_auth_seq_id 
_struct_conf.pdbx_PDB_helix_class 
_struct_conf.details 
_struct_conf.pdbx_PDB_helix_length 
HELX_P HELX_P1 1 SER A 26  ? VAL A 43  ? SER A 105 VAL A 122 1 ? 18 
HELX_P HELX_P2 2 ASN A 111 ? LEU A 124 ? ASN A 190 LEU A 203 1 ? 14 
HELX_P HELX_P3 3 PRO A 151 ? GLY A 163 ? PRO A 230 GLY A 242 1 ? 13 
# 
_struct_conf_type.id          HELX_P 
_struct_conf_type.criteria    ? 
_struct_conf_type.reference   ? 
# 
loop_
_struct_conn.id 
_struct_conn.conn_type_id 
_struct_conn.pdbx_leaving_atom_flag 
_struct_conn.pdbx_PDB_id 
_struct_conn.ptnr1_label_asym_id 
_struct_conn.ptnr1_label_comp_id 
_struct_conn.ptnr1_label_seq_id 
_struct_conn.ptnr1_label_atom_id 
_struct_conn.pdbx_ptnr1_label_alt_id 
_struct_conn.pdbx_ptnr1_PDB_ins_code 
_struct_conn.pdbx_ptnr1_standard_comp_id 
_struct_conn.ptnr1_symmetry 
_struct_conn.ptnr2_label_asym_id 
_struct_conn.ptnr2_label_comp_id 
_struct_conn.ptnr2_label_seq_id 
_struct_conn.ptnr2_label_atom_id 
_struct_conn.pdbx_ptnr2_label_alt_id 
_struct_conn.pdbx_ptnr2_PDB_ins_code 
_struct_conn.ptnr1_auth_asym_id 
_struct_conn.ptnr1_auth_comp_id 
_struct_conn.ptnr1_auth_seq_id 
_struct_conn.ptnr2_auth_asym_id 
_struct_conn.ptnr2_auth_comp_id 
_struct_conn.ptnr2_auth_seq_id 
_struct_conn.ptnr2_symmetry 
_struct_conn.pdbx_ptnr3_label_atom_id 
_struct_conn.pdbx_ptnr3_label_seq_id 
_struct_conn.pdbx_ptnr3_label_comp_id 
_struct_conn.pdbx_ptnr3_label_asym_id 
_struct_conn.pdbx_ptnr3_label_alt_id 
_struct_conn.pdbx_ptnr3_PDB_ins_code 
_struct_conn.details 
_struct_conn.pdbx_dist_value 
_struct_conn.pdbx_value_order 
_struct_conn.pdbx_role 
metalc1  metalc ? ? A ASP 58  O   ? ? ? 1_555 B CA  . CA ? ? A ASP 137 A CA  996  1_555 ? ? ? ? ? ? ? 2.449 ? ? 
metalc2  metalc ? ? A HIS 68  NE2 ? ? ? 1_555 D ZN  . ZN ? ? A HIS 147 A ZN  998  1_555 ? ? ? ? ? ? ? 2.048 ? ? 
metalc3  metalc ? ? A ASP 70  OD2 ? ? ? 1_555 D ZN  . ZN ? ? A ASP 149 A ZN  998  1_555 ? ? ? ? ? ? ? 2.130 ? ? 
metalc4  metalc ? ? A ASP 75  OD1 ? ? ? 1_555 C CA  . CA ? ? A ASP 154 A CA  997  1_555 ? ? ? ? ? ? ? 2.537 ? ? 
metalc5  metalc ? ? A GLY 76  O   ? ? ? 1_555 C CA  . CA ? ? A GLY 155 A CA  997  1_555 ? ? ? ? ? ? ? 2.400 ? ? 
metalc6  metalc ? ? A ASN 78  O   ? ? ? 1_555 C CA  . CA ? ? A ASN 157 A CA  997  1_555 ? ? ? ? ? ? ? 2.499 ? ? 
metalc7  metalc ? ? A ILE 80  O   ? ? ? 1_555 C CA  . CA ? ? A ILE 159 A CA  997  1_555 ? ? ? ? ? ? ? 2.436 ? ? 
metalc8  metalc ? ? A HIS 83  NE2 ? ? ? 1_555 D ZN  . ZN ? ? A HIS 162 A ZN  998  1_555 ? ? ? ? ? ? ? 2.098 ? ? 
metalc9  metalc ? ? A GLY 90  O   ? ? ? 1_555 B CA  . CA ? ? A GLY 169 A CA  996  1_555 ? ? ? ? ? ? ? 2.524 ? ? 
metalc10 metalc ? ? A GLY 92  O   ? ? ? 1_555 B CA  . CA ? ? A GLY 171 A CA  996  1_555 ? ? ? ? ? ? ? 2.540 ? ? 
metalc11 metalc ? ? A ASP 94  OD1 ? ? ? 1_555 B CA  . CA ? ? A ASP 173 A CA  996  1_555 ? ? ? ? ? ? ? 2.530 ? ? 
metalc12 metalc ? ? A ASP 98  OD2 ? ? ? 1_555 C CA  . CA ? ? A ASP 177 A CA  997  1_555 ? ? ? ? ? ? ? 2.513 ? ? 
metalc13 metalc ? ? A GLU 101 OE2 ? ? ? 1_555 C CA  . CA ? ? A GLU 180 A CA  997  1_555 ? ? ? ? ? ? ? 2.443 ? ? 
metalc14 metalc ? ? A HIS 118 NE2 ? ? ? 1_555 E ZN  . ZN ? ? A HIS 197 A ZN  999  1_555 ? ? ? ? ? ? ? 2.129 ? ? 
metalc15 metalc ? ? A HIS 122 NE2 ? ? ? 1_555 E ZN  . ZN ? ? A HIS 201 A ZN  999  1_555 ? ? ? ? ? ? ? 2.089 ? ? 
metalc16 metalc ? ? A HIS 128 NE2 ? ? ? 1_555 E ZN  . ZN ? ? A HIS 207 A ZN  999  1_555 ? ? ? ? ? ? ? 2.146 ? ? 
metalc17 metalc ? ? F FIN .   O6  ? ? ? 1_555 E ZN  . ZN ? ? A FIN 994 A ZN  999  1_555 ? ? ? ? ? ? ? 1.983 ? ? 
metalc18 metalc ? ? B CA  .   CA  ? ? ? 1_555 G HOH . O  ? ? A CA  996 A HOH 1060 1_555 ? ? ? ? ? ? ? 2.614 ? ? 
metalc19 metalc ? ? B CA  .   CA  ? ? ? 1_555 G HOH . O  ? ? A CA  996 A HOH 1101 1_555 ? ? ? ? ? ? ? 2.653 ? ? 
# 
_struct_conn_type.id          metalc 
_struct_conn_type.criteria    ? 
_struct_conn_type.reference   ? 
# 
_struct_mon_prot_cis.pdbx_id                1 
_struct_mon_prot_cis.label_comp_id          ASN 
_struct_mon_prot_cis.label_seq_id           109 
_struct_mon_prot_cis.label_asym_id          A 
_struct_mon_prot_cis.label_alt_id           . 
_struct_mon_prot_cis.pdbx_PDB_ins_code      ? 
_struct_mon_prot_cis.auth_comp_id           ASN 
_struct_mon_prot_cis.auth_seq_id            188 
_struct_mon_prot_cis.auth_asym_id           A 
_struct_mon_prot_cis.pdbx_label_comp_id_2   TYR 
_struct_mon_prot_cis.pdbx_label_seq_id_2    110 
_struct_mon_prot_cis.pdbx_label_asym_id_2   A 
_struct_mon_prot_cis.pdbx_PDB_ins_code_2    ? 
_struct_mon_prot_cis.pdbx_auth_comp_id_2    TYR 
_struct_mon_prot_cis.pdbx_auth_seq_id_2     189 
_struct_mon_prot_cis.pdbx_auth_asym_id_2    A 
_struct_mon_prot_cis.pdbx_PDB_model_num     1 
_struct_mon_prot_cis.pdbx_omega_angle       0.07 
# 
_struct_sheet.id               A 
_struct_sheet.type             ? 
_struct_sheet.number_strands   5 
_struct_sheet.details          ? 
# 
loop_
_struct_sheet_order.sheet_id 
_struct_sheet_order.range_id_1 
_struct_sheet_order.range_id_2 
_struct_sheet_order.offset 
_struct_sheet_order.sense 
A 1 2 ? parallel      
A 2 3 ? parallel      
A 3 4 ? parallel      
A 4 5 ? anti-parallel 
# 
loop_
_struct_sheet_range.sheet_id 
_struct_sheet_range.id 
_struct_sheet_range.beg_label_comp_id 
_struct_sheet_range.beg_label_asym_id 
_struct_sheet_range.beg_label_seq_id 
_struct_sheet_range.pdbx_beg_PDB_ins_code 
_struct_sheet_range.end_label_comp_id 
_struct_sheet_range.end_label_asym_id 
_struct_sheet_range.end_label_seq_id 
_struct_sheet_range.pdbx_end_PDB_ins_code 
_struct_sheet_range.beg_auth_comp_id 
_struct_sheet_range.beg_auth_asym_id 
_struct_sheet_range.beg_auth_seq_id 
_struct_sheet_range.end_auth_comp_id 
_struct_sheet_range.end_auth_asym_id 
_struct_sheet_range.end_auth_seq_id 
A 1 ILE A 48 ? ARG A 51 ? ILE A 127 ARG A 130 
A 2 ASN A 13 ? ILE A 18 ? ASN A 92  ILE A 97  
A 3 ILE A 59 ? TYR A 64 ? ILE A 138 TYR A 143 
A 4 ALA A 95 ? ASP A 98 ? ALA A 174 ASP A 177 
A 5 ALA A 82 ? ALA A 84 ? ALA A 161 ALA A 163 
# 
loop_
_pdbx_struct_sheet_hbond.sheet_id 
_pdbx_struct_sheet_hbond.range_id_1 
_pdbx_struct_sheet_hbond.range_id_2 
_pdbx_struct_sheet_hbond.range_1_label_atom_id 
_pdbx_struct_sheet_hbond.range_1_label_comp_id 
_pdbx_struct_sheet_hbond.range_1_label_asym_id 
_pdbx_struct_sheet_hbond.range_1_label_seq_id 
_pdbx_struct_sheet_hbond.range_1_PDB_ins_code 
_pdbx_struct_sheet_hbond.range_1_auth_atom_id 
_pdbx_struct_sheet_hbond.range_1_auth_comp_id 
_pdbx_struct_sheet_hbond.range_1_auth_asym_id 
_pdbx_struct_sheet_hbond.range_1_auth_seq_id 
_pdbx_struct_sheet_hbond.range_2_label_atom_id 
_pdbx_struct_sheet_hbond.range_2_label_comp_id 
_pdbx_struct_sheet_hbond.range_2_label_asym_id 
_pdbx_struct_sheet_hbond.range_2_label_seq_id 
_pdbx_struct_sheet_hbond.range_2_PDB_ins_code 
_pdbx_struct_sheet_hbond.range_2_auth_atom_id 
_pdbx_struct_sheet_hbond.range_2_auth_comp_id 
_pdbx_struct_sheet_hbond.range_2_auth_asym_id 
_pdbx_struct_sheet_hbond.range_2_auth_seq_id 
A 1 2 O THR A 50 ? O THR A 129 N LEU A 14 ? N LEU A 93  
A 2 3 N ARG A 17 ? N ARG A 96  O ILE A 61 ? O ILE A 140 
A 3 4 N ALA A 62 ? N ALA A 141 O PHE A 97 ? O PHE A 176 
A 4 5 O HIS A 96 ? O HIS A 175 N HIS A 83 ? N HIS A 162 
# 
loop_
_struct_site.id 
_struct_site.pdbx_evidence_code 
_struct_site.pdbx_auth_asym_id 
_struct_site.pdbx_auth_comp_id 
_struct_site.pdbx_auth_seq_id 
_struct_site.pdbx_auth_ins_code 
_struct_site.pdbx_num_residues 
_struct_site.details 
AC1 Software A CA  996 ? 6  'BINDING SITE FOR RESIDUE CA A 996'  
AC2 Software A CA  997 ? 6  'BINDING SITE FOR RESIDUE CA A 997'  
AC3 Software A ZN  998 ? 4  'BINDING SITE FOR RESIDUE ZN A 998'  
AC4 Software A ZN  999 ? 4  'BINDING SITE FOR RESIDUE ZN A 999'  
AC5 Software A FIN 994 ? 19 'BINDING SITE FOR RESIDUE FIN A 994' 
# 
loop_
_struct_site_gen.id 
_struct_site_gen.site_id 
_struct_site_gen.pdbx_num_res 
_struct_site_gen.label_comp_id 
_struct_site_gen.label_asym_id 
_struct_site_gen.label_seq_id 
_struct_site_gen.pdbx_auth_ins_code 
_struct_site_gen.auth_comp_id 
_struct_site_gen.auth_asym_id 
_struct_site_gen.auth_seq_id 
_struct_site_gen.label_atom_id 
_struct_site_gen.label_alt_id 
_struct_site_gen.symmetry 
_struct_site_gen.details 
1  AC1 6  ASP A 58  ? ASP A 137  . ? 1_555 ? 
2  AC1 6  GLY A 90  ? GLY A 169  . ? 1_555 ? 
3  AC1 6  GLY A 92  ? GLY A 171  . ? 1_555 ? 
4  AC1 6  ASP A 94  ? ASP A 173  . ? 1_555 ? 
5  AC1 6  HOH G .   ? HOH A 1060 . ? 1_555 ? 
6  AC1 6  HOH G .   ? HOH A 1101 . ? 1_555 ? 
7  AC2 6  ASP A 75  ? ASP A 154  . ? 1_555 ? 
8  AC2 6  GLY A 76  ? GLY A 155  . ? 1_555 ? 
9  AC2 6  ASN A 78  ? ASN A 157  . ? 1_555 ? 
10 AC2 6  ILE A 80  ? ILE A 159  . ? 1_555 ? 
11 AC2 6  ASP A 98  ? ASP A 177  . ? 1_555 ? 
12 AC2 6  GLU A 101 ? GLU A 180  . ? 1_555 ? 
13 AC3 4  HIS A 68  ? HIS A 147  . ? 1_555 ? 
14 AC3 4  ASP A 70  ? ASP A 149  . ? 1_555 ? 
15 AC3 4  HIS A 83  ? HIS A 162  . ? 1_555 ? 
16 AC3 4  HIS A 96  ? HIS A 175  . ? 1_555 ? 
17 AC4 4  HIS A 118 ? HIS A 197  . ? 1_555 ? 
18 AC4 4  HIS A 122 ? HIS A 201  . ? 1_555 ? 
19 AC4 4  HIS A 128 ? HIS A 207  . ? 1_555 ? 
20 AC4 4  FIN F .   ? FIN A 994  . ? 1_555 ? 
21 AC5 19 ILE A 80  ? ILE A 159  . ? 1_555 ? 
22 AC5 19 LEU A 81  ? LEU A 160  . ? 1_555 ? 
23 AC5 19 ALA A 82  ? ALA A 161  . ? 1_555 ? 
24 AC5 19 HIS A 83  ? HIS A 162  . ? 1_555 ? 
25 AC5 19 LEU A 114 ? LEU A 193  . ? 1_555 ? 
26 AC5 19 HIS A 118 ? HIS A 197  . ? 1_555 ? 
27 AC5 19 GLU A 119 ? GLU A 198  . ? 1_555 ? 
28 AC5 19 HIS A 122 ? HIS A 201  . ? 1_555 ? 
29 AC5 19 HIS A 128 ? HIS A 207  . ? 1_555 ? 
30 AC5 19 LEU A 135 ? LEU A 214  . ? 1_555 ? 
31 AC5 19 TYR A 137 ? TYR A 216  . ? 1_555 ? 
32 AC5 19 PRO A 138 ? PRO A 217  . ? 1_555 ? 
33 AC5 19 ASN A 139 ? ASN A 218  . ? 1_555 ? 
34 AC5 19 TYR A 140 ? TYR A 219  . ? 1_555 ? 
35 AC5 19 ZN  E .   ? ZN  A 999  . ? 1_555 ? 
36 AC5 19 HOH G .   ? HOH A 1008 . ? 1_555 ? 
37 AC5 19 HOH G .   ? HOH A 1026 . ? 1_555 ? 
38 AC5 19 HOH G .   ? HOH A 1053 . ? 1_555 ? 
39 AC5 19 HOH G .   ? HOH A 1114 . ? 1_555 ? 
# 
_atom_sites.entry_id                    1ZVX 
_atom_sites.fract_transf_matrix[1][1]   0.02876207 
_atom_sites.fract_transf_matrix[1][2]   -0.00567226 
_atom_sites.fract_transf_matrix[1][3]   0.00868329 
_atom_sites.fract_transf_matrix[2][1]   0.00332973 
_atom_sites.fract_transf_matrix[2][2]   -0.00784486 
_atom_sites.fract_transf_matrix[2][3]   -0.01615378 
_atom_sites.fract_transf_matrix[3][1]   0.00418148 
_atom_sites.fract_transf_matrix[3][2]   0.01291840 
_atom_sites.fract_transf_matrix[3][3]   -0.00541173 
_atom_sites.fract_transf_vector[1]      0.217744 
_atom_sites.fract_transf_vector[2]      0.448795 
_atom_sites.fract_transf_vector[3]      0.126846 
# 
loop_
_atom_type.symbol 
C  
CA 
N  
O  
P  
S  
ZN 
# 
loop_
_atom_site.group_PDB 
_atom_site.id 
_atom_site.type_symbol 
_atom_site.label_atom_id 
_atom_site.label_alt_id 
_atom_site.label_comp_id 
_atom_site.label_asym_id 
_atom_site.label_entity_id 
_atom_site.label_seq_id 
_atom_site.pdbx_PDB_ins_code 
_atom_site.Cartn_x 
_atom_site.Cartn_y 
_atom_site.Cartn_z 
_atom_site.occupancy 
_atom_site.B_iso_or_equiv 
_atom_site.pdbx_formal_charge 
_atom_site.auth_seq_id 
_atom_site.auth_comp_id 
_atom_site.auth_asym_id 
_atom_site.auth_atom_id 
_atom_site.pdbx_PDB_model_num 
ATOM   1    N  N   . MET A 1 1   ? -7.514  -13.236 -8.678  1.00 58.46 ? 80   MET A N   1 
ATOM   2    C  CA  . MET A 1 1   ? -7.139  -12.165 -7.710  1.00 58.38 ? 80   MET A CA  1 
ATOM   3    C  C   . MET A 1 1   ? -5.704  -11.706 -7.955  1.00 58.84 ? 80   MET A C   1 
ATOM   4    O  O   . MET A 1 1   ? -5.077  -11.098 -7.086  1.00 58.38 ? 80   MET A O   1 
ATOM   5    C  CB  . MET A 1 1   ? -7.283  -12.681 -6.272  1.00 57.64 ? 80   MET A CB  1 
ATOM   6    C  CG  . MET A 1 1   ? -8.683  -13.177 -5.925  1.00 56.19 ? 80   MET A CG  1 
ATOM   7    S  SD  . MET A 1 1   ? -8.868  -13.689 -4.201  1.00 54.67 ? 80   MET A SD  1 
ATOM   8    C  CE  . MET A 1 1   ? -8.546  -15.451 -4.321  1.00 53.73 ? 80   MET A CE  1 
ATOM   9    N  N   . LEU A 1 2   ? -5.193  -12.003 -9.150  1.00 59.46 ? 81   LEU A N   1 
ATOM   10   C  CA  . LEU A 1 2   ? -3.832  -11.631 -9.528  1.00 59.62 ? 81   LEU A CA  1 
ATOM   11   C  C   . LEU A 1 2   ? -3.809  -10.718 -10.757 1.00 59.66 ? 81   LEU A C   1 
ATOM   12   O  O   . LEU A 1 2   ? -4.251  -11.105 -11.840 1.00 59.46 ? 81   LEU A O   1 
ATOM   13   C  CB  . LEU A 1 2   ? -2.996  -12.890 -9.800  1.00 59.26 ? 81   LEU A CB  1 
ATOM   14   C  CG  . LEU A 1 2   ? -2.667  -13.807 -8.614  1.00 59.34 ? 81   LEU A CG  1 
ATOM   15   C  CD1 . LEU A 1 2   ? -3.941  -14.329 -7.969  1.00 59.41 ? 81   LEU A CD1 1 
ATOM   16   C  CD2 . LEU A 1 2   ? -1.813  -14.968 -9.101  1.00 59.55 ? 81   LEU A CD2 1 
ATOM   17   N  N   . THR A 1 3   ? -3.288  -9.508  -10.565 1.00 60.21 ? 82   THR A N   1 
ATOM   18   C  CA  . THR A 1 3   ? -3.175  -8.483  -11.608 1.00 60.37 ? 82   THR A CA  1 
ATOM   19   C  C   . THR A 1 3   ? -3.036  -9.035  -13.031 1.00 60.74 ? 82   THR A C   1 
ATOM   20   O  O   . THR A 1 3   ? -2.384  -10.059 -13.249 1.00 61.02 ? 82   THR A O   1 
ATOM   21   C  CB  . THR A 1 3   ? -1.970  -7.550  -11.304 1.00 60.28 ? 82   THR A CB  1 
ATOM   22   O  OG1 . THR A 1 3   ? -2.248  -6.787  -10.124 1.00 60.34 ? 82   THR A OG1 1 
ATOM   23   C  CG2 . THR A 1 3   ? -1.696  -6.602  -12.463 1.00 60.06 ? 82   THR A CG2 1 
ATOM   24   N  N   . PRO A 1 4   ? -3.655  -8.357  -14.020 1.00 60.49 ? 83   PRO A N   1 
ATOM   25   C  CA  . PRO A 1 4   ? -3.594  -8.783  -15.424 1.00 59.90 ? 83   PRO A CA  1 
ATOM   26   C  C   . PRO A 1 4   ? -2.160  -8.913  -15.935 1.00 59.64 ? 83   PRO A C   1 
ATOM   27   O  O   . PRO A 1 4   ? -1.400  -7.941  -15.944 1.00 59.72 ? 83   PRO A O   1 
ATOM   28   C  CB  . PRO A 1 4   ? -4.385  -7.694  -16.152 1.00 60.01 ? 83   PRO A CB  1 
ATOM   29   C  CG  . PRO A 1 4   ? -4.214  -6.492  -15.265 1.00 59.98 ? 83   PRO A CG  1 
ATOM   30   C  CD  . PRO A 1 4   ? -4.408  -7.097  -13.900 1.00 60.08 ? 83   PRO A CD  1 
ATOM   31   N  N   . GLY A 1 5   ? -1.804  -10.119 -16.367 1.00 59.06 ? 84   GLY A N   1 
ATOM   32   C  CA  . GLY A 1 5   ? -0.460  -10.374 -16.852 1.00 57.05 ? 84   GLY A CA  1 
ATOM   33   C  C   . GLY A 1 5   ? 0.328   -11.049 -15.746 1.00 55.61 ? 84   GLY A C   1 
ATOM   34   O  O   . GLY A 1 5   ? 1.426   -11.561 -15.962 1.00 55.47 ? 84   GLY A O   1 
ATOM   35   N  N   . ASN A 1 6   ? -0.256  -11.042 -14.550 1.00 53.99 ? 85   ASN A N   1 
ATOM   36   C  CA  . ASN A 1 6   ? 0.347   -11.643 -13.366 1.00 51.10 ? 85   ASN A CA  1 
ATOM   37   C  C   . ASN A 1 6   ? 1.753   -11.106 -13.081 1.00 48.36 ? 85   ASN A C   1 
ATOM   38   O  O   . ASN A 1 6   ? 2.659   -11.869 -12.737 1.00 48.29 ? 85   ASN A O   1 
ATOM   39   C  CB  . ASN A 1 6   ? 0.394   -13.164 -13.528 1.00 52.45 ? 85   ASN A CB  1 
ATOM   40   C  CG  . ASN A 1 6   ? -0.965  -13.756 -13.867 1.00 53.76 ? 85   ASN A CG  1 
ATOM   41   O  OD1 . ASN A 1 6   ? -1.917  -13.650 -13.090 1.00 53.69 ? 85   ASN A OD1 1 
ATOM   42   N  ND2 . ASN A 1 6   ? -1.060  -14.383 -15.036 1.00 54.64 ? 85   ASN A ND2 1 
ATOM   43   N  N   . PRO A 1 7   ? 1.951   -9.783  -13.212 1.00 44.90 ? 86   PRO A N   1 
ATOM   44   C  CA  . PRO A 1 7   ? 3.269   -9.195  -12.958 1.00 42.07 ? 86   PRO A CA  1 
ATOM   45   C  C   . PRO A 1 7   ? 3.669   -9.261  -11.487 1.00 38.37 ? 86   PRO A C   1 
ATOM   46   O  O   . PRO A 1 7   ? 2.838   -9.078  -10.599 1.00 38.36 ? 86   PRO A O   1 
ATOM   47   C  CB  . PRO A 1 7   ? 3.100   -7.762  -13.448 1.00 42.81 ? 86   PRO A CB  1 
ATOM   48   C  CG  . PRO A 1 7   ? 1.683   -7.475  -13.100 1.00 43.55 ? 86   PRO A CG  1 
ATOM   49   C  CD  . PRO A 1 7   ? 0.979   -8.733  -13.562 1.00 44.40 ? 86   PRO A CD  1 
ATOM   50   N  N   . LYS A 1 8   ? 4.946   -9.523  -11.233 1.00 34.64 ? 87   LYS A N   1 
ATOM   51   C  CA  . LYS A 1 8   ? 5.438   -9.604  -9.866  1.00 30.98 ? 87   LYS A CA  1 
ATOM   52   C  C   . LYS A 1 8   ? 6.927   -9.303  -9.800  1.00 28.54 ? 87   LYS A C   1 
ATOM   53   O  O   . LYS A 1 8   ? 7.615   -9.286  -10.823 1.00 25.69 ? 87   LYS A O   1 
ATOM   54   C  CB  . LYS A 1 8   ? 5.193   -10.999 -9.297  1.00 32.32 ? 87   LYS A CB  1 
ATOM   55   C  CG  . LYS A 1 8   ? 6.136   -12.061 -9.837  1.00 33.80 ? 87   LYS A CG  1 
ATOM   56   C  CD  . LYS A 1 8   ? 6.001   -13.353 -9.050  1.00 36.13 ? 87   LYS A CD  1 
ATOM   57   C  CE  . LYS A 1 8   ? 7.024   -14.391 -9.485  1.00 35.67 ? 87   LYS A CE  1 
ATOM   58   N  NZ  . LYS A 1 8   ? 6.905   -15.641 -8.676  1.00 36.60 ? 87   LYS A NZ  1 
ATOM   59   N  N   . TRP A 1 9   ? 7.419   -9.074  -8.585  1.00 25.19 ? 88   TRP A N   1 
ATOM   60   C  CA  . TRP A 1 9   ? 8.827   -8.785  -8.371  1.00 22.62 ? 88   TRP A CA  1 
ATOM   61   C  C   . TRP A 1 9   ? 9.687   -10.028 -8.563  1.00 24.16 ? 88   TRP A C   1 
ATOM   62   O  O   . TRP A 1 9   ? 9.332   -11.113 -8.109  1.00 23.54 ? 88   TRP A O   1 
ATOM   63   C  CB  . TRP A 1 9   ? 9.042   -8.232  -6.967  1.00 20.68 ? 88   TRP A CB  1 
ATOM   64   C  CG  . TRP A 1 9   ? 8.341   -6.945  -6.761  1.00 19.06 ? 88   TRP A CG  1 
ATOM   65   C  CD1 . TRP A 1 9   ? 7.090   -6.761  -6.243  1.00 19.07 ? 88   TRP A CD1 1 
ATOM   66   C  CD2 . TRP A 1 9   ? 8.820   -5.653  -7.131  1.00 17.88 ? 88   TRP A CD2 1 
ATOM   67   N  NE1 . TRP A 1 9   ? 6.761   -5.427  -6.269  1.00 17.56 ? 88   TRP A NE1 1 
ATOM   68   C  CE2 . TRP A 1 9   ? 7.806   -4.725  -6.809  1.00 18.22 ? 88   TRP A CE2 1 
ATOM   69   C  CE3 . TRP A 1 9   ? 10.011  -5.187  -7.704  1.00 19.90 ? 88   TRP A CE3 1 
ATOM   70   C  CZ2 . TRP A 1 9   ? 7.945   -3.354  -7.045  1.00 17.84 ? 88   TRP A CZ2 1 
ATOM   71   C  CZ3 . TRP A 1 9   ? 10.147  -3.820  -7.940  1.00 20.09 ? 88   TRP A CZ3 1 
ATOM   72   C  CH2 . TRP A 1 9   ? 9.117   -2.923  -7.608  1.00 18.07 ? 88   TRP A CH2 1 
ATOM   73   N  N   . GLU A 1 10  ? 10.822  -9.849  -9.235  1.00 25.15 ? 89   GLU A N   1 
ATOM   74   C  CA  . GLU A 1 10  ? 11.752  -10.935 -9.507  1.00 27.59 ? 89   GLU A CA  1 
ATOM   75   C  C   . GLU A 1 10  ? 12.596  -11.211 -8.265  1.00 27.77 ? 89   GLU A C   1 
ATOM   76   O  O   . GLU A 1 10  ? 13.418  -12.126 -8.257  1.00 26.29 ? 89   GLU A O   1 
ATOM   77   C  CB  . GLU A 1 10  ? 12.678  -10.561 -10.667 1.00 30.04 ? 89   GLU A CB  1 
ATOM   78   C  CG  . GLU A 1 10  ? 11.994  -9.953  -11.890 1.00 35.90 ? 89   GLU A CG  1 
ATOM   79   C  CD  . GLU A 1 10  ? 11.231  -10.964 -12.718 1.00 37.87 ? 89   GLU A CD  1 
ATOM   80   O  OE1 . GLU A 1 10  ? 11.838  -11.975 -13.135 1.00 39.67 ? 89   GLU A OE1 1 
ATOM   81   O  OE2 . GLU A 1 10  ? 10.026  -10.743 -12.963 1.00 40.90 ? 89   GLU A OE2 1 
ATOM   82   N  N   . ARG A 1 11  ? 12.403  -10.404 -7.225  1.00 26.56 ? 90   ARG A N   1 
ATOM   83   C  CA  . ARG A 1 11  ? 13.145  -10.570 -5.982  1.00 27.13 ? 90   ARG A CA  1 
ATOM   84   C  C   . ARG A 1 11  ? 12.258  -10.387 -4.753  1.00 26.24 ? 90   ARG A C   1 
ATOM   85   O  O   . ARG A 1 11  ? 11.257  -9.673  -4.799  1.00 26.02 ? 90   ARG A O   1 
ATOM   86   C  CB  . ARG A 1 11  ? 14.327  -9.597  -5.938  1.00 29.47 ? 90   ARG A CB  1 
ATOM   87   C  CG  . ARG A 1 11  ? 14.014  -8.193  -6.422  1.00 31.78 ? 90   ARG A CG  1 
ATOM   88   C  CD  . ARG A 1 11  ? 15.304  -7.412  -6.644  1.00 33.83 ? 90   ARG A CD  1 
ATOM   89   N  NE  . ARG A 1 11  ? 15.296  -6.690  -7.914  1.00 37.14 ? 90   ARG A NE  1 
ATOM   90   C  CZ  . ARG A 1 11  ? 14.688  -5.526  -8.125  1.00 37.39 ? 90   ARG A CZ  1 
ATOM   91   N  NH1 . ARG A 1 11  ? 14.739  -4.961  -9.325  1.00 38.47 ? 90   ARG A NH1 1 
ATOM   92   N  NH2 . ARG A 1 11  ? 14.047  -4.915  -7.138  1.00 34.97 ? 90   ARG A NH2 1 
ATOM   93   N  N   . THR A 1 12  ? 12.642  -11.033 -3.657  1.00 25.82 ? 91   THR A N   1 
ATOM   94   C  CA  . THR A 1 12  ? 11.880  -10.978 -2.416  1.00 23.94 ? 91   THR A CA  1 
ATOM   95   C  C   . THR A 1 12  ? 12.341  -9.909  -1.427  1.00 22.73 ? 91   THR A C   1 
ATOM   96   O  O   . THR A 1 12  ? 11.594  -9.553  -0.515  1.00 21.17 ? 91   THR A O   1 
ATOM   97   C  CB  . THR A 1 12  ? 11.904  -12.333 -1.711  1.00 25.15 ? 91   THR A CB  1 
ATOM   98   O  OG1 . THR A 1 12  ? 13.259  -12.682 -1.401  1.00 26.39 ? 91   THR A OG1 1 
ATOM   99   C  CG2 . THR A 1 12  ? 11.305  -13.404 -2.612  1.00 27.17 ? 91   THR A CG2 1 
ATOM   100  N  N   . ASN A 1 13  ? 13.568  -9.418  -1.580  1.00 20.49 ? 92   ASN A N   1 
ATOM   101  C  CA  . ASN A 1 13  ? 14.063  -8.361  -0.699  1.00 19.77 ? 92   ASN A CA  1 
ATOM   102  C  C   . ASN A 1 13  ? 13.882  -7.063  -1.471  1.00 19.37 ? 92   ASN A C   1 
ATOM   103  O  O   . ASN A 1 13  ? 14.666  -6.744  -2.363  1.00 18.92 ? 92   ASN A O   1 
ATOM   104  C  CB  . ASN A 1 13  ? 15.543  -8.550  -0.349  1.00 19.64 ? 92   ASN A CB  1 
ATOM   105  C  CG  . ASN A 1 13  ? 16.041  -7.521  0.670   1.00 20.37 ? 92   ASN A CG  1 
ATOM   106  O  OD1 . ASN A 1 13  ? 17.240  -7.382  0.890   1.00 20.36 ? 92   ASN A OD1 1 
ATOM   107  N  ND2 . ASN A 1 13  ? 15.115  -6.802  1.297   1.00 20.11 ? 92   ASN A ND2 1 
ATOM   108  N  N   . LEU A 1 14  ? 12.833  -6.326  -1.130  1.00 16.71 ? 93   LEU A N   1 
ATOM   109  C  CA  . LEU A 1 14  ? 12.527  -5.081  -1.807  1.00 15.32 ? 93   LEU A CA  1 
ATOM   110  C  C   . LEU A 1 14  ? 12.702  -3.901  -0.870  1.00 16.03 ? 93   LEU A C   1 
ATOM   111  O  O   . LEU A 1 14  ? 12.445  -4.012  0.334   1.00 14.17 ? 93   LEU A O   1 
ATOM   112  C  CB  . LEU A 1 14  ? 11.084  -5.111  -2.311  1.00 16.34 ? 93   LEU A CB  1 
ATOM   113  C  CG  . LEU A 1 14  ? 10.701  -6.266  -3.238  1.00 15.96 ? 93   LEU A CG  1 
ATOM   114  C  CD1 . LEU A 1 14  ? 9.199   -6.249  -3.497  1.00 17.21 ? 93   LEU A CD1 1 
ATOM   115  C  CD2 . LEU A 1 14  ? 11.484  -6.149  -4.541  1.00 15.66 ? 93   LEU A CD2 1 
ATOM   116  N  N   . THR A 1 15  ? 13.145  -2.778  -1.431  1.00 15.62 ? 94   THR A N   1 
ATOM   117  C  CA  . THR A 1 15  ? 13.334  -1.559  -0.659  1.00 15.88 ? 94   THR A CA  1 
ATOM   118  C  C   . THR A 1 15  ? 12.163  -0.619  -0.880  1.00 15.84 ? 94   THR A C   1 
ATOM   119  O  O   . THR A 1 15  ? 11.496  -0.653  -1.920  1.00 13.24 ? 94   THR A O   1 
ATOM   120  C  CB  . THR A 1 15  ? 14.625  -0.798  -1.060  1.00 17.22 ? 94   THR A CB  1 
ATOM   121  O  OG1 . THR A 1 15  ? 14.573  -0.463  -2.452  1.00 16.91 ? 94   THR A OG1 1 
ATOM   122  C  CG2 . THR A 1 15  ? 15.858  -1.641  -0.775  1.00 15.79 ? 94   THR A CG2 1 
ATOM   123  N  N   . TYR A 1 16  ? 11.908  0.217   0.116   1.00 15.00 ? 95   TYR A N   1 
ATOM   124  C  CA  . TYR A 1 16  ? 10.844  1.189   0.014   1.00 14.26 ? 95   TYR A CA  1 
ATOM   125  C  C   . TYR A 1 16  ? 11.370  2.491   0.570   1.00 13.02 ? 95   TYR A C   1 
ATOM   126  O  O   . TYR A 1 16  ? 12.346  2.504   1.325   1.00 13.18 ? 95   TYR A O   1 
ATOM   127  C  CB  . TYR A 1 16  ? 9.596   0.723   0.776   1.00 14.45 ? 95   TYR A CB  1 
ATOM   128  C  CG  . TYR A 1 16  ? 9.683   0.759   2.290   1.00 16.57 ? 95   TYR A CG  1 
ATOM   129  C  CD1 . TYR A 1 16  ? 9.322   1.903   3.002   1.00 15.46 ? 95   TYR A CD1 1 
ATOM   130  C  CD2 . TYR A 1 16  ? 10.076  -0.369  3.011   1.00 15.27 ? 95   TYR A CD2 1 
ATOM   131  C  CE1 . TYR A 1 16  ? 9.343   1.921   4.397   1.00 17.18 ? 95   TYR A CE1 1 
ATOM   132  C  CE2 . TYR A 1 16  ? 10.104  -0.361  4.403   1.00 15.52 ? 95   TYR A CE2 1 
ATOM   133  C  CZ  . TYR A 1 16  ? 9.734   0.785   5.089   1.00 16.12 ? 95   TYR A CZ  1 
ATOM   134  O  OH  . TYR A 1 16  ? 9.749   0.791   6.464   1.00 16.34 ? 95   TYR A OH  1 
ATOM   135  N  N   . ARG A 1 17  ? 10.747  3.590   0.167   1.00 13.91 ? 96   ARG A N   1 
ATOM   136  C  CA  . ARG A 1 17  ? 11.152  4.893   0.653   1.00 15.40 ? 96   ARG A CA  1 
ATOM   137  C  C   . ARG A 1 17  ? 9.968   5.834   0.727   1.00 14.57 ? 96   ARG A C   1 
ATOM   138  O  O   . ARG A 1 17  ? 9.200   5.965   -0.223  1.00 13.63 ? 96   ARG A O   1 
ATOM   139  C  CB  . ARG A 1 17  ? 12.232  5.496   -0.248  1.00 17.69 ? 96   ARG A CB  1 
ATOM   140  C  CG  . ARG A 1 17  ? 13.261  6.293   0.541   1.00 25.07 ? 96   ARG A CG  1 
ATOM   141  C  CD  . ARG A 1 17  ? 13.186  7.782   0.296   1.00 27.57 ? 96   ARG A CD  1 
ATOM   142  N  NE  . ARG A 1 17  ? 13.876  8.160   -0.930  1.00 31.92 ? 96   ARG A NE  1 
ATOM   143  C  CZ  . ARG A 1 17  ? 14.131  9.416   -1.280  1.00 31.69 ? 96   ARG A CZ  1 
ATOM   144  N  NH1 . ARG A 1 17  ? 14.765  9.674   -2.416  1.00 33.26 ? 96   ARG A NH1 1 
ATOM   145  N  NH2 . ARG A 1 17  ? 13.755  10.410  -0.490  1.00 33.33 ? 96   ARG A NH2 1 
ATOM   146  N  N   . ILE A 1 18  ? 9.809   6.472   1.878   1.00 12.24 ? 97   ILE A N   1 
ATOM   147  C  CA  . ILE A 1 18  ? 8.733   7.426   2.058   1.00 13.59 ? 97   ILE A CA  1 
ATOM   148  C  C   . ILE A 1 18  ? 9.360   8.752   1.637   1.00 13.05 ? 97   ILE A C   1 
ATOM   149  O  O   . ILE A 1 18  ? 10.254  9.271   2.307   1.00 11.51 ? 97   ILE A O   1 
ATOM   150  C  CB  . ILE A 1 18  ? 8.272   7.467   3.534   1.00 13.92 ? 97   ILE A CB  1 
ATOM   151  C  CG1 . ILE A 1 18  ? 7.748   6.080   3.934   1.00 17.43 ? 97   ILE A CG1 1 
ATOM   152  C  CG2 . ILE A 1 18  ? 7.180   8.515   3.711   1.00 13.98 ? 97   ILE A CG2 1 
ATOM   153  C  CD1 . ILE A 1 18  ? 7.317   5.956   5.382   1.00 17.58 ? 97   ILE A CD1 1 
ATOM   154  N  N   . ARG A 1 19  ? 8.896   9.283   0.513   1.00 12.32 ? 98   ARG A N   1 
ATOM   155  C  CA  . ARG A 1 19  ? 9.441   10.513  -0.043  1.00 14.33 ? 98   ARG A CA  1 
ATOM   156  C  C   . ARG A 1 19  ? 9.031   11.774  0.693   1.00 14.02 ? 98   ARG A C   1 
ATOM   157  O  O   . ARG A 1 19  ? 9.847   12.668  0.890   1.00 15.00 ? 98   ARG A O   1 
ATOM   158  C  CB  . ARG A 1 19  ? 9.064   10.618  -1.520  1.00 14.91 ? 98   ARG A CB  1 
ATOM   159  C  CG  . ARG A 1 19  ? 9.537   9.423   -2.343  1.00 20.17 ? 98   ARG A CG  1 
ATOM   160  C  CD  . ARG A 1 19  ? 9.425   9.702   -3.838  1.00 20.82 ? 98   ARG A CD  1 
ATOM   161  N  NE  . ARG A 1 19  ? 10.279  10.815  -4.249  1.00 22.07 ? 98   ARG A NE  1 
ATOM   162  C  CZ  . ARG A 1 19  ? 11.599  10.740  -4.405  1.00 25.08 ? 98   ARG A CZ  1 
ATOM   163  N  NH1 . ARG A 1 19  ? 12.283  11.813  -4.776  1.00 27.67 ? 98   ARG A NH1 1 
ATOM   164  N  NH2 . ARG A 1 19  ? 12.237  9.597   -4.205  1.00 27.16 ? 98   ARG A NH2 1 
ATOM   165  N  N   . ASN A 1 20  ? 7.770   11.849  1.091   1.00 13.23 ? 99   ASN A N   1 
ATOM   166  C  CA  . ASN A 1 20  ? 7.282   13.007  1.821   1.00 13.45 ? 99   ASN A CA  1 
ATOM   167  C  C   . ASN A 1 20  ? 6.256   12.562  2.842   1.00 13.38 ? 99   ASN A C   1 
ATOM   168  O  O   . ASN A 1 20  ? 5.970   11.374  2.968   1.00 14.20 ? 99   ASN A O   1 
ATOM   169  C  CB  . ASN A 1 20  ? 6.672   14.049  0.875   1.00 13.89 ? 99   ASN A CB  1 
ATOM   170  C  CG  . ASN A 1 20  ? 5.544   13.491  0.037   1.00 9.01  ? 99   ASN A CG  1 
ATOM   171  O  OD1 . ASN A 1 20  ? 4.960   12.464  0.364   1.00 11.51 ? 99   ASN A OD1 1 
ATOM   172  N  ND2 . ASN A 1 20  ? 5.215   14.185  -1.046  1.00 14.72 ? 99   ASN A ND2 1 
ATOM   173  N  N   . TYR A 1 21  ? 5.695   13.516  3.572   1.00 14.64 ? 100  TYR A N   1 
ATOM   174  C  CA  . TYR A 1 21  ? 4.730   13.176  4.605   1.00 14.69 ? 100  TYR A CA  1 
ATOM   175  C  C   . TYR A 1 21  ? 3.471   14.024  4.562   1.00 15.60 ? 100  TYR A C   1 
ATOM   176  O  O   . TYR A 1 21  ? 3.412   15.036  3.875   1.00 16.84 ? 100  TYR A O   1 
ATOM   177  C  CB  . TYR A 1 21  ? 5.395   13.305  5.978   1.00 15.85 ? 100  TYR A CB  1 
ATOM   178  C  CG  . TYR A 1 21  ? 6.625   12.438  6.139   1.00 15.76 ? 100  TYR A CG  1 
ATOM   179  C  CD1 . TYR A 1 21  ? 7.858   12.835  5.618   1.00 14.67 ? 100  TYR A CD1 1 
ATOM   180  C  CD2 . TYR A 1 21  ? 6.549   11.206  6.784   1.00 16.00 ? 100  TYR A CD2 1 
ATOM   181  C  CE1 . TYR A 1 21  ? 8.982   12.026  5.735   1.00 17.38 ? 100  TYR A CE1 1 
ATOM   182  C  CE2 . TYR A 1 21  ? 7.667   10.386  6.907   1.00 16.78 ? 100  TYR A CE2 1 
ATOM   183  C  CZ  . TYR A 1 21  ? 8.880   10.801  6.380   1.00 17.64 ? 100  TYR A CZ  1 
ATOM   184  O  OH  . TYR A 1 21  ? 9.984   9.990   6.492   1.00 18.99 ? 100  TYR A OH  1 
ATOM   185  N  N   . THR A 1 22  ? 2.465   13.596  5.311   1.00 15.80 ? 101  THR A N   1 
ATOM   186  C  CA  . THR A 1 22  ? 1.202   14.304  5.377   1.00 16.48 ? 101  THR A CA  1 
ATOM   187  C  C   . THR A 1 22  ? 1.116   15.080  6.684   1.00 16.84 ? 101  THR A C   1 
ATOM   188  O  O   . THR A 1 22  ? 1.575   14.613  7.722   1.00 16.36 ? 101  THR A O   1 
ATOM   189  C  CB  . THR A 1 22  ? 0.021   13.329  5.311   1.00 17.12 ? 101  THR A CB  1 
ATOM   190  O  OG1 . THR A 1 22  ? -1.172  13.995  5.740   1.00 16.86 ? 101  THR A OG1 1 
ATOM   191  C  CG2 . THR A 1 22  ? 0.273   12.126  6.207   1.00 19.34 ? 101  THR A CG2 1 
ATOM   192  N  N   . PRO A 1 23  ? 0.529   16.281  6.644   1.00 17.63 ? 102  PRO A N   1 
ATOM   193  C  CA  . PRO A 1 23  ? 0.380   17.125  7.835   1.00 18.88 ? 102  PRO A CA  1 
ATOM   194  C  C   . PRO A 1 23  ? -0.587  16.495  8.836   1.00 19.14 ? 102  PRO A C   1 
ATOM   195  O  O   . PRO A 1 23  ? -0.681  16.927  9.987   1.00 18.96 ? 102  PRO A O   1 
ATOM   196  C  CB  . PRO A 1 23  ? -0.183  18.429  7.269   1.00 18.99 ? 102  PRO A CB  1 
ATOM   197  C  CG  . PRO A 1 23  ? 0.275   18.430  5.840   1.00 20.65 ? 102  PRO A CG  1 
ATOM   198  C  CD  . PRO A 1 23  ? 0.087   16.997  5.436   1.00 18.00 ? 102  PRO A CD  1 
ATOM   199  N  N   . GLN A 1 24  ? -1.300  15.469  8.385   1.00 16.82 ? 103  GLN A N   1 
ATOM   200  C  CA  . GLN A 1 24  ? -2.298  14.790  9.208   1.00 19.63 ? 103  GLN A CA  1 
ATOM   201  C  C   . GLN A 1 24  ? -1.743  13.879  10.294  1.00 18.84 ? 103  GLN A C   1 
ATOM   202  O  O   . GLN A 1 24  ? -2.436  13.559  11.255  1.00 19.49 ? 103  GLN A O   1 
ATOM   203  C  CB  . GLN A 1 24  ? -3.236  13.981  8.310   1.00 21.68 ? 103  GLN A CB  1 
ATOM   204  C  CG  . GLN A 1 24  ? -4.704  14.268  8.543   1.00 27.68 ? 103  GLN A CG  1 
ATOM   205  C  CD  . GLN A 1 24  ? -5.078  15.688  8.173   1.00 30.47 ? 103  GLN A CD  1 
ATOM   206  O  OE1 . GLN A 1 24  ? -4.999  16.075  7.005   1.00 32.55 ? 103  GLN A OE1 1 
ATOM   207  N  NE2 . GLN A 1 24  ? -5.488  16.475  9.166   1.00 28.54 ? 103  GLN A NE2 1 
ATOM   208  N  N   . LEU A 1 25  ? -0.494  13.461  10.137  1.00 17.51 ? 104  LEU A N   1 
ATOM   209  C  CA  . LEU A 1 25  ? 0.153   12.566  11.094  1.00 17.45 ? 104  LEU A CA  1 
ATOM   210  C  C   . LEU A 1 25  ? 1.588   13.004  11.301  1.00 17.08 ? 104  LEU A C   1 
ATOM   211  O  O   . LEU A 1 25  ? 2.119   13.781  10.512  1.00 17.90 ? 104  LEU A O   1 
ATOM   212  C  CB  . LEU A 1 25  ? 0.151   11.134  10.550  1.00 17.18 ? 104  LEU A CB  1 
ATOM   213  C  CG  . LEU A 1 25  ? -1.186  10.399  10.480  1.00 15.51 ? 104  LEU A CG  1 
ATOM   214  C  CD1 . LEU A 1 25  ? -1.064  9.173   9.590   1.00 15.89 ? 104  LEU A CD1 1 
ATOM   215  C  CD2 . LEU A 1 25  ? -1.608  10.008  11.892  1.00 14.35 ? 104  LEU A CD2 1 
ATOM   216  N  N   . SER A 1 26  ? 2.222   12.522  12.366  1.00 16.78 ? 105  SER A N   1 
ATOM   217  C  CA  . SER A 1 26  ? 3.614   12.878  12.591  1.00 16.86 ? 105  SER A CA  1 
ATOM   218  C  C   . SER A 1 26  ? 4.355   12.012  11.585  1.00 17.16 ? 105  SER A C   1 
ATOM   219  O  O   . SER A 1 26  ? 3.794   11.040  11.080  1.00 15.79 ? 105  SER A O   1 
ATOM   220  C  CB  . SER A 1 26  ? 4.058   12.528  14.013  1.00 17.35 ? 105  SER A CB  1 
ATOM   221  O  OG  . SER A 1 26  ? 4.263   11.133  14.154  1.00 17.31 ? 105  SER A OG  1 
ATOM   222  N  N   . GLU A 1 27  ? 5.599   12.364  11.285  1.00 16.21 ? 106  GLU A N   1 
ATOM   223  C  CA  . GLU A 1 27  ? 6.384   11.602  10.324  1.00 18.14 ? 106  GLU A CA  1 
ATOM   224  C  C   . GLU A 1 27  ? 6.614   10.182  10.835  1.00 16.08 ? 106  GLU A C   1 
ATOM   225  O  O   . GLU A 1 27  ? 6.628   9.224   10.057  1.00 13.57 ? 106  GLU A O   1 
ATOM   226  C  CB  . GLU A 1 27  ? 7.718   12.307  10.077  1.00 21.30 ? 106  GLU A CB  1 
ATOM   227  C  CG  . GLU A 1 27  ? 7.568   13.808  9.860   1.00 29.56 ? 106  GLU A CG  1 
ATOM   228  C  CD  . GLU A 1 27  ? 8.867   14.486  9.486   1.00 33.70 ? 106  GLU A CD  1 
ATOM   229  O  OE1 . GLU A 1 27  ? 9.365   14.244  8.363   1.00 34.96 ? 106  GLU A OE1 1 
ATOM   230  O  OE2 . GLU A 1 27  ? 9.395   15.258  10.318  1.00 36.56 ? 106  GLU A OE2 1 
ATOM   231  N  N   . ALA A 1 28  ? 6.788   10.050  12.146  1.00 12.09 ? 107  ALA A N   1 
ATOM   232  C  CA  . ALA A 1 28  ? 7.016   8.746   12.758  1.00 13.61 ? 107  ALA A CA  1 
ATOM   233  C  C   . ALA A 1 28  ? 5.779   7.855   12.639  1.00 13.29 ? 107  ALA A C   1 
ATOM   234  O  O   . ALA A 1 28  ? 5.896   6.658   12.398  1.00 13.04 ? 107  ALA A O   1 
ATOM   235  C  CB  . ALA A 1 28  ? 7.405   8.919   14.231  1.00 15.05 ? 107  ALA A CB  1 
ATOM   236  N  N   . GLU A 1 29  ? 4.596   8.439   12.806  1.00 13.43 ? 108  GLU A N   1 
ATOM   237  C  CA  . GLU A 1 29  ? 3.361   7.670   12.708  1.00 14.23 ? 108  GLU A CA  1 
ATOM   238  C  C   . GLU A 1 29  ? 3.219   7.124   11.287  1.00 14.02 ? 108  GLU A C   1 
ATOM   239  O  O   . GLU A 1 29  ? 2.802   5.991   11.095  1.00 14.25 ? 108  GLU A O   1 
ATOM   240  C  CB  . GLU A 1 29  ? 2.147   8.535   13.067  1.00 14.83 ? 108  GLU A CB  1 
ATOM   241  C  CG  . GLU A 1 29  ? 2.045   8.918   14.549  1.00 16.65 ? 108  GLU A CG  1 
ATOM   242  C  CD  . GLU A 1 29  ? 0.841   9.810   14.856  1.00 17.09 ? 108  GLU A CD  1 
ATOM   243  O  OE1 . GLU A 1 29  ? 0.658   10.832  14.163  1.00 16.98 ? 108  GLU A OE1 1 
ATOM   244  O  OE2 . GLU A 1 29  ? 0.081   9.495   15.795  1.00 19.94 ? 108  GLU A OE2 1 
ATOM   245  N  N   . VAL A 1 30  ? 3.570   7.936   10.299  1.00 15.22 ? 109  VAL A N   1 
ATOM   246  C  CA  . VAL A 1 30  ? 3.489   7.515   8.902   1.00 15.59 ? 109  VAL A CA  1 
ATOM   247  C  C   . VAL A 1 30  ? 4.428   6.340   8.683   1.00 15.52 ? 109  VAL A C   1 
ATOM   248  O  O   . VAL A 1 30  ? 4.059   5.343   8.069   1.00 17.19 ? 109  VAL A O   1 
ATOM   249  C  CB  . VAL A 1 30  ? 3.880   8.665   7.946   1.00 15.02 ? 109  VAL A CB  1 
ATOM   250  C  CG1 . VAL A 1 30  ? 3.956   8.155   6.502   1.00 13.96 ? 109  VAL A CG1 1 
ATOM   251  C  CG2 . VAL A 1 30  ? 2.865   9.788   8.052   1.00 14.68 ? 109  VAL A CG2 1 
ATOM   252  N  N   . GLU A 1 31  ? 5.647   6.460   9.195   1.00 16.81 ? 110  GLU A N   1 
ATOM   253  C  CA  . GLU A 1 31  ? 6.635   5.399   9.067   1.00 18.07 ? 110  GLU A CA  1 
ATOM   254  C  C   . GLU A 1 31  ? 6.128   4.135   9.738   1.00 16.90 ? 110  GLU A C   1 
ATOM   255  O  O   . GLU A 1 31  ? 6.278   3.036   9.213   1.00 15.06 ? 110  GLU A O   1 
ATOM   256  C  CB  . GLU A 1 31  ? 7.954   5.836   9.701   1.00 22.30 ? 110  GLU A CB  1 
ATOM   257  C  CG  . GLU A 1 31  ? 8.551   7.043   9.016   1.00 30.02 ? 110  GLU A CG  1 
ATOM   258  C  CD  . GLU A 1 31  ? 9.979   7.284   9.413   1.00 37.15 ? 110  GLU A CD  1 
ATOM   259  O  OE1 . GLU A 1 31  ? 10.233  7.497   10.621  1.00 39.85 ? 110  GLU A OE1 1 
ATOM   260  O  OE2 . GLU A 1 31  ? 10.849  7.259   8.513   1.00 40.88 ? 110  GLU A OE2 1 
ATOM   261  N  N   . ARG A 1 32  ? 5.522   4.298   10.907  1.00 15.75 ? 111  ARG A N   1 
ATOM   262  C  CA  . ARG A 1 32  ? 4.981   3.165   11.641  1.00 16.72 ? 111  ARG A CA  1 
ATOM   263  C  C   . ARG A 1 32  ? 3.873   2.493   10.829  1.00 14.89 ? 111  ARG A C   1 
ATOM   264  O  O   . ARG A 1 32  ? 3.861   1.275   10.676  1.00 14.61 ? 111  ARG A O   1 
ATOM   265  C  CB  . ARG A 1 32  ? 4.436   3.632   12.997  1.00 18.62 ? 111  ARG A CB  1 
ATOM   266  C  CG  . ARG A 1 32  ? 3.632   2.582   13.763  1.00 21.70 ? 111  ARG A CG  1 
ATOM   267  C  CD  . ARG A 1 32  ? 4.365   1.252   13.853  1.00 26.58 ? 111  ARG A CD  1 
ATOM   268  N  NE  . ARG A 1 32  ? 5.714   1.380   14.399  1.00 29.65 ? 111  ARG A NE  1 
ATOM   269  C  CZ  . ARG A 1 32  ? 6.598   0.388   14.441  1.00 31.14 ? 111  ARG A CZ  1 
ATOM   270  N  NH1 . ARG A 1 32  ? 6.278   -0.812  13.968  1.00 30.62 ? 111  ARG A NH1 1 
ATOM   271  N  NH2 . ARG A 1 32  ? 7.809   0.599   14.942  1.00 33.04 ? 111  ARG A NH2 1 
ATOM   272  N  N   . ALA A 1 33  ? 2.950   3.294   10.307  1.00 14.20 ? 112  ALA A N   1 
ATOM   273  C  CA  . ALA A 1 33  ? 1.849   2.764   9.517   1.00 14.00 ? 112  ALA A CA  1 
ATOM   274  C  C   . ALA A 1 33  ? 2.377   2.025   8.293   1.00 14.37 ? 112  ALA A C   1 
ATOM   275  O  O   . ALA A 1 33  ? 1.910   0.935   7.970   1.00 14.15 ? 112  ALA A O   1 
ATOM   276  C  CB  . ALA A 1 33  ? 0.921   3.893   9.081   1.00 14.12 ? 112  ALA A CB  1 
ATOM   277  N  N   . ILE A 1 34  ? 3.350   2.628   7.621   1.00 12.83 ? 113  ILE A N   1 
ATOM   278  C  CA  . ILE A 1 34  ? 3.938   2.038   6.424   1.00 14.11 ? 113  ILE A CA  1 
ATOM   279  C  C   . ILE A 1 34  ? 4.702   0.757   6.727   1.00 13.91 ? 113  ILE A C   1 
ATOM   280  O  O   . ILE A 1 34  ? 4.502   -0.262  6.068   1.00 11.82 ? 113  ILE A O   1 
ATOM   281  C  CB  . ILE A 1 34  ? 4.893   3.034   5.729   1.00 13.77 ? 113  ILE A CB  1 
ATOM   282  C  CG1 . ILE A 1 34  ? 4.110   4.266   5.268   1.00 15.74 ? 113  ILE A CG1 1 
ATOM   283  C  CG2 . ILE A 1 34  ? 5.603   2.358   4.558   1.00 14.63 ? 113  ILE A CG2 1 
ATOM   284  C  CD1 . ILE A 1 34  ? 3.006   3.967   4.279   1.00 18.24 ? 113  ILE A CD1 1 
ATOM   285  N  N   . LYS A 1 35  ? 5.578   0.812   7.724   1.00 13.74 ? 114  LYS A N   1 
ATOM   286  C  CA  . LYS A 1 35  ? 6.369   -0.350  8.091   1.00 14.75 ? 114  LYS A CA  1 
ATOM   287  C  C   . LYS A 1 35  ? 5.462   -1.502  8.521   1.00 14.85 ? 114  LYS A C   1 
ATOM   288  O  O   . LYS A 1 35  ? 5.705   -2.652  8.161   1.00 14.94 ? 114  LYS A O   1 
ATOM   289  C  CB  . LYS A 1 35  ? 7.347   0.011   9.212   1.00 19.70 ? 114  LYS A CB  1 
ATOM   290  C  CG  . LYS A 1 35  ? 8.530   -0.941  9.342   1.00 24.36 ? 114  LYS A CG  1 
ATOM   291  C  CD  . LYS A 1 35  ? 9.536   -0.425  10.367  1.00 27.47 ? 114  LYS A CD  1 
ATOM   292  C  CE  . LYS A 1 35  ? 10.782  -1.299  10.415  1.00 30.37 ? 114  LYS A CE  1 
ATOM   293  N  NZ  . LYS A 1 35  ? 10.481  -2.688  10.871  1.00 32.75 ? 114  LYS A NZ  1 
ATOM   294  N  N   . ASP A 1 36  ? 4.416   -1.193  9.285   1.00 13.20 ? 115  ASP A N   1 
ATOM   295  C  CA  . ASP A 1 36  ? 3.478   -2.218  9.736   1.00 11.38 ? 115  ASP A CA  1 
ATOM   296  C  C   . ASP A 1 36  ? 2.666   -2.812  8.591   1.00 10.55 ? 115  ASP A C   1 
ATOM   297  O  O   . ASP A 1 36  ? 2.344   -3.997  8.605   1.00 11.66 ? 115  ASP A O   1 
ATOM   298  C  CB  . ASP A 1 36  ? 2.509   -1.648  10.775  1.00 12.78 ? 115  ASP A CB  1 
ATOM   299  C  CG  . ASP A 1 36  ? 3.160   -1.443  12.126  1.00 14.17 ? 115  ASP A CG  1 
ATOM   300  O  OD1 . ASP A 1 36  ? 4.303   -1.913  12.314  1.00 15.01 ? 115  ASP A OD1 1 
ATOM   301  O  OD2 . ASP A 1 36  ? 2.523   -0.825  13.002  1.00 18.49 ? 115  ASP A OD2 1 
ATOM   302  N  N   . ALA A 1 37  ? 2.320   -1.981  7.613   1.00 10.16 ? 116  ALA A N   1 
ATOM   303  C  CA  . ALA A 1 37  ? 1.533   -2.429  6.467   1.00 11.17 ? 116  ALA A CA  1 
ATOM   304  C  C   . ALA A 1 37  ? 2.353   -3.387  5.604   1.00 12.10 ? 116  ALA A C   1 
ATOM   305  O  O   . ALA A 1 37  ? 1.817   -4.344  5.046   1.00 13.27 ? 116  ALA A O   1 
ATOM   306  C  CB  . ALA A 1 37  ? 1.082   -1.229  5.645   1.00 10.55 ? 116  ALA A CB  1 
ATOM   307  N  N   . PHE A 1 38  ? 3.652   -3.128  5.496   1.00 12.53 ? 117  PHE A N   1 
ATOM   308  C  CA  . PHE A 1 38  ? 4.526   -4.005  4.719   1.00 13.82 ? 117  PHE A CA  1 
ATOM   309  C  C   . PHE A 1 38  ? 4.673   -5.331  5.458   1.00 13.31 ? 117  PHE A C   1 
ATOM   310  O  O   . PHE A 1 38  ? 4.730   -6.399  4.846   1.00 13.28 ? 117  PHE A O   1 
ATOM   311  C  CB  . PHE A 1 38  ? 5.908   -3.377  4.540   1.00 12.80 ? 117  PHE A CB  1 
ATOM   312  C  CG  . PHE A 1 38  ? 6.011   -2.458  3.363   1.00 14.81 ? 117  PHE A CG  1 
ATOM   313  C  CD1 . PHE A 1 38  ? 5.680   -2.907  2.084   1.00 14.20 ? 117  PHE A CD1 1 
ATOM   314  C  CD2 . PHE A 1 38  ? 6.473   -1.154  3.518   1.00 13.49 ? 117  PHE A CD2 1 
ATOM   315  C  CE1 . PHE A 1 38  ? 5.813   -2.075  0.976   1.00 14.97 ? 117  PHE A CE1 1 
ATOM   316  C  CE2 . PHE A 1 38  ? 6.609   -0.310  2.414   1.00 13.83 ? 117  PHE A CE2 1 
ATOM   317  C  CZ  . PHE A 1 38  ? 6.280   -0.773  1.139   1.00 15.12 ? 117  PHE A CZ  1 
ATOM   318  N  N   . GLU A 1 39  ? 4.731   -5.251  6.782   1.00 14.27 ? 118  GLU A N   1 
ATOM   319  C  CA  . GLU A 1 39  ? 4.887   -6.438  7.610   1.00 13.90 ? 118  GLU A CA  1 
ATOM   320  C  C   . GLU A 1 39  ? 3.705   -7.385  7.425   1.00 14.17 ? 118  GLU A C   1 
ATOM   321  O  O   . GLU A 1 39  ? 3.872   -8.606  7.452   1.00 11.99 ? 118  GLU A O   1 
ATOM   322  C  CB  . GLU A 1 39  ? 5.022   -6.038  9.076   1.00 16.89 ? 118  GLU A CB  1 
ATOM   323  C  CG  . GLU A 1 39  ? 5.355   -7.179  10.015  1.00 20.86 ? 118  GLU A CG  1 
ATOM   324  C  CD  . GLU A 1 39  ? 6.766   -7.710  9.838   1.00 25.04 ? 118  GLU A CD  1 
ATOM   325  O  OE1 . GLU A 1 39  ? 7.207   -8.490  10.710  1.00 28.57 ? 118  GLU A OE1 1 
ATOM   326  O  OE2 . GLU A 1 39  ? 7.434   -7.357  8.838   1.00 24.75 ? 118  GLU A OE2 1 
ATOM   327  N  N   . LEU A 1 40  ? 2.514   -6.823  7.236   1.00 13.65 ? 119  LEU A N   1 
ATOM   328  C  CA  . LEU A 1 40  ? 1.324   -7.634  7.017   1.00 15.04 ? 119  LEU A CA  1 
ATOM   329  C  C   . LEU A 1 40  ? 1.587   -8.619  5.885   1.00 14.97 ? 119  LEU A C   1 
ATOM   330  O  O   . LEU A 1 40  ? 1.281   -9.809  5.991   1.00 15.45 ? 119  LEU A O   1 
ATOM   331  C  CB  . LEU A 1 40  ? 0.125   -6.762  6.629   1.00 15.96 ? 119  LEU A CB  1 
ATOM   332  C  CG  . LEU A 1 40  ? -0.910  -6.365  7.682   1.00 18.33 ? 119  LEU A CG  1 
ATOM   333  C  CD1 . LEU A 1 40  ? -2.082  -5.705  6.978   1.00 20.32 ? 119  LEU A CD1 1 
ATOM   334  C  CD2 . LEU A 1 40  ? -1.390  -7.589  8.451   1.00 16.42 ? 119  LEU A CD2 1 
ATOM   335  N  N   . TRP A 1 41  ? 2.154   -8.118  4.795   1.00 13.56 ? 120  TRP A N   1 
ATOM   336  C  CA  . TRP A 1 41  ? 2.435   -8.975  3.654   1.00 13.34 ? 120  TRP A CA  1 
ATOM   337  C  C   . TRP A 1 41  ? 3.658   -9.857  3.862   1.00 13.95 ? 120  TRP A C   1 
ATOM   338  O  O   . TRP A 1 41  ? 3.710   -10.982 3.362   1.00 13.10 ? 120  TRP A O   1 
ATOM   339  C  CB  . TRP A 1 41  ? 2.610   -8.133  2.387   1.00 13.26 ? 120  TRP A CB  1 
ATOM   340  C  CG  . TRP A 1 41  ? 1.404   -7.341  2.020   1.00 12.06 ? 120  TRP A CG  1 
ATOM   341  C  CD1 . TRP A 1 41  ? 1.225   -5.997  2.190   1.00 13.83 ? 120  TRP A CD1 1 
ATOM   342  C  CD2 . TRP A 1 41  ? 0.200   -7.835  1.418   1.00 13.11 ? 120  TRP A CD2 1 
ATOM   343  N  NE1 . TRP A 1 41  ? -0.013  -5.623  1.729   1.00 11.90 ? 120  TRP A NE1 1 
ATOM   344  C  CE2 . TRP A 1 41  ? -0.664  -6.729  1.249   1.00 13.48 ? 120  TRP A CE2 1 
ATOM   345  C  CE3 . TRP A 1 41  ? -0.234  -9.103  1.007   1.00 13.81 ? 120  TRP A CE3 1 
ATOM   346  C  CZ2 . TRP A 1 41  ? -1.943  -6.851  0.682   1.00 13.31 ? 120  TRP A CZ2 1 
ATOM   347  C  CZ3 . TRP A 1 41  ? -1.508  -9.227  0.444   1.00 14.06 ? 120  TRP A CZ3 1 
ATOM   348  C  CH2 . TRP A 1 41  ? -2.346  -8.102  0.286   1.00 13.81 ? 120  TRP A CH2 1 
ATOM   349  N  N   . SER A 1 42  ? 4.641   -9.366  4.609   1.00 14.96 ? 121  SER A N   1 
ATOM   350  C  CA  . SER A 1 42  ? 5.846   -10.159 4.834   1.00 17.05 ? 121  SER A CA  1 
ATOM   351  C  C   . SER A 1 42  ? 5.604   -11.450 5.629   1.00 16.07 ? 121  SER A C   1 
ATOM   352  O  O   . SER A 1 42  ? 6.231   -12.474 5.359   1.00 16.45 ? 121  SER A O   1 
ATOM   353  C  CB  . SER A 1 42  ? 6.932   -9.309  5.520   1.00 18.39 ? 121  SER A CB  1 
ATOM   354  O  OG  . SER A 1 42  ? 6.485   -8.819  6.775   1.00 27.18 ? 121  SER A OG  1 
ATOM   355  N  N   . VAL A 1 43  ? 4.684   -11.414 6.591   1.00 16.13 ? 122  VAL A N   1 
ATOM   356  C  CA  . VAL A 1 43  ? 4.408   -12.594 7.405   1.00 14.63 ? 122  VAL A CA  1 
ATOM   357  C  C   . VAL A 1 43  ? 3.683   -13.679 6.628   1.00 14.40 ? 122  VAL A C   1 
ATOM   358  O  O   . VAL A 1 43  ? 3.587   -14.819 7.079   1.00 15.32 ? 122  VAL A O   1 
ATOM   359  C  CB  . VAL A 1 43  ? 3.560   -12.242 8.645   1.00 16.64 ? 122  VAL A CB  1 
ATOM   360  C  CG1 . VAL A 1 43  ? 4.199   -11.085 9.387   1.00 18.35 ? 122  VAL A CG1 1 
ATOM   361  C  CG2 . VAL A 1 43  ? 2.145   -11.903 8.233   1.00 16.39 ? 122  VAL A CG2 1 
ATOM   362  N  N   . ALA A 1 44  ? 3.170   -13.322 5.459   1.00 13.14 ? 123  ALA A N   1 
ATOM   363  C  CA  . ALA A 1 44  ? 2.444   -14.275 4.636   1.00 13.11 ? 123  ALA A CA  1 
ATOM   364  C  C   . ALA A 1 44  ? 3.155   -14.565 3.323   1.00 12.78 ? 123  ALA A C   1 
ATOM   365  O  O   . ALA A 1 44  ? 2.563   -15.141 2.412   1.00 14.37 ? 123  ALA A O   1 
ATOM   366  C  CB  . ALA A 1 44  ? 1.052   -13.748 4.358   1.00 13.79 ? 123  ALA A CB  1 
ATOM   367  N  N   . SER A 1 45  ? 4.417   -14.168 3.218   1.00 12.01 ? 124  SER A N   1 
ATOM   368  C  CA  . SER A 1 45  ? 5.169   -14.395 1.990   1.00 11.19 ? 124  SER A CA  1 
ATOM   369  C  C   . SER A 1 45  ? 6.674   -14.307 2.225   1.00 13.36 ? 124  SER A C   1 
ATOM   370  O  O   . SER A 1 45  ? 7.122   -14.031 3.335   1.00 10.99 ? 124  SER A O   1 
ATOM   371  C  CB  . SER A 1 45  ? 4.747   -13.375 0.927   1.00 11.38 ? 124  SER A CB  1 
ATOM   372  O  OG  . SER A 1 45  ? 5.160   -12.061 1.270   1.00 11.19 ? 124  SER A OG  1 
ATOM   373  N  N   . PRO A 1 46  ? 7.474   -14.558 1.177   1.00 13.66 ? 125  PRO A N   1 
ATOM   374  C  CA  . PRO A 1 46  ? 8.940   -14.505 1.271   1.00 16.61 ? 125  PRO A CA  1 
ATOM   375  C  C   . PRO A 1 46  ? 9.481   -13.080 1.201   1.00 16.32 ? 125  PRO A C   1 
ATOM   376  O  O   . PRO A 1 46  ? 10.676  -12.844 1.385   1.00 15.97 ? 125  PRO A O   1 
ATOM   377  C  CB  . PRO A 1 46  ? 9.394   -15.331 0.062   1.00 16.36 ? 125  PRO A CB  1 
ATOM   378  C  CG  . PRO A 1 46  ? 8.223   -16.218 -0.230  1.00 17.05 ? 125  PRO A CG  1 
ATOM   379  C  CD  . PRO A 1 46  ? 7.068   -15.274 -0.044  1.00 16.44 ? 125  PRO A CD  1 
ATOM   380  N  N   . LEU A 1 47  ? 8.591   -12.132 0.933   1.00 17.21 ? 126  LEU A N   1 
ATOM   381  C  CA  . LEU A 1 47  ? 8.974   -10.734 0.806   1.00 17.39 ? 126  LEU A CA  1 
ATOM   382  C  C   . LEU A 1 47  ? 9.554   -10.105 2.067   1.00 17.31 ? 126  LEU A C   1 
ATOM   383  O  O   . LEU A 1 47  ? 8.986   -10.217 3.155   1.00 15.23 ? 126  LEU A O   1 
ATOM   384  C  CB  . LEU A 1 47  ? 7.776   -9.906  0.339   1.00 19.97 ? 126  LEU A CB  1 
ATOM   385  C  CG  . LEU A 1 47  ? 7.230   -10.247 -1.050  1.00 21.39 ? 126  LEU A CG  1 
ATOM   386  C  CD1 . LEU A 1 47  ? 5.963   -9.458  -1.305  1.00 23.87 ? 126  LEU A CD1 1 
ATOM   387  C  CD2 . LEU A 1 47  ? 8.276   -9.931  -2.103  1.00 24.15 ? 126  LEU A CD2 1 
ATOM   388  N  N   . ILE A 1 48  ? 10.690  -9.438  1.895   1.00 16.65 ? 127  ILE A N   1 
ATOM   389  C  CA  . ILE A 1 48  ? 11.369  -8.742  2.982   1.00 17.07 ? 127  ILE A CA  1 
ATOM   390  C  C   . ILE A 1 48  ? 11.487  -7.290  2.551   1.00 16.75 ? 127  ILE A C   1 
ATOM   391  O  O   . ILE A 1 48  ? 12.025  -6.995  1.485   1.00 17.60 ? 127  ILE A O   1 
ATOM   392  C  CB  . ILE A 1 48  ? 12.774  -9.319  3.234   1.00 18.49 ? 127  ILE A CB  1 
ATOM   393  C  CG1 . ILE A 1 48  ? 12.658  -10.789 3.646   1.00 19.07 ? 127  ILE A CG1 1 
ATOM   394  C  CG2 . ILE A 1 48  ? 13.478  -8.522  4.329   1.00 17.56 ? 127  ILE A CG2 1 
ATOM   395  C  CD1 . ILE A 1 48  ? 13.988  -11.481 3.838   1.00 18.80 ? 127  ILE A CD1 1 
ATOM   396  N  N   . PHE A 1 49  ? 10.973  -6.384  3.378   1.00 15.80 ? 128  PHE A N   1 
ATOM   397  C  CA  . PHE A 1 49  ? 10.991  -4.963  3.064   1.00 16.05 ? 128  PHE A CA  1 
ATOM   398  C  C   . PHE A 1 49  ? 12.056  -4.186  3.819   1.00 15.27 ? 128  PHE A C   1 
ATOM   399  O  O   . PHE A 1 49  ? 12.093  -4.174  5.050   1.00 16.47 ? 128  PHE A O   1 
ATOM   400  C  CB  . PHE A 1 49  ? 9.598   -4.384  3.312   1.00 14.46 ? 128  PHE A CB  1 
ATOM   401  C  CG  . PHE A 1 49  ? 8.550   -4.998  2.439   1.00 16.35 ? 128  PHE A CG  1 
ATOM   402  C  CD1 . PHE A 1 49  ? 8.452   -4.642  1.098   1.00 16.69 ? 128  PHE A CD1 1 
ATOM   403  C  CD2 . PHE A 1 49  ? 7.715   -5.997  2.927   1.00 17.21 ? 128  PHE A CD2 1 
ATOM   404  C  CE1 . PHE A 1 49  ? 7.540   -5.273  0.258   1.00 16.69 ? 128  PHE A CE1 1 
ATOM   405  C  CE2 . PHE A 1 49  ? 6.799   -6.639  2.091   1.00 14.77 ? 128  PHE A CE2 1 
ATOM   406  C  CZ  . PHE A 1 49  ? 6.712   -6.278  0.760   1.00 14.76 ? 128  PHE A CZ  1 
ATOM   407  N  N   . THR A 1 50  ? 12.926  -3.541  3.052   1.00 14.64 ? 129  THR A N   1 
ATOM   408  C  CA  . THR A 1 50  ? 14.029  -2.772  3.597   1.00 14.29 ? 129  THR A CA  1 
ATOM   409  C  C   . THR A 1 50  ? 13.862  -1.291  3.287   1.00 13.99 ? 129  THR A C   1 
ATOM   410  O  O   . THR A 1 50  ? 13.820  -0.880  2.125   1.00 13.47 ? 129  THR A O   1 
ATOM   411  C  CB  . THR A 1 50  ? 15.373  -3.271  3.016   1.00 12.49 ? 129  THR A CB  1 
ATOM   412  O  OG1 . THR A 1 50  ? 15.575  -4.635  3.404   1.00 14.51 ? 129  THR A OG1 1 
ATOM   413  C  CG2 . THR A 1 50  ? 16.536  -2.426  3.526   1.00 14.91 ? 129  THR A CG2 1 
ATOM   414  N  N   . ARG A 1 51  ? 13.765  -0.486  4.338   1.00 13.22 ? 130  ARG A N   1 
ATOM   415  C  CA  . ARG A 1 51  ? 13.597  0.948   4.169   1.00 13.46 ? 130  ARG A CA  1 
ATOM   416  C  C   . ARG A 1 51  ? 14.927  1.643   3.930   1.00 12.98 ? 130  ARG A C   1 
ATOM   417  O  O   . ARG A 1 51  ? 15.940  1.274   4.518   1.00 14.17 ? 130  ARG A O   1 
ATOM   418  C  CB  . ARG A 1 51  ? 12.939  1.551   5.419   1.00 15.05 ? 130  ARG A CB  1 
ATOM   419  C  CG  . ARG A 1 51  ? 12.790  3.076   5.386   1.00 12.59 ? 130  ARG A CG  1 
ATOM   420  C  CD  . ARG A 1 51  ? 12.221  3.615   6.711   1.00 15.38 ? 130  ARG A CD  1 
ATOM   421  N  NE  . ARG A 1 51  ? 12.137  5.073   6.714   1.00 16.01 ? 130  ARG A NE  1 
ATOM   422  C  CZ  . ARG A 1 51  ? 13.193  5.883   6.734   1.00 18.13 ? 130  ARG A CZ  1 
ATOM   423  N  NH1 . ARG A 1 51  ? 13.028  7.200   6.723   1.00 18.99 ? 130  ARG A NH1 1 
ATOM   424  N  NH2 . ARG A 1 51  ? 14.418  5.376   6.779   1.00 16.79 ? 130  ARG A NH2 1 
ATOM   425  N  N   . ILE A 1 52  ? 14.923  2.635   3.049   1.00 14.04 ? 131  ILE A N   1 
ATOM   426  C  CA  . ILE A 1 52  ? 16.121  3.428   2.787   1.00 15.80 ? 131  ILE A CA  1 
ATOM   427  C  C   . ILE A 1 52  ? 15.646  4.856   3.018   1.00 17.21 ? 131  ILE A C   1 
ATOM   428  O  O   . ILE A 1 52  ? 14.448  5.134   2.900   1.00 16.21 ? 131  ILE A O   1 
ATOM   429  C  CB  . ILE A 1 52  ? 16.652  3.252   1.343   1.00 17.07 ? 131  ILE A CB  1 
ATOM   430  C  CG1 . ILE A 1 52  ? 15.682  3.866   0.335   1.00 18.13 ? 131  ILE A CG1 1 
ATOM   431  C  CG2 . ILE A 1 52  ? 16.873  1.770   1.058   1.00 18.40 ? 131  ILE A CG2 1 
ATOM   432  C  CD1 . ILE A 1 52  ? 16.120  3.686   -1.116  1.00 18.59 ? 131  ILE A CD1 1 
ATOM   433  N  N   . SER A 1 53  ? 16.560  5.757   3.358   1.00 16.59 ? 132  SER A N   1 
ATOM   434  C  CA  . SER A 1 53  ? 16.171  7.133   3.649   1.00 18.61 ? 132  SER A CA  1 
ATOM   435  C  C   . SER A 1 53  ? 16.259  8.132   2.501   1.00 19.14 ? 132  SER A C   1 
ATOM   436  O  O   . SER A 1 53  ? 15.689  9.215   2.583   1.00 19.56 ? 132  SER A O   1 
ATOM   437  C  CB  . SER A 1 53  ? 16.979  7.645   4.843   1.00 18.26 ? 132  SER A CB  1 
ATOM   438  O  OG  . SER A 1 53  ? 16.732  6.847   5.990   1.00 17.07 ? 132  SER A OG  1 
ATOM   439  N  N   . GLN A 1 54  ? 16.975  7.778   1.441   1.00 19.83 ? 133  GLN A N   1 
ATOM   440  C  CA  . GLN A 1 54  ? 17.109  8.657   0.285   1.00 21.56 ? 133  GLN A CA  1 
ATOM   441  C  C   . GLN A 1 54  ? 17.315  7.796   -0.949  1.00 21.47 ? 133  GLN A C   1 
ATOM   442  O  O   . GLN A 1 54  ? 17.498  6.585   -0.841  1.00 20.90 ? 133  GLN A O   1 
ATOM   443  C  CB  . GLN A 1 54  ? 18.303  9.606   0.454   1.00 23.39 ? 133  GLN A CB  1 
ATOM   444  C  CG  . GLN A 1 54  ? 18.269  10.476  1.710   1.00 29.35 ? 133  GLN A CG  1 
ATOM   445  C  CD  . GLN A 1 54  ? 17.105  11.458  1.736   1.00 32.97 ? 133  GLN A CD  1 
ATOM   446  O  OE1 . GLN A 1 54  ? 16.927  12.204  2.706   1.00 35.61 ? 133  GLN A OE1 1 
ATOM   447  N  NE2 . GLN A 1 54  ? 16.310  11.465  0.672   1.00 34.40 ? 133  GLN A NE2 1 
ATOM   448  N  N   . GLY A 1 55  ? 17.290  8.420   -2.121  1.00 22.68 ? 134  GLY A N   1 
ATOM   449  C  CA  . GLY A 1 55  ? 17.479  7.671   -3.352  1.00 20.83 ? 134  GLY A CA  1 
ATOM   450  C  C   . GLY A 1 55  ? 16.213  6.963   -3.789  1.00 20.24 ? 134  GLY A C   1 
ATOM   451  O  O   . GLY A 1 55  ? 15.150  7.145   -3.194  1.00 19.28 ? 134  GLY A O   1 
ATOM   452  N  N   . GLU A 1 56  ? 16.321  6.152   -4.835  1.00 20.25 ? 135  GLU A N   1 
ATOM   453  C  CA  . GLU A 1 56  ? 15.169  5.422   -5.344  1.00 21.46 ? 135  GLU A CA  1 
ATOM   454  C  C   . GLU A 1 56  ? 15.081  4.012   -4.771  1.00 20.06 ? 135  GLU A C   1 
ATOM   455  O  O   . GLU A 1 56  ? 16.011  3.214   -4.897  1.00 21.71 ? 135  GLU A O   1 
ATOM   456  C  CB  . GLU A 1 56  ? 15.222  5.328   -6.874  1.00 21.07 ? 135  GLU A CB  1 
ATOM   457  C  CG  . GLU A 1 56  ? 13.964  4.729   -7.500  1.00 21.83 ? 135  GLU A CG  1 
ATOM   458  C  CD  . GLU A 1 56  ? 14.187  4.237   -8.926  1.00 23.30 ? 135  GLU A CD  1 
ATOM   459  O  OE1 . GLU A 1 56  ? 15.214  4.609   -9.526  1.00 22.57 ? 135  GLU A OE1 1 
ATOM   460  O  OE2 . GLU A 1 56  ? 13.333  3.486   -9.448  1.00 22.85 ? 135  GLU A OE2 1 
ATOM   461  N  N   . ALA A 1 57  ? 13.953  3.718   -4.141  1.00 17.84 ? 136  ALA A N   1 
ATOM   462  C  CA  . ALA A 1 57  ? 13.694  2.404   -3.574  1.00 16.90 ? 136  ALA A CA  1 
ATOM   463  C  C   . ALA A 1 57  ? 12.827  1.693   -4.603  1.00 16.62 ? 136  ALA A C   1 
ATOM   464  O  O   . ALA A 1 57  ? 12.342  2.316   -5.543  1.00 17.68 ? 136  ALA A O   1 
ATOM   465  C  CB  . ALA A 1 57  ? 12.927  2.536   -2.263  1.00 16.65 ? 136  ALA A CB  1 
ATOM   466  N  N   . ASP A 1 58  ? 12.629  0.395   -4.428  1.00 16.78 ? 137  ASP A N   1 
ATOM   467  C  CA  . ASP A 1 58  ? 11.787  -0.355  -5.347  1.00 15.74 ? 137  ASP A CA  1 
ATOM   468  C  C   . ASP A 1 58  ? 10.365  0.161   -5.229  1.00 14.61 ? 137  ASP A C   1 
ATOM   469  O  O   . ASP A 1 58  ? 9.643   0.232   -6.200  1.00 12.01 ? 137  ASP A O   1 
ATOM   470  C  CB  . ASP A 1 58  ? 11.820  -1.842  -5.006  1.00 17.68 ? 137  ASP A CB  1 
ATOM   471  C  CG  . ASP A 1 58  ? 13.200  -2.433  -5.159  1.00 20.13 ? 137  ASP A CG  1 
ATOM   472  O  OD1 . ASP A 1 58  ? 13.824  -2.174  -6.210  1.00 20.52 ? 137  ASP A OD1 1 
ATOM   473  O  OD2 . ASP A 1 58  ? 13.656  -3.150  -4.240  1.00 19.45 ? 137  ASP A OD2 1 
ATOM   474  N  N   . ILE A 1 59  ? 9.961   0.509   -4.015  1.00 14.65 ? 138  ILE A N   1 
ATOM   475  C  CA  . ILE A 1 59  ? 8.618   1.006   -3.789  1.00 13.67 ? 138  ILE A CA  1 
ATOM   476  C  C   . ILE A 1 59  ? 8.706   2.380   -3.150  1.00 13.84 ? 138  ILE A C   1 
ATOM   477  O  O   . ILE A 1 59  ? 9.068   2.499   -1.977  1.00 12.65 ? 138  ILE A O   1 
ATOM   478  C  CB  . ILE A 1 59  ? 7.830   0.072   -2.845  1.00 14.32 ? 138  ILE A CB  1 
ATOM   479  C  CG1 . ILE A 1 59  ? 7.642   -1.296  -3.504  1.00 12.46 ? 138  ILE A CG1 1 
ATOM   480  C  CG2 . ILE A 1 59  ? 6.488   0.706   -2.487  1.00 14.93 ? 138  ILE A CG2 1 
ATOM   481  C  CD1 . ILE A 1 59  ? 6.934   -2.326  -2.621  1.00 10.90 ? 138  ILE A CD1 1 
ATOM   482  N  N   . ASN A 1 60  ? 8.393   3.415   -3.924  1.00 14.03 ? 139  ASN A N   1 
ATOM   483  C  CA  . ASN A 1 60  ? 8.426   4.772   -3.395  1.00 15.64 ? 139  ASN A CA  1 
ATOM   484  C  C   . ASN A 1 60  ? 7.048   5.137   -2.876  1.00 14.19 ? 139  ASN A C   1 
ATOM   485  O  O   . ASN A 1 60  ? 6.044   4.925   -3.551  1.00 14.82 ? 139  ASN A O   1 
ATOM   486  C  CB  . ASN A 1 60  ? 8.844   5.770   -4.477  1.00 16.69 ? 139  ASN A CB  1 
ATOM   487  C  CG  . ASN A 1 60  ? 10.217  5.484   -5.019  1.00 18.85 ? 139  ASN A CG  1 
ATOM   488  O  OD1 . ASN A 1 60  ? 11.186  5.382   -4.264  1.00 19.31 ? 139  ASN A OD1 1 
ATOM   489  N  ND2 . ASN A 1 60  ? 10.315  5.343   -6.334  1.00 20.46 ? 139  ASN A ND2 1 
ATOM   490  N  N   . ILE A 1 61  ? 7.005   5.685   -1.669  1.00 13.88 ? 140  ILE A N   1 
ATOM   491  C  CA  . ILE A 1 61  ? 5.742   6.080   -1.072  1.00 10.88 ? 140  ILE A CA  1 
ATOM   492  C  C   . ILE A 1 61  ? 5.721   7.592   -0.962  1.00 12.41 ? 140  ILE A C   1 
ATOM   493  O  O   . ILE A 1 61  ? 6.688   8.206   -0.504  1.00 11.86 ? 140  ILE A O   1 
ATOM   494  C  CB  . ILE A 1 61  ? 5.570   5.459   0.324   1.00 13.20 ? 140  ILE A CB  1 
ATOM   495  C  CG1 . ILE A 1 61  ? 5.415   3.942   0.185   1.00 13.42 ? 140  ILE A CG1 1 
ATOM   496  C  CG2 . ILE A 1 61  ? 4.355   6.058   1.017   1.00 10.04 ? 140  ILE A CG2 1 
ATOM   497  C  CD1 . ILE A 1 61  ? 5.934   3.158   1.359   1.00 14.12 ? 140  ILE A CD1 1 
ATOM   498  N  N   . ALA A 1 62  ? 4.622   8.192   -1.398  1.00 10.49 ? 141  ALA A N   1 
ATOM   499  C  CA  . ALA A 1 62  ? 4.490   9.635   -1.340  1.00 11.73 ? 141  ALA A CA  1 
ATOM   500  C  C   . ALA A 1 62  ? 3.046   10.092  -1.241  1.00 12.56 ? 141  ALA A C   1 
ATOM   501  O  O   . ALA A 1 62  ? 2.119   9.389   -1.649  1.00 11.22 ? 141  ALA A O   1 
ATOM   502  C  CB  . ALA A 1 62  ? 5.140   10.260  -2.561  1.00 10.80 ? 141  ALA A CB  1 
ATOM   503  N  N   . PHE A 1 63  ? 2.867   11.277  -0.675  1.00 12.65 ? 142  PHE A N   1 
ATOM   504  C  CA  . PHE A 1 63  ? 1.553   11.875  -0.555  1.00 11.94 ? 142  PHE A CA  1 
ATOM   505  C  C   . PHE A 1 63  ? 1.511   12.987  -1.593  1.00 11.60 ? 142  PHE A C   1 
ATOM   506  O  O   . PHE A 1 63  ? 2.358   13.884  -1.588  1.00 11.12 ? 142  PHE A O   1 
ATOM   507  C  CB  . PHE A 1 63  ? 1.340   12.446  0.851   1.00 11.47 ? 142  PHE A CB  1 
ATOM   508  C  CG  . PHE A 1 63  ? 1.394   11.410  1.934   1.00 12.10 ? 142  PHE A CG  1 
ATOM   509  C  CD1 . PHE A 1 63  ? 2.611   11.021  2.481   1.00 14.18 ? 142  PHE A CD1 1 
ATOM   510  C  CD2 . PHE A 1 63  ? 0.228   10.796  2.381   1.00 14.09 ? 142  PHE A CD2 1 
ATOM   511  C  CE1 . PHE A 1 63  ? 2.672   10.032  3.459   1.00 16.92 ? 142  PHE A CE1 1 
ATOM   512  C  CE2 . PHE A 1 63  ? 0.270   9.801   3.361   1.00 15.99 ? 142  PHE A CE2 1 
ATOM   513  C  CZ  . PHE A 1 63  ? 1.498   9.419   3.902   1.00 14.97 ? 142  PHE A CZ  1 
ATOM   514  N  N   . TYR A 1 64  ? 0.546   12.902  -2.504  1.00 13.35 ? 143  TYR A N   1 
ATOM   515  C  CA  . TYR A 1 64  ? 0.392   13.898  -3.552  1.00 13.90 ? 143  TYR A CA  1 
ATOM   516  C  C   . TYR A 1 64  ? -1.016  14.459  -3.611  1.00 14.66 ? 143  TYR A C   1 
ATOM   517  O  O   . TYR A 1 64  ? -1.969  13.879  -3.079  1.00 16.05 ? 143  TYR A O   1 
ATOM   518  C  CB  . TYR A 1 64  ? 0.755   13.314  -4.917  1.00 15.24 ? 143  TYR A CB  1 
ATOM   519  C  CG  . TYR A 1 64  ? 2.200   12.893  -5.044  1.00 17.12 ? 143  TYR A CG  1 
ATOM   520  C  CD1 . TYR A 1 64  ? 3.233   13.738  -4.634  1.00 16.19 ? 143  TYR A CD1 1 
ATOM   521  C  CD2 . TYR A 1 64  ? 2.539   11.664  -5.611  1.00 14.00 ? 143  TYR A CD2 1 
ATOM   522  C  CE1 . TYR A 1 64  ? 4.569   13.368  -4.790  1.00 18.22 ? 143  TYR A CE1 1 
ATOM   523  C  CE2 . TYR A 1 64  ? 3.862   11.288  -5.771  1.00 17.60 ? 143  TYR A CE2 1 
ATOM   524  C  CZ  . TYR A 1 64  ? 4.872   12.141  -5.361  1.00 14.90 ? 143  TYR A CZ  1 
ATOM   525  O  OH  . TYR A 1 64  ? 6.178   11.767  -5.526  1.00 15.31 ? 143  TYR A OH  1 
ATOM   526  N  N   . GLN A 1 65  ? -1.132  15.591  -4.290  1.00 13.94 ? 144  GLN A N   1 
ATOM   527  C  CA  . GLN A 1 65  ? -2.397  16.281  -4.439  1.00 16.04 ? 144  GLN A CA  1 
ATOM   528  C  C   . GLN A 1 65  ? -2.747  16.441  -5.916  1.00 14.73 ? 144  GLN A C   1 
ATOM   529  O  O   . GLN A 1 65  ? -1.895  16.793  -6.727  1.00 13.20 ? 144  GLN A O   1 
ATOM   530  C  CB  . GLN A 1 65  ? -2.276  17.646  -3.765  1.00 17.94 ? 144  GLN A CB  1 
ATOM   531  C  CG  . GLN A 1 65  ? -3.551  18.410  -3.597  1.00 23.93 ? 144  GLN A CG  1 
ATOM   532  C  CD  . GLN A 1 65  ? -3.435  19.435  -2.489  1.00 22.25 ? 144  GLN A CD  1 
ATOM   533  O  OE1 . GLN A 1 65  ? -4.323  20.255  -2.294  1.00 28.67 ? 144  GLN A OE1 1 
ATOM   534  N  NE2 . GLN A 1 65  ? -2.334  19.381  -1.747  1.00 25.25 ? 144  GLN A NE2 1 
ATOM   535  N  N   . ARG A 1 66  ? -4.003  16.162  -6.247  1.00 14.02 ? 145  ARG A N   1 
ATOM   536  C  CA  . ARG A 1 66  ? -4.512  16.288  -7.607  1.00 15.70 ? 145  ARG A CA  1 
ATOM   537  C  C   . ARG A 1 66  ? -3.517  15.764  -8.643  1.00 14.82 ? 145  ARG A C   1 
ATOM   538  O  O   . ARG A 1 66  ? -3.064  14.625  -8.538  1.00 15.63 ? 145  ARG A O   1 
ATOM   539  C  CB  . ARG A 1 66  ? -4.863  17.755  -7.884  1.00 17.07 ? 145  ARG A CB  1 
ATOM   540  C  CG  . ARG A 1 66  ? -5.732  18.388  -6.803  1.00 23.33 ? 145  ARG A CG  1 
ATOM   541  C  CD  . ARG A 1 66  ? -6.902  17.482  -6.462  1.00 28.45 ? 145  ARG A CD  1 
ATOM   542  N  NE  . ARG A 1 66  ? -8.201  18.096  -6.715  1.00 35.29 ? 145  ARG A NE  1 
ATOM   543  C  CZ  . ARG A 1 66  ? -8.752  19.034  -5.951  1.00 36.80 ? 145  ARG A CZ  1 
ATOM   544  N  NH1 . ARG A 1 66  ? -9.942  19.526  -6.269  1.00 36.88 ? 145  ARG A NH1 1 
ATOM   545  N  NH2 . ARG A 1 66  ? -8.122  19.478  -4.871  1.00 37.37 ? 145  ARG A NH2 1 
ATOM   546  N  N   . ASP A 1 67  ? -3.184  16.588  -9.638  1.00 14.55 ? 146  ASP A N   1 
ATOM   547  C  CA  . ASP A 1 67  ? -2.228  16.179  -10.674 1.00 16.37 ? 146  ASP A CA  1 
ATOM   548  C  C   . ASP A 1 67  ? -0.854  16.079  -10.023 1.00 15.08 ? 146  ASP A C   1 
ATOM   549  O  O   . ASP A 1 67  ? -0.428  17.009  -9.344  1.00 15.09 ? 146  ASP A O   1 
ATOM   550  C  CB  . ASP A 1 67  ? -2.151  17.214  -11.805 1.00 17.88 ? 146  ASP A CB  1 
ATOM   551  C  CG  . ASP A 1 67  ? -3.500  17.508  -12.431 1.00 21.28 ? 146  ASP A CG  1 
ATOM   552  O  OD1 . ASP A 1 67  ? -4.272  16.552  -12.659 1.00 23.45 ? 146  ASP A OD1 1 
ATOM   553  O  OD2 . ASP A 1 67  ? -3.775  18.696  -12.712 1.00 21.75 ? 146  ASP A OD2 1 
ATOM   554  N  N   . HIS A 1 68  ? -0.158  14.964  -10.228 1.00 13.77 ? 147  HIS A N   1 
ATOM   555  C  CA  . HIS A 1 68  ? 1.162   14.804  -9.633  1.00 13.11 ? 147  HIS A CA  1 
ATOM   556  C  C   . HIS A 1 68  ? 2.175   14.070  -10.508 1.00 13.56 ? 147  HIS A C   1 
ATOM   557  O  O   . HIS A 1 68  ? 3.003   13.305  -10.015 1.00 12.59 ? 147  HIS A O   1 
ATOM   558  C  CB  . HIS A 1 68  ? 1.048   14.114  -8.270  1.00 11.58 ? 147  HIS A CB  1 
ATOM   559  C  CG  . HIS A 1 68  ? 0.273   12.835  -8.303  1.00 9.44  ? 147  HIS A CG  1 
ATOM   560  N  ND1 . HIS A 1 68  ? -1.104  12.802  -8.359  1.00 12.46 ? 147  HIS A ND1 1 
ATOM   561  C  CD2 . HIS A 1 68  ? 0.680   11.546  -8.308  1.00 9.94  ? 147  HIS A CD2 1 
ATOM   562  C  CE1 . HIS A 1 68  ? -1.512  11.547  -8.394  1.00 10.53 ? 147  HIS A CE1 1 
ATOM   563  N  NE2 . HIS A 1 68  ? -0.448  10.765  -8.365  1.00 13.22 ? 147  HIS A NE2 1 
ATOM   564  N  N   . GLY A 1 69  ? 2.095   14.294  -11.815 1.00 14.50 ? 148  GLY A N   1 
ATOM   565  C  CA  . GLY A 1 69  ? 3.052   13.691  -12.724 1.00 15.61 ? 148  GLY A CA  1 
ATOM   566  C  C   . GLY A 1 69  ? 2.865   12.269  -13.213 1.00 17.45 ? 148  GLY A C   1 
ATOM   567  O  O   . GLY A 1 69  ? 3.819   11.690  -13.726 1.00 19.15 ? 148  GLY A O   1 
ATOM   568  N  N   . ASP A 1 70  ? 1.675   11.690  -13.074 1.00 17.19 ? 149  ASP A N   1 
ATOM   569  C  CA  . ASP A 1 70  ? 1.487   10.330  -13.564 1.00 19.20 ? 149  ASP A CA  1 
ATOM   570  C  C   . ASP A 1 70  ? 0.113   10.039  -14.162 1.00 21.94 ? 149  ASP A C   1 
ATOM   571  O  O   . ASP A 1 70  ? -0.275  8.881   -14.296 1.00 22.00 ? 149  ASP A O   1 
ATOM   572  C  CB  . ASP A 1 70  ? 1.798   9.313   -12.463 1.00 16.91 ? 149  ASP A CB  1 
ATOM   573  C  CG  . ASP A 1 70  ? 0.711   9.235   -11.403 1.00 16.05 ? 149  ASP A CG  1 
ATOM   574  O  OD1 . ASP A 1 70  ? -0.287  9.984   -11.478 1.00 10.64 ? 149  ASP A OD1 1 
ATOM   575  O  OD2 . ASP A 1 70  ? 0.865   8.401   -10.492 1.00 12.85 ? 149  ASP A OD2 1 
ATOM   576  N  N   . ASN A 1 71  ? -0.621  11.087  -14.517 1.00 24.41 ? 150  ASN A N   1 
ATOM   577  C  CA  . ASN A 1 71  ? -1.948  10.935  -15.126 1.00 31.08 ? 150  ASN A CA  1 
ATOM   578  C  C   . ASN A 1 71  ? -3.100  10.465  -14.253 1.00 31.25 ? 150  ASN A C   1 
ATOM   579  O  O   . ASN A 1 71  ? -4.237  10.860  -14.500 1.00 33.70 ? 150  ASN A O   1 
ATOM   580  C  CB  . ASN A 1 71  ? -1.903  10.002  -16.324 1.00 34.81 ? 150  ASN A CB  1 
ATOM   581  C  CG  . ASN A 1 71  ? -3.299  9.585   -16.783 1.00 39.58 ? 150  ASN A CG  1 
ATOM   582  O  OD1 . ASN A 1 71  ? -4.129  10.427  -17.145 1.00 43.65 ? 150  ASN A OD1 1 
ATOM   583  N  ND2 . ASN A 1 71  ? -3.563  8.282   -16.763 1.00 42.08 ? 150  ASN A ND2 1 
ATOM   584  N  N   . SER A 1 72  ? -2.842  9.576   -13.296 1.00 28.58 ? 151  SER A N   1 
ATOM   585  C  CA  . SER A 1 72  ? -3.911  9.125   -12.411 1.00 24.81 ? 151  SER A CA  1 
ATOM   586  C  C   . SER A 1 72  ? -3.915  10.159  -11.295 1.00 23.16 ? 151  SER A C   1 
ATOM   587  O  O   . SER A 1 72  ? -3.396  9.919   -10.203 1.00 20.06 ? 151  SER A O   1 
ATOM   588  C  CB  . SER A 1 72  ? -3.612  7.736   -11.847 1.00 26.86 ? 151  SER A CB  1 
ATOM   589  O  OG  . SER A 1 72  ? -4.738  7.218   -11.155 1.00 28.60 ? 151  SER A OG  1 
ATOM   590  N  N   . PRO A 1 73  ? -4.524  11.325  -11.555 1.00 22.06 ? 152  PRO A N   1 
ATOM   591  C  CA  . PRO A 1 73  ? -4.571  12.392  -10.563 1.00 19.05 ? 152  PRO A CA  1 
ATOM   592  C  C   . PRO A 1 73  ? -5.487  12.051  -9.418  1.00 17.81 ? 152  PRO A C   1 
ATOM   593  O  O   . PRO A 1 73  ? -6.402  11.245  -9.565  1.00 16.52 ? 152  PRO A O   1 
ATOM   594  C  CB  . PRO A 1 73  ? -5.102  13.558  -11.369 1.00 21.33 ? 152  PRO A CB  1 
ATOM   595  C  CG  . PRO A 1 73  ? -6.178  12.888  -12.158 1.00 22.85 ? 152  PRO A CG  1 
ATOM   596  C  CD  . PRO A 1 73  ? -5.523  11.585  -12.611 1.00 21.95 ? 152  PRO A CD  1 
ATOM   597  N  N   . PHE A 1 74  ? -5.237  12.664  -8.269  1.00 17.36 ? 153  PHE A N   1 
ATOM   598  C  CA  . PHE A 1 74  ? -6.103  12.440  -7.135  1.00 15.09 ? 153  PHE A CA  1 
ATOM   599  C  C   . PHE A 1 74  ? -7.266  13.409  -7.323  1.00 15.85 ? 153  PHE A C   1 
ATOM   600  O  O   . PHE A 1 74  ? -7.222  14.264  -8.210  1.00 14.76 ? 153  PHE A O   1 
ATOM   601  C  CB  . PHE A 1 74  ? -5.338  12.639  -5.821  1.00 16.64 ? 153  PHE A CB  1 
ATOM   602  C  CG  . PHE A 1 74  ? -4.451  11.468  -5.471  1.00 15.62 ? 153  PHE A CG  1 
ATOM   603  C  CD1 . PHE A 1 74  ? -4.977  10.175  -5.433  1.00 17.76 ? 153  PHE A CD1 1 
ATOM   604  C  CD2 . PHE A 1 74  ? -3.095  11.643  -5.211  1.00 19.10 ? 153  PHE A CD2 1 
ATOM   605  C  CE1 . PHE A 1 74  ? -4.167  9.073   -5.144  1.00 17.54 ? 153  PHE A CE1 1 
ATOM   606  C  CE2 . PHE A 1 74  ? -2.268  10.546  -4.919  1.00 18.44 ? 153  PHE A CE2 1 
ATOM   607  C  CZ  . PHE A 1 74  ? -2.807  9.259   -4.886  1.00 18.24 ? 153  PHE A CZ  1 
ATOM   608  N  N   . ASP A 1 75  ? -8.296  13.276  -6.496  1.00 13.11 ? 154  ASP A N   1 
ATOM   609  C  CA  . ASP A 1 75  ? -9.510  14.069  -6.644  1.00 13.54 ? 154  ASP A CA  1 
ATOM   610  C  C   . ASP A 1 75  ? -9.946  14.950  -5.478  1.00 14.13 ? 154  ASP A C   1 
ATOM   611  O  O   . ASP A 1 75  ? -11.140 15.210  -5.338  1.00 14.01 ? 154  ASP A O   1 
ATOM   612  C  CB  . ASP A 1 75  ? -10.654 13.108  -6.963  1.00 12.79 ? 154  ASP A CB  1 
ATOM   613  C  CG  . ASP A 1 75  ? -10.786 12.010  -5.916  1.00 13.19 ? 154  ASP A CG  1 
ATOM   614  O  OD1 . ASP A 1 75  ? -9.864  11.882  -5.085  1.00 11.04 ? 154  ASP A OD1 1 
ATOM   615  O  OD2 . ASP A 1 75  ? -11.789 11.269  -5.915  1.00 14.05 ? 154  ASP A OD2 1 
ATOM   616  N  N   . GLY A 1 76  ? -9.017  15.412  -4.649  1.00 13.79 ? 155  GLY A N   1 
ATOM   617  C  CA  . GLY A 1 76  ? -9.416  16.251  -3.530  1.00 13.01 ? 155  GLY A CA  1 
ATOM   618  C  C   . GLY A 1 76  ? -9.931  15.398  -2.386  1.00 14.94 ? 155  GLY A C   1 
ATOM   619  O  O   . GLY A 1 76  ? -9.919  14.190  -2.491  1.00 14.38 ? 155  GLY A O   1 
ATOM   620  N  N   . PRO A 1 77  ? -10.410 15.986  -1.284  1.00 14.70 ? 156  PRO A N   1 
ATOM   621  C  CA  . PRO A 1 77  ? -10.916 15.201  -0.148  1.00 14.70 ? 156  PRO A CA  1 
ATOM   622  C  C   . PRO A 1 77  ? -11.887 14.058  -0.485  1.00 14.92 ? 156  PRO A C   1 
ATOM   623  O  O   . PRO A 1 77  ? -12.791 14.218  -1.303  1.00 14.96 ? 156  PRO A O   1 
ATOM   624  C  CB  . PRO A 1 77  ? -11.562 16.270  0.739   1.00 14.18 ? 156  PRO A CB  1 
ATOM   625  C  CG  . PRO A 1 77  ? -10.710 17.468  0.473   1.00 12.45 ? 156  PRO A CG  1 
ATOM   626  C  CD  . PRO A 1 77  ? -10.547 17.428  -1.030  1.00 15.40 ? 156  PRO A CD  1 
ATOM   627  N  N   . ASN A 1 78  ? -11.684 12.914  0.170   1.00 16.01 ? 157  ASN A N   1 
ATOM   628  C  CA  . ASN A 1 78  ? -12.505 11.713  0.005   1.00 15.82 ? 157  ASN A CA  1 
ATOM   629  C  C   . ASN A 1 78  ? -12.421 11.121  -1.396  1.00 15.29 ? 157  ASN A C   1 
ATOM   630  O  O   . ASN A 1 78  ? -11.603 11.537  -2.182  1.00 16.26 ? 157  ASN A O   1 
ATOM   631  C  CB  . ASN A 1 78  ? -13.956 12.014  0.369   1.00 19.15 ? 157  ASN A CB  1 
ATOM   632  C  CG  . ASN A 1 78  ? -14.099 12.512  1.794   1.00 21.31 ? 157  ASN A CG  1 
ATOM   633  O  OD1 . ASN A 1 78  ? -13.631 11.874  2.737   1.00 23.14 ? 157  ASN A OD1 1 
ATOM   634  N  ND2 . ASN A 1 78  ? -14.750 13.656  1.960   1.00 25.31 ? 157  ASN A ND2 1 
ATOM   635  N  N   . GLY A 1 79  ? -13.262 10.146  -1.710  1.00 14.44 ? 158  GLY A N   1 
ATOM   636  C  CA  . GLY A 1 79  ? -13.191 9.544   -3.033  1.00 13.14 ? 158  GLY A CA  1 
ATOM   637  C  C   . GLY A 1 79  ? -11.949 8.672   -3.137  1.00 13.19 ? 158  GLY A C   1 
ATOM   638  O  O   . GLY A 1 79  ? -11.804 7.710   -2.381  1.00 12.16 ? 158  GLY A O   1 
ATOM   639  N  N   . ILE A 1 80  ? -11.052 9.002   -4.061  1.00 12.66 ? 159  ILE A N   1 
ATOM   640  C  CA  . ILE A 1 80  ? -9.819  8.232   -4.239  1.00 13.78 ? 159  ILE A CA  1 
ATOM   641  C  C   . ILE A 1 80  ? -8.841  8.526   -3.107  1.00 13.00 ? 159  ILE A C   1 
ATOM   642  O  O   . ILE A 1 80  ? -8.374  9.638   -2.986  1.00 15.81 ? 159  ILE A O   1 
ATOM   643  C  CB  . ILE A 1 80  ? -9.107  8.589   -5.564  1.00 13.58 ? 159  ILE A CB  1 
ATOM   644  C  CG1 . ILE A 1 80  ? -10.102 8.558   -6.727  1.00 14.75 ? 159  ILE A CG1 1 
ATOM   645  C  CG2 . ILE A 1 80  ? -7.927  7.640   -5.787  1.00 14.53 ? 159  ILE A CG2 1 
ATOM   646  C  CD1 . ILE A 1 80  ? -11.071 7.417   -6.690  1.00 18.57 ? 159  ILE A CD1 1 
ATOM   647  N  N   . LEU A 1 81  ? -8.504  7.529   -2.299  1.00 11.76 ? 160  LEU A N   1 
ATOM   648  C  CA  . LEU A 1 81  ? -7.588  7.739   -1.178  1.00 12.44 ? 160  LEU A CA  1 
ATOM   649  C  C   . LEU A 1 81  ? -6.130  7.549   -1.561  1.00 12.37 ? 160  LEU A C   1 
ATOM   650  O  O   . LEU A 1 81  ? -5.229  8.149   -0.969  1.00 11.30 ? 160  LEU A O   1 
ATOM   651  C  CB  . LEU A 1 81  ? -7.931  6.769   -0.046  1.00 14.48 ? 160  LEU A CB  1 
ATOM   652  C  CG  . LEU A 1 81  ? -9.401  6.768   0.371   1.00 14.43 ? 160  LEU A CG  1 
ATOM   653  C  CD1 . LEU A 1 81  ? -9.648  5.720   1.436   1.00 14.34 ? 160  LEU A CD1 1 
ATOM   654  C  CD2 . LEU A 1 81  ? -9.768  8.152   0.879   1.00 14.59 ? 160  LEU A CD2 1 
ATOM   655  N  N   . ALA A 1 82  ? -5.902  6.705   -2.557  1.00 12.11 ? 161  ALA A N   1 
ATOM   656  C  CA  . ALA A 1 82  ? -4.550  6.418   -3.000  1.00 10.72 ? 161  ALA A CA  1 
ATOM   657  C  C   . ALA A 1 82  ? -4.629  5.495   -4.200  1.00 11.81 ? 161  ALA A C   1 
ATOM   658  O  O   . ALA A 1 82  ? -5.711  5.198   -4.699  1.00 12.60 ? 161  ALA A O   1 
ATOM   659  C  CB  . ALA A 1 82  ? -3.780  5.731   -1.884  1.00 12.53 ? 161  ALA A CB  1 
ATOM   660  N  N   . HIS A 1 83  ? -3.464  5.058   -4.653  1.00 12.87 ? 162  HIS A N   1 
ATOM   661  C  CA  . HIS A 1 83  ? -3.349  4.122   -5.760  1.00 14.20 ? 162  HIS A CA  1 
ATOM   662  C  C   . HIS A 1 83  ? -1.889  3.723   -5.825  1.00 14.80 ? 162  HIS A C   1 
ATOM   663  O  O   . HIS A 1 83  ? -1.030  4.382   -5.234  1.00 13.50 ? 162  HIS A O   1 
ATOM   664  C  CB  . HIS A 1 83  ? -3.817  4.744   -7.081  1.00 13.99 ? 162  HIS A CB  1 
ATOM   665  C  CG  . HIS A 1 83  ? -3.053  5.959   -7.494  1.00 14.14 ? 162  HIS A CG  1 
ATOM   666  N  ND1 . HIS A 1 83  ? -3.668  7.160   -7.773  1.00 15.59 ? 162  HIS A ND1 1 
ATOM   667  C  CD2 . HIS A 1 83  ? -1.730  6.155   -7.708  1.00 13.06 ? 162  HIS A CD2 1 
ATOM   668  C  CE1 . HIS A 1 83  ? -2.759  8.043   -8.141  1.00 16.84 ? 162  HIS A CE1 1 
ATOM   669  N  NE2 . HIS A 1 83  ? -1.575  7.458   -8.111  1.00 14.71 ? 162  HIS A NE2 1 
ATOM   670  N  N   . ALA A 1 84  ? -1.608  2.631   -6.521  1.00 14.22 ? 163  ALA A N   1 
ATOM   671  C  CA  . ALA A 1 84  ? -0.246  2.150   -6.629  1.00 13.83 ? 163  ALA A CA  1 
ATOM   672  C  C   . ALA A 1 84  ? -0.047  1.500   -7.991  1.00 14.72 ? 163  ALA A C   1 
ATOM   673  O  O   . ALA A 1 84  ? -1.008  1.276   -8.729  1.00 14.41 ? 163  ALA A O   1 
ATOM   674  C  CB  . ALA A 1 84  ? 0.036   1.154   -5.517  1.00 12.27 ? 163  ALA A CB  1 
ATOM   675  N  N   . PHE A 1 85  ? 1.206   1.201   -8.315  1.00 14.99 ? 164  PHE A N   1 
ATOM   676  C  CA  . PHE A 1 85  ? 1.543   0.589   -9.594  1.00 15.58 ? 164  PHE A CA  1 
ATOM   677  C  C   . PHE A 1 85  ? 2.019   -0.836  -9.412  1.00 15.79 ? 164  PHE A C   1 
ATOM   678  O  O   . PHE A 1 85  ? 2.708   -1.159  -8.440  1.00 13.44 ? 164  PHE A O   1 
ATOM   679  C  CB  . PHE A 1 85  ? 2.624   1.409   -10.300 1.00 16.59 ? 164  PHE A CB  1 
ATOM   680  C  CG  . PHE A 1 85  ? 2.201   2.811   -10.610 1.00 18.75 ? 164  PHE A CG  1 
ATOM   681  C  CD1 . PHE A 1 85  ? 2.106   3.763   -9.598  1.00 16.46 ? 164  PHE A CD1 1 
ATOM   682  C  CD2 . PHE A 1 85  ? 1.845   3.169   -11.905 1.00 18.53 ? 164  PHE A CD2 1 
ATOM   683  C  CE1 . PHE A 1 85  ? 1.656   5.052   -9.874  1.00 17.42 ? 164  PHE A CE1 1 
ATOM   684  C  CE2 . PHE A 1 85  ? 1.394   4.456   -12.191 1.00 17.91 ? 164  PHE A CE2 1 
ATOM   685  C  CZ  . PHE A 1 85  ? 1.299   5.398   -11.171 1.00 18.65 ? 164  PHE A CZ  1 
ATOM   686  N  N   . GLN A 1 86  ? 1.654   -1.696  -10.358 1.00 17.15 ? 165  GLN A N   1 
ATOM   687  C  CA  . GLN A 1 86  ? 2.049   -3.089  -10.282 1.00 18.08 ? 165  GLN A CA  1 
ATOM   688  C  C   . GLN A 1 86  ? 3.564   -3.188  -10.306 1.00 16.24 ? 165  GLN A C   1 
ATOM   689  O  O   . GLN A 1 86  ? 4.249   -2.241  -10.683 1.00 16.39 ? 165  GLN A O   1 
ATOM   690  C  CB  . GLN A 1 86  ? 1.454   -3.882  -11.453 1.00 19.69 ? 165  GLN A CB  1 
ATOM   691  C  CG  . GLN A 1 86  ? 1.860   -3.400  -12.829 1.00 23.43 ? 165  GLN A CG  1 
ATOM   692  C  CD  . GLN A 1 86  ? 1.346   -4.316  -13.928 1.00 26.32 ? 165  GLN A CD  1 
ATOM   693  O  OE1 . GLN A 1 86  ? 0.164   -4.663  -13.960 1.00 29.09 ? 165  GLN A OE1 1 
ATOM   694  N  NE2 . GLN A 1 86  ? 2.232   -4.711  -14.835 1.00 27.79 ? 165  GLN A NE2 1 
ATOM   695  N  N   . PRO A 1 87  ? 4.108   -4.333  -9.874  1.00 18.41 ? 166  PRO A N   1 
ATOM   696  C  CA  . PRO A 1 87  ? 5.559   -4.525  -9.865  1.00 17.93 ? 166  PRO A CA  1 
ATOM   697  C  C   . PRO A 1 87  ? 6.179   -4.161  -11.214 1.00 18.89 ? 166  PRO A C   1 
ATOM   698  O  O   . PRO A 1 87  ? 5.634   -4.478  -12.274 1.00 18.51 ? 166  PRO A O   1 
ATOM   699  C  CB  . PRO A 1 87  ? 5.696   -6.007  -9.533  1.00 17.91 ? 166  PRO A CB  1 
ATOM   700  C  CG  . PRO A 1 87  ? 4.563   -6.211  -8.567  1.00 18.19 ? 166  PRO A CG  1 
ATOM   701  C  CD  . PRO A 1 87  ? 3.423   -5.479  -9.250  1.00 18.24 ? 166  PRO A CD  1 
ATOM   702  N  N   . GLY A 1 88  ? 7.317   -3.484  -11.156 1.00 19.22 ? 167  GLY A N   1 
ATOM   703  C  CA  . GLY A 1 88  ? 8.007   -3.075  -12.360 1.00 20.37 ? 167  GLY A CA  1 
ATOM   704  C  C   . GLY A 1 88  ? 9.051   -2.038  -12.009 1.00 21.33 ? 167  GLY A C   1 
ATOM   705  O  O   . GLY A 1 88  ? 9.202   -1.661  -10.843 1.00 21.23 ? 167  GLY A O   1 
ATOM   706  N  N   . GLN A 1 89  ? 9.780   -1.578  -13.015 1.00 21.20 ? 168  GLN A N   1 
ATOM   707  C  CA  . GLN A 1 89  ? 10.805  -0.571  -12.801 1.00 21.61 ? 168  GLN A CA  1 
ATOM   708  C  C   . GLN A 1 89  ? 10.192  0.824   -12.744 1.00 18.64 ? 168  GLN A C   1 
ATOM   709  O  O   . GLN A 1 89  ? 9.003   1.003   -12.987 1.00 16.25 ? 168  GLN A O   1 
ATOM   710  C  CB  . GLN A 1 89  ? 11.846  -0.652  -13.921 1.00 25.63 ? 168  GLN A CB  1 
ATOM   711  C  CG  . GLN A 1 89  ? 11.265  -0.988  -15.286 1.00 32.72 ? 168  GLN A CG  1 
ATOM   712  C  CD  . GLN A 1 89  ? 10.674  0.211   -16.005 1.00 36.38 ? 168  GLN A CD  1 
ATOM   713  O  OE1 . GLN A 1 89  ? 10.036  1.068   -15.398 1.00 39.65 ? 168  GLN A OE1 1 
ATOM   714  N  NE2 . GLN A 1 89  ? 10.870  0.263   -17.319 1.00 38.40 ? 168  GLN A NE2 1 
ATOM   715  N  N   . GLY A 1 90  ? 11.012  1.809   -12.408 1.00 17.17 ? 169  GLY A N   1 
ATOM   716  C  CA  . GLY A 1 90  ? 10.529  3.174   -12.352 1.00 17.25 ? 169  GLY A CA  1 
ATOM   717  C  C   . GLY A 1 90  ? 9.374   3.348   -11.393 1.00 17.81 ? 169  GLY A C   1 
ATOM   718  O  O   . GLY A 1 90  ? 9.505   3.066   -10.212 1.00 16.85 ? 169  GLY A O   1 
ATOM   719  N  N   . ILE A 1 91  ? 8.236   3.798   -11.904 1.00 16.35 ? 170  ILE A N   1 
ATOM   720  C  CA  . ILE A 1 91  ? 7.066   4.028   -11.074 1.00 17.34 ? 170  ILE A CA  1 
ATOM   721  C  C   . ILE A 1 91  ? 6.379   2.721   -10.659 1.00 16.89 ? 170  ILE A C   1 
ATOM   722  O  O   . ILE A 1 91  ? 5.569   2.703   -9.737  1.00 15.85 ? 170  ILE A O   1 
ATOM   723  C  CB  . ILE A 1 91  ? 6.075   4.942   -11.816 1.00 16.87 ? 170  ILE A CB  1 
ATOM   724  C  CG1 . ILE A 1 91  ? 4.985   5.422   -10.860 1.00 17.02 ? 170  ILE A CG1 1 
ATOM   725  C  CG2 . ILE A 1 91  ? 5.491   4.205   -13.012 1.00 17.04 ? 170  ILE A CG2 1 
ATOM   726  C  CD1 . ILE A 1 91  ? 4.263   6.660   -11.348 1.00 21.02 ? 170  ILE A CD1 1 
ATOM   727  N  N   . GLY A 1 92  ? 6.718   1.629   -11.338 1.00 16.98 ? 171  GLY A N   1 
ATOM   728  C  CA  . GLY A 1 92  ? 6.125   0.344   -11.009 1.00 17.00 ? 171  GLY A CA  1 
ATOM   729  C  C   . GLY A 1 92  ? 6.332   0.004   -9.546  1.00 16.45 ? 171  GLY A C   1 
ATOM   730  O  O   . GLY A 1 92  ? 7.421   0.166   -9.029  1.00 16.41 ? 171  GLY A O   1 
ATOM   731  N  N   . GLY A 1 93  ? 5.290   -0.469  -8.873  1.00 15.39 ? 172  GLY A N   1 
ATOM   732  C  CA  . GLY A 1 93  ? 5.430   -0.808  -7.470  1.00 15.82 ? 172  GLY A CA  1 
ATOM   733  C  C   . GLY A 1 93  ? 5.218   0.370   -6.536  1.00 14.74 ? 172  GLY A C   1 
ATOM   734  O  O   . GLY A 1 93  ? 4.926   0.184   -5.354  1.00 14.67 ? 172  GLY A O   1 
ATOM   735  N  N   . ASP A 1 94  ? 5.356   1.583   -7.061  1.00 14.21 ? 173  ASP A N   1 
ATOM   736  C  CA  . ASP A 1 94  ? 5.186   2.791   -6.250  1.00 12.81 ? 173  ASP A CA  1 
ATOM   737  C  C   . ASP A 1 94  ? 3.762   2.977   -5.729  1.00 12.23 ? 173  ASP A C   1 
ATOM   738  O  O   . ASP A 1 94  ? 2.792   2.563   -6.367  1.00 9.98  ? 173  ASP A O   1 
ATOM   739  C  CB  . ASP A 1 94  ? 5.611   4.020   -7.054  1.00 12.04 ? 173  ASP A CB  1 
ATOM   740  C  CG  . ASP A 1 94  ? 7.110   4.127   -7.195  1.00 12.69 ? 173  ASP A CG  1 
ATOM   741  O  OD1 . ASP A 1 94  ? 7.823   3.253   -6.653  1.00 12.32 ? 173  ASP A OD1 1 
ATOM   742  O  OD2 . ASP A 1 94  ? 7.580   5.087   -7.836  1.00 14.25 ? 173  ASP A OD2 1 
ATOM   743  N  N   . ALA A 1 95  ? 3.644   3.608   -4.565  1.00 11.73 ? 174  ALA A N   1 
ATOM   744  C  CA  . ALA A 1 95  ? 2.348   3.829   -3.944  1.00 11.76 ? 174  ALA A CA  1 
ATOM   745  C  C   . ALA A 1 95  ? 2.111   5.294   -3.605  1.00 12.59 ? 174  ALA A C   1 
ATOM   746  O  O   . ALA A 1 95  ? 2.863   5.902   -2.834  1.00 13.79 ? 174  ALA A O   1 
ATOM   747  C  CB  . ALA A 1 95  ? 2.226   2.977   -2.687  1.00 13.36 ? 174  ALA A CB  1 
ATOM   748  N  N   . HIS A 1 96  ? 1.050   5.850   -4.175  1.00 12.22 ? 175  HIS A N   1 
ATOM   749  C  CA  . HIS A 1 96  ? 0.707   7.244   -3.947  1.00 13.34 ? 175  HIS A CA  1 
ATOM   750  C  C   . HIS A 1 96  ? -0.547  7.395   -3.113  1.00 12.06 ? 175  HIS A C   1 
ATOM   751  O  O   . HIS A 1 96  ? -1.541  6.712   -3.337  1.00 12.49 ? 175  HIS A O   1 
ATOM   752  C  CB  . HIS A 1 96  ? 0.536   7.970   -5.280  1.00 12.09 ? 175  HIS A CB  1 
ATOM   753  C  CG  . HIS A 1 96  ? 1.772   7.958   -6.124  1.00 14.78 ? 175  HIS A CG  1 
ATOM   754  N  ND1 . HIS A 1 96  ? 3.025   7.734   -5.597  1.00 16.25 ? 175  HIS A ND1 1 
ATOM   755  C  CD2 . HIS A 1 96  ? 1.953   8.169   -7.448  1.00 12.41 ? 175  HIS A CD2 1 
ATOM   756  C  CE1 . HIS A 1 96  ? 3.923   7.808   -6.562  1.00 15.46 ? 175  HIS A CE1 1 
ATOM   757  N  NE2 . HIS A 1 96  ? 3.300   8.071   -7.695  1.00 16.59 ? 175  HIS A NE2 1 
ATOM   758  N  N   . PHE A 1 97  ? -0.488  8.304   -2.151  1.00 11.14 ? 176  PHE A N   1 
ATOM   759  C  CA  . PHE A 1 97  ? -1.616  8.552   -1.271  1.00 11.20 ? 176  PHE A CA  1 
ATOM   760  C  C   . PHE A 1 97  ? -2.087  9.991   -1.432  1.00 10.16 ? 176  PHE A C   1 
ATOM   761  O  O   . PHE A 1 97  ? -1.274  10.913  -1.536  1.00 8.91  ? 176  PHE A O   1 
ATOM   762  C  CB  . PHE A 1 97  ? -1.198  8.269   0.170   1.00 11.91 ? 176  PHE A CB  1 
ATOM   763  C  CG  . PHE A 1 97  ? -0.729  6.861   0.384   1.00 9.58  ? 176  PHE A CG  1 
ATOM   764  C  CD1 . PHE A 1 97  ? 0.529   6.458   -0.063  1.00 11.03 ? 176  PHE A CD1 1 
ATOM   765  C  CD2 . PHE A 1 97  ? -1.570  5.920   0.971   1.00 9.45  ? 176  PHE A CD2 1 
ATOM   766  C  CE1 . PHE A 1 97  ? 0.943   5.130   0.068   1.00 11.20 ? 176  PHE A CE1 1 
ATOM   767  C  CE2 . PHE A 1 97  ? -1.169  4.586   1.108   1.00 10.41 ? 176  PHE A CE2 1 
ATOM   768  C  CZ  . PHE A 1 97  ? 0.089   4.190   0.655   1.00 11.81 ? 176  PHE A CZ  1 
ATOM   769  N  N   . ASP A 1 98  ? -3.401  10.177  -1.475  1.00 9.63  ? 177  ASP A N   1 
ATOM   770  C  CA  . ASP A 1 98  ? -3.945  11.514  -1.631  1.00 10.21 ? 177  ASP A CA  1 
ATOM   771  C  C   . ASP A 1 98  ? -3.627  12.342  -0.396  1.00 11.55 ? 177  ASP A C   1 
ATOM   772  O  O   . ASP A 1 98  ? -4.066  12.024  0.707   1.00 12.34 ? 177  ASP A O   1 
ATOM   773  C  CB  . ASP A 1 98  ? -5.456  11.467  -1.833  1.00 9.52  ? 177  ASP A CB  1 
ATOM   774  C  CG  . ASP A 1 98  ? -6.000  12.765  -2.379  1.00 10.92 ? 177  ASP A CG  1 
ATOM   775  O  OD1 . ASP A 1 98  ? -5.555  13.843  -1.936  1.00 12.52 ? 177  ASP A OD1 1 
ATOM   776  O  OD2 . ASP A 1 98  ? -6.875  12.715  -3.259  1.00 11.05 ? 177  ASP A OD2 1 
ATOM   777  N  N   . ALA A 1 99  ? -2.862  13.409  -0.603  1.00 12.18 ? 178  ALA A N   1 
ATOM   778  C  CA  . ALA A 1 99  ? -2.447  14.306  0.462   1.00 13.71 ? 178  ALA A CA  1 
ATOM   779  C  C   . ALA A 1 99  ? -3.576  15.158  1.035   1.00 14.50 ? 178  ALA A C   1 
ATOM   780  O  O   . ALA A 1 99  ? -3.388  15.838  2.043   1.00 14.62 ? 178  ALA A O   1 
ATOM   781  C  CB  . ALA A 1 99  ? -1.330  15.210  -0.044  1.00 14.53 ? 178  ALA A CB  1 
ATOM   782  N  N   . GLU A 1 100 ? -4.743  15.137  0.399   1.00 13.60 ? 179  GLU A N   1 
ATOM   783  C  CA  . GLU A 1 100 ? -5.858  15.931  0.894   1.00 16.55 ? 179  GLU A CA  1 
ATOM   784  C  C   . GLU A 1 100 ? -6.795  15.152  1.816   1.00 16.23 ? 179  GLU A C   1 
ATOM   785  O  O   . GLU A 1 100 ? -7.872  15.640  2.168   1.00 18.15 ? 179  GLU A O   1 
ATOM   786  C  CB  . GLU A 1 100 ? -6.640  16.524  -0.284  1.00 16.89 ? 179  GLU A CB  1 
ATOM   787  C  CG  . GLU A 1 100 ? -5.797  17.456  -1.148  1.00 21.15 ? 179  GLU A CG  1 
ATOM   788  C  CD  . GLU A 1 100 ? -6.609  18.217  -2.175  1.00 22.02 ? 179  GLU A CD  1 
ATOM   789  O  OE1 . GLU A 1 100 ? -7.398  19.100  -1.777  1.00 23.39 ? 179  GLU A OE1 1 
ATOM   790  O  OE2 . GLU A 1 100 ? -6.461  17.930  -3.382  1.00 20.01 ? 179  GLU A OE2 1 
ATOM   791  N  N   . GLU A 1 101 ? -6.386  13.951  2.217   1.00 13.77 ? 180  GLU A N   1 
ATOM   792  C  CA  . GLU A 1 101 ? -7.208  13.131  3.105   1.00 15.01 ? 180  GLU A CA  1 
ATOM   793  C  C   . GLU A 1 101 ? -6.891  13.397  4.563   1.00 14.50 ? 180  GLU A C   1 
ATOM   794  O  O   . GLU A 1 101 ? -5.810  13.873  4.896   1.00 15.26 ? 180  GLU A O   1 
ATOM   795  C  CB  . GLU A 1 101 ? -6.980  11.635  2.876   1.00 15.02 ? 180  GLU A CB  1 
ATOM   796  C  CG  . GLU A 1 101 ? -7.290  11.117  1.500   1.00 12.74 ? 180  GLU A CG  1 
ATOM   797  C  CD  . GLU A 1 101 ? -8.612  11.606  0.972   1.00 16.64 ? 180  GLU A CD  1 
ATOM   798  O  OE1 . GLU A 1 101 ? -9.508  11.976  1.761   1.00 12.66 ? 180  GLU A OE1 1 
ATOM   799  O  OE2 . GLU A 1 101 ? -8.753  11.609  -0.256  1.00 12.04 ? 180  GLU A OE2 1 
ATOM   800  N  N   . THR A 1 102 ? -7.844  13.061  5.421   1.00 14.67 ? 181  THR A N   1 
ATOM   801  C  CA  . THR A 1 102 ? -7.679  13.208  6.857   1.00 16.59 ? 181  THR A CA  1 
ATOM   802  C  C   . THR A 1 102 ? -7.087  11.884  7.338   1.00 14.72 ? 181  THR A C   1 
ATOM   803  O  O   . THR A 1 102 ? -7.755  11.097  8.004   1.00 15.02 ? 181  THR A O   1 
ATOM   804  C  CB  . THR A 1 102 ? -9.029  13.430  7.552   1.00 19.63 ? 181  THR A CB  1 
ATOM   805  O  OG1 . THR A 1 102 ? -9.924  12.365  7.199   1.00 22.95 ? 181  THR A OG1 1 
ATOM   806  C  CG2 . THR A 1 102 ? -9.643  14.751  7.126   1.00 22.21 ? 181  THR A CG2 1 
ATOM   807  N  N   . TRP A 1 103 ? -5.832  11.641  6.973   1.00 15.50 ? 182  TRP A N   1 
ATOM   808  C  CA  . TRP A 1 103 ? -5.134  10.417  7.348   1.00 14.82 ? 182  TRP A CA  1 
ATOM   809  C  C   . TRP A 1 103 ? -5.098  10.220  8.851   1.00 16.31 ? 182  TRP A C   1 
ATOM   810  O  O   . TRP A 1 103 ? -5.021  11.185  9.606   1.00 15.70 ? 182  TRP A O   1 
ATOM   811  C  CB  . TRP A 1 103 ? -3.723  10.442  6.788   1.00 13.42 ? 182  TRP A CB  1 
ATOM   812  C  CG  . TRP A 1 103 ? -3.735  10.392  5.291   1.00 15.04 ? 182  TRP A CG  1 
ATOM   813  C  CD1 . TRP A 1 103 ? -3.286  11.350  4.434   1.00 14.91 ? 182  TRP A CD1 1 
ATOM   814  C  CD2 . TRP A 1 103 ? -4.225  9.320   4.479   1.00 13.54 ? 182  TRP A CD2 1 
ATOM   815  N  NE1 . TRP A 1 103 ? -3.463  10.940  3.131   1.00 14.67 ? 182  TRP A NE1 1 
ATOM   816  C  CE2 . TRP A 1 103 ? -4.038  9.697   3.131   1.00 13.70 ? 182  TRP A CE2 1 
ATOM   817  C  CE3 . TRP A 1 103 ? -4.803  8.074   4.760   1.00 13.48 ? 182  TRP A CE3 1 
ATOM   818  C  CZ2 . TRP A 1 103 ? -4.409  8.871   2.060   1.00 13.44 ? 182  TRP A CZ2 1 
ATOM   819  C  CZ3 . TRP A 1 103 ? -5.173  7.252   3.696   1.00 13.71 ? 182  TRP A CZ3 1 
ATOM   820  C  CH2 . TRP A 1 103 ? -4.973  7.655   2.363   1.00 12.67 ? 182  TRP A CH2 1 
ATOM   821  N  N   . THR A 1 104 ? -5.152  8.960   9.278   1.00 16.08 ? 183  THR A N   1 
ATOM   822  C  CA  . THR A 1 104 ? -5.161  8.623   10.694  1.00 17.01 ? 183  THR A CA  1 
ATOM   823  C  C   . THR A 1 104 ? -4.463  7.290   10.936  1.00 17.58 ? 183  THR A C   1 
ATOM   824  O  O   . THR A 1 104 ? -4.208  6.530   9.999   1.00 18.05 ? 183  THR A O   1 
ATOM   825  C  CB  . THR A 1 104 ? -6.599  8.425   11.195  1.00 17.95 ? 183  THR A CB  1 
ATOM   826  O  OG1 . THR A 1 104 ? -6.990  7.068   10.951  1.00 20.70 ? 183  THR A OG1 1 
ATOM   827  C  CG2 . THR A 1 104 ? -7.572  9.327   10.442  1.00 18.42 ? 183  THR A CG2 1 
ATOM   828  N  N   . ASN A 1 105 ? -4.157  7.010   12.199  1.00 18.48 ? 184  ASN A N   1 
ATOM   829  C  CA  . ASN A 1 105 ? -3.571  5.725   12.559  1.00 20.63 ? 184  ASN A CA  1 
ATOM   830  C  C   . ASN A 1 105 ? -4.526  5.083   13.562  1.00 21.71 ? 184  ASN A C   1 
ATOM   831  O  O   . ASN A 1 105 ? -4.177  4.157   14.293  1.00 21.37 ? 184  ASN A O   1 
ATOM   832  C  CB  . ASN A 1 105 ? -2.151  5.869   13.128  1.00 21.81 ? 184  ASN A CB  1 
ATOM   833  C  CG  . ASN A 1 105 ? -2.092  6.665   14.417  1.00 23.22 ? 184  ASN A CG  1 
ATOM   834  O  OD1 . ASN A 1 105 ? -1.046  6.709   15.067  1.00 27.35 ? 184  ASN A OD1 1 
ATOM   835  N  ND2 . ASN A 1 105 ? -3.196  7.300   14.792  1.00 21.14 ? 184  ASN A ND2 1 
ATOM   836  N  N   . THR A 1 106 ? -5.748  5.608   13.571  1.00 22.15 ? 185  THR A N   1 
ATOM   837  C  CA  . THR A 1 106 ? -6.820  5.123   14.429  1.00 23.15 ? 185  THR A CA  1 
ATOM   838  C  C   . THR A 1 106 ? -7.916  4.623   13.492  1.00 24.32 ? 185  THR A C   1 
ATOM   839  O  O   . THR A 1 106 ? -7.713  4.551   12.278  1.00 24.54 ? 185  THR A O   1 
ATOM   840  C  CB  . THR A 1 106 ? -7.411  6.252   15.293  1.00 23.24 ? 185  THR A CB  1 
ATOM   841  O  OG1 . THR A 1 106 ? -8.158  7.149   14.459  1.00 21.08 ? 185  THR A OG1 1 
ATOM   842  C  CG2 . THR A 1 106 ? -6.298  7.020   15.997  1.00 21.28 ? 185  THR A CG2 1 
ATOM   843  N  N   . SER A 1 107 ? -9.076  4.296   14.048  1.00 24.66 ? 186  SER A N   1 
ATOM   844  C  CA  . SER A 1 107 ? -10.190 3.803   13.242  1.00 26.23 ? 186  SER A CA  1 
ATOM   845  C  C   . SER A 1 107 ? -10.906 4.898   12.462  1.00 25.56 ? 186  SER A C   1 
ATOM   846  O  O   . SER A 1 107 ? -11.624 4.614   11.503  1.00 26.42 ? 186  SER A O   1 
ATOM   847  C  CB  . SER A 1 107 ? -11.199 3.069   14.125  1.00 28.95 ? 186  SER A CB  1 
ATOM   848  O  OG  . SER A 1 107 ? -12.323 2.656   13.370  1.00 34.89 ? 186  SER A OG  1 
ATOM   849  N  N   . ALA A 1 108 ? -10.723 6.148   12.872  1.00 22.35 ? 187  ALA A N   1 
ATOM   850  C  CA  . ALA A 1 108 ? -11.363 7.254   12.177  1.00 20.77 ? 187  ALA A CA  1 
ATOM   851  C  C   . ALA A 1 108 ? -10.900 7.263   10.720  1.00 20.86 ? 187  ALA A C   1 
ATOM   852  O  O   . ALA A 1 108 ? -9.809  6.787   10.412  1.00 20.30 ? 187  ALA A O   1 
ATOM   853  C  CB  . ALA A 1 108 ? -11.006 8.565   12.850  1.00 20.17 ? 187  ALA A CB  1 
ATOM   854  N  N   . ASN A 1 109 ? -11.729 7.795   9.825   1.00 19.63 ? 188  ASN A N   1 
ATOM   855  C  CA  . ASN A 1 109 ? -11.366 7.856   8.410   1.00 19.90 ? 188  ASN A CA  1 
ATOM   856  C  C   . ASN A 1 109 ? -10.286 8.918   8.209   1.00 18.02 ? 188  ASN A C   1 
ATOM   857  O  O   . ASN A 1 109 ? -10.446 10.049  8.666   1.00 18.33 ? 188  ASN A O   1 
ATOM   858  C  CB  . ASN A 1 109 ? -12.575 8.229   7.547   1.00 22.20 ? 188  ASN A CB  1 
ATOM   859  C  CG  . ASN A 1 109 ? -13.770 7.333   7.787   1.00 23.39 ? 188  ASN A CG  1 
ATOM   860  O  OD1 . ASN A 1 109 ? -13.651 6.106   7.836   1.00 23.24 ? 188  ASN A OD1 1 
ATOM   861  N  ND2 . ASN A 1 109 ? -14.941 7.947   7.923   1.00 24.80 ? 188  ASN A ND2 1 
ATOM   862  N  N   . TYR A 1 110 ? -9.188  8.568   7.542   1.00 14.68 ? 189  TYR A N   1 
ATOM   863  C  CA  . TYR A 1 110 ? -8.965  7.232   6.996   1.00 15.02 ? 189  TYR A CA  1 
ATOM   864  C  C   . TYR A 1 110 ? -7.652  6.690   7.541   1.00 13.09 ? 189  TYR A C   1 
ATOM   865  O  O   . TYR A 1 110 ? -6.637  7.387   7.530   1.00 13.14 ? 189  TYR A O   1 
ATOM   866  C  CB  . TYR A 1 110 ? -8.878  7.276   5.469   1.00 15.71 ? 189  TYR A CB  1 
ATOM   867  C  CG  . TYR A 1 110 ? -10.128 7.770   4.800   1.00 18.07 ? 189  TYR A CG  1 
ATOM   868  C  CD1 . TYR A 1 110 ? -10.342 9.131   4.598   1.00 20.31 ? 189  TYR A CD1 1 
ATOM   869  C  CD2 . TYR A 1 110 ? -11.121 6.879   4.406   1.00 19.87 ? 189  TYR A CD2 1 
ATOM   870  C  CE1 . TYR A 1 110 ? -11.518 9.595   4.021   1.00 22.53 ? 189  TYR A CE1 1 
ATOM   871  C  CE2 . TYR A 1 110 ? -12.301 7.328   3.830   1.00 22.41 ? 189  TYR A CE2 1 
ATOM   872  C  CZ  . TYR A 1 110 ? -12.494 8.686   3.642   1.00 23.18 ? 189  TYR A CZ  1 
ATOM   873  O  OH  . TYR A 1 110 ? -13.668 9.132   3.081   1.00 25.76 ? 189  TYR A OH  1 
ATOM   874  N  N   . ASN A 1 111 ? -7.672  5.447   8.009   1.00 12.69 ? 190  ASN A N   1 
ATOM   875  C  CA  . ASN A 1 111 ? -6.479  4.813   8.553   1.00 13.04 ? 190  ASN A CA  1 
ATOM   876  C  C   . ASN A 1 111 ? -5.435  4.549   7.464   1.00 14.04 ? 190  ASN A C   1 
ATOM   877  O  O   . ASN A 1 111 ? -5.665  3.762   6.542   1.00 13.17 ? 190  ASN A O   1 
ATOM   878  C  CB  . ASN A 1 111 ? -6.857  3.503   9.252   1.00 15.89 ? 190  ASN A CB  1 
ATOM   879  C  CG  . ASN A 1 111 ? -5.656  2.801   9.862   1.00 17.72 ? 190  ASN A CG  1 
ATOM   880  O  OD1 . ASN A 1 111 ? -4.885  2.140   9.162   1.00 17.96 ? 190  ASN A OD1 1 
ATOM   881  N  ND2 . ASN A 1 111 ? -5.486  2.949   11.175  1.00 18.56 ? 190  ASN A ND2 1 
ATOM   882  N  N   . LEU A 1 112 ? -4.291  5.217   7.581   1.00 13.32 ? 191  LEU A N   1 
ATOM   883  C  CA  . LEU A 1 112 ? -3.209  5.070   6.616   1.00 12.94 ? 191  LEU A CA  1 
ATOM   884  C  C   . LEU A 1 112 ? -2.662  3.645   6.585   1.00 13.85 ? 191  LEU A C   1 
ATOM   885  O  O   . LEU A 1 112 ? -2.312  3.125   5.523   1.00 11.23 ? 191  LEU A O   1 
ATOM   886  C  CB  . LEU A 1 112 ? -2.081  6.048   6.941   1.00 12.93 ? 191  LEU A CB  1 
ATOM   887  C  CG  . LEU A 1 112 ? -0.806  5.875   6.116   1.00 12.51 ? 191  LEU A CG  1 
ATOM   888  C  CD1 . LEU A 1 112 ? -1.115  6.072   4.631   1.00 10.84 ? 191  LEU A CD1 1 
ATOM   889  C  CD2 . LEU A 1 112 ? 0.239   6.871   6.596   1.00 14.11 ? 191  LEU A CD2 1 
ATOM   890  N  N   . PHE A 1 113 ? -2.577  3.017   7.753   1.00 13.01 ? 192  PHE A N   1 
ATOM   891  C  CA  . PHE A 1 113 ? -2.084  1.649   7.833   1.00 14.01 ? 192  PHE A CA  1 
ATOM   892  C  C   . PHE A 1 113 ? -2.887  0.733   6.910   1.00 14.03 ? 192  PHE A C   1 
ATOM   893  O  O   . PHE A 1 113 ? -2.316  -0.006  6.111   1.00 12.95 ? 192  PHE A O   1 
ATOM   894  C  CB  . PHE A 1 113 ? -2.176  1.138   9.273   1.00 16.25 ? 192  PHE A CB  1 
ATOM   895  C  CG  . PHE A 1 113 ? -2.093  -0.354  9.393   1.00 16.91 ? 192  PHE A CG  1 
ATOM   896  C  CD1 . PHE A 1 113 ? -0.915  -1.030  9.084   1.00 17.39 ? 192  PHE A CD1 1 
ATOM   897  C  CD2 . PHE A 1 113 ? -3.199  -1.087  9.820   1.00 18.17 ? 192  PHE A CD2 1 
ATOM   898  C  CE1 . PHE A 1 113 ? -0.838  -2.415  9.199   1.00 17.92 ? 192  PHE A CE1 1 
ATOM   899  C  CE2 . PHE A 1 113 ? -3.135  -2.474  9.938   1.00 16.94 ? 192  PHE A CE2 1 
ATOM   900  C  CZ  . PHE A 1 113 ? -1.952  -3.140  9.628   1.00 19.81 ? 192  PHE A CZ  1 
ATOM   901  N  N   . LEU A 1 114 ? -4.212  0.802   7.015   1.00 12.49 ? 193  LEU A N   1 
ATOM   902  C  CA  . LEU A 1 114 ? -5.092  -0.031  6.201   1.00 13.12 ? 193  LEU A CA  1 
ATOM   903  C  C   . LEU A 1 114 ? -5.037  0.307   4.713   1.00 11.82 ? 193  LEU A C   1 
ATOM   904  O  O   . LEU A 1 114 ? -4.976  -0.594  3.873   1.00 12.78 ? 193  LEU A O   1 
ATOM   905  C  CB  . LEU A 1 114 ? -6.538  0.084   6.693   1.00 13.10 ? 193  LEU A CB  1 
ATOM   906  C  CG  . LEU A 1 114 ? -6.828  -0.342  8.141   1.00 16.15 ? 193  LEU A CG  1 
ATOM   907  C  CD1 . LEU A 1 114 ? -8.285  -0.091  8.449   1.00 16.73 ? 193  LEU A CD1 1 
ATOM   908  C  CD2 . LEU A 1 114 ? -6.496  -1.814  8.342   1.00 15.88 ? 193  LEU A CD2 1 
ATOM   909  N  N   . VAL A 1 115 ? -5.066  1.592   4.377   1.00 11.36 ? 194  VAL A N   1 
ATOM   910  C  CA  . VAL A 1 115 ? -5.017  1.962   2.970   1.00 11.61 ? 194  VAL A CA  1 
ATOM   911  C  C   . VAL A 1 115 ? -3.674  1.558   2.376   1.00 11.67 ? 194  VAL A C   1 
ATOM   912  O  O   . VAL A 1 115 ? -3.616  0.997   1.278   1.00 10.65 ? 194  VAL A O   1 
ATOM   913  C  CB  . VAL A 1 115 ? -5.229  3.477   2.755   1.00 11.61 ? 194  VAL A CB  1 
ATOM   914  C  CG1 . VAL A 1 115 ? -5.102  3.811   1.264   1.00 8.29  ? 194  VAL A CG1 1 
ATOM   915  C  CG2 . VAL A 1 115 ? -6.598  3.886   3.262   1.00 11.08 ? 194  VAL A CG2 1 
ATOM   916  N  N   . ALA A 1 116 ? -2.594  1.832   3.103   1.00 9.96  ? 195  ALA A N   1 
ATOM   917  C  CA  . ALA A 1 116 ? -1.268  1.473   2.612   1.00 10.92 ? 195  ALA A CA  1 
ATOM   918  C  C   . ALA A 1 116 ? -1.184  -0.041  2.442   1.00 12.42 ? 195  ALA A C   1 
ATOM   919  O  O   . ALA A 1 116 ? -0.709  -0.538  1.412   1.00 12.66 ? 195  ALA A O   1 
ATOM   920  C  CB  . ALA A 1 116 ? -0.193  1.959   3.576   1.00 10.49 ? 195  ALA A CB  1 
ATOM   921  N  N   . ALA A 1 117 ? -1.640  -0.771  3.457   1.00 11.44 ? 196  ALA A N   1 
ATOM   922  C  CA  . ALA A 1 117 ? -1.622  -2.228  3.405   1.00 14.67 ? 196  ALA A CA  1 
ATOM   923  C  C   . ALA A 1 117 ? -2.292  -2.675  2.108   1.00 13.09 ? 196  ALA A C   1 
ATOM   924  O  O   . ALA A 1 117 ? -1.793  -3.544  1.393   1.00 14.49 ? 196  ALA A O   1 
ATOM   925  C  CB  . ALA A 1 117 ? -2.359  -2.800  4.603   1.00 13.71 ? 196  ALA A CB  1 
ATOM   926  N  N   . HIS A 1 118 ? -3.430  -2.058  1.813   1.00 12.27 ? 197  HIS A N   1 
ATOM   927  C  CA  . HIS A 1 118 ? -4.190  -2.360  0.607   1.00 11.42 ? 197  HIS A CA  1 
ATOM   928  C  C   . HIS A 1 118 ? -3.399  -2.066  -0.668  1.00 10.06 ? 197  HIS A C   1 
ATOM   929  O  O   . HIS A 1 118 ? -3.236  -2.930  -1.529  1.00 12.46 ? 197  HIS A O   1 
ATOM   930  C  CB  . HIS A 1 118 ? -5.467  -1.532  0.596   1.00 11.50 ? 197  HIS A CB  1 
ATOM   931  C  CG  . HIS A 1 118 ? -6.300  -1.735  -0.627  1.00 14.52 ? 197  HIS A CG  1 
ATOM   932  N  ND1 . HIS A 1 118 ? -7.224  -2.750  -0.736  1.00 14.31 ? 197  HIS A ND1 1 
ATOM   933  C  CD2 . HIS A 1 118 ? -6.335  -1.063  -1.802  1.00 15.22 ? 197  HIS A CD2 1 
ATOM   934  C  CE1 . HIS A 1 118 ? -7.797  -2.693  -1.924  1.00 18.04 ? 197  HIS A CE1 1 
ATOM   935  N  NE2 . HIS A 1 118 ? -7.276  -1.677  -2.590  1.00 17.90 ? 197  HIS A NE2 1 
ATOM   936  N  N   . GLU A 1 119 ? -2.924  -0.831  -0.791  1.00 11.07 ? 198  GLU A N   1 
ATOM   937  C  CA  . GLU A 1 119 ? -2.161  -0.421  -1.961  1.00 10.43 ? 198  GLU A CA  1 
ATOM   938  C  C   . GLU A 1 119 ? -0.904  -1.254  -2.175  1.00 12.07 ? 198  GLU A C   1 
ATOM   939  O  O   . GLU A 1 119 ? -0.531  -1.544  -3.313  1.00 10.16 ? 198  GLU A O   1 
ATOM   940  C  CB  . GLU A 1 119 ? -1.786  1.057   -1.853  1.00 12.05 ? 198  GLU A CB  1 
ATOM   941  C  CG  . GLU A 1 119 ? -2.962  2.008   -2.011  1.00 13.62 ? 198  GLU A CG  1 
ATOM   942  C  CD  . GLU A 1 119 ? -3.747  1.765   -3.293  1.00 14.96 ? 198  GLU A CD  1 
ATOM   943  O  OE1 . GLU A 1 119 ? -3.141  1.305   -4.286  1.00 13.48 ? 198  GLU A OE1 1 
ATOM   944  O  OE2 . GLU A 1 119 ? -4.966  2.050   -3.312  1.00 13.96 ? 198  GLU A OE2 1 
ATOM   945  N  N   . PHE A 1 120 ? -0.240  -1.632  -1.088  1.00 10.36 ? 199  PHE A N   1 
ATOM   946  C  CA  . PHE A 1 120 ? 0.957   -2.441  -1.222  1.00 10.86 ? 199  PHE A CA  1 
ATOM   947  C  C   . PHE A 1 120 ? 0.597   -3.765  -1.894  1.00 11.51 ? 199  PHE A C   1 
ATOM   948  O  O   . PHE A 1 120 ? 1.429   -4.364  -2.577  1.00 10.35 ? 199  PHE A O   1 
ATOM   949  C  CB  . PHE A 1 120 ? 1.618   -2.663  0.138   1.00 13.53 ? 199  PHE A CB  1 
ATOM   950  C  CG  . PHE A 1 120 ? 2.248   -1.421  0.714   1.00 14.00 ? 199  PHE A CG  1 
ATOM   951  C  CD1 . PHE A 1 120 ? 2.549   -0.333  -0.103  1.00 13.07 ? 199  PHE A CD1 1 
ATOM   952  C  CD2 . PHE A 1 120 ? 2.545   -1.342  2.071   1.00 14.67 ? 199  PHE A CD2 1 
ATOM   953  C  CE1 . PHE A 1 120 ? 3.131   0.813   0.419   1.00 16.10 ? 199  PHE A CE1 1 
ATOM   954  C  CE2 . PHE A 1 120 ? 3.129   -0.203  2.606   1.00 15.04 ? 199  PHE A CE2 1 
ATOM   955  C  CZ  . PHE A 1 120 ? 3.423   0.878   1.784   1.00 15.80 ? 199  PHE A CZ  1 
ATOM   956  N  N   . GLY A 1 121 ? -0.645  -4.209  -1.698  1.00 11.83 ? 200  GLY A N   1 
ATOM   957  C  CA  . GLY A 1 121 ? -1.106  -5.427  -2.345  1.00 10.83 ? 200  GLY A CA  1 
ATOM   958  C  C   . GLY A 1 121 ? -0.935  -5.234  -3.846  1.00 11.69 ? 200  GLY A C   1 
ATOM   959  O  O   . GLY A 1 121 ? -0.426  -6.114  -4.550  1.00 10.00 ? 200  GLY A O   1 
ATOM   960  N  N   . HIS A 1 122 ? -1.353  -4.070  -4.341  1.00 13.08 ? 201  HIS A N   1 
ATOM   961  C  CA  . HIS A 1 122 ? -1.213  -3.753  -5.763  1.00 13.62 ? 201  HIS A CA  1 
ATOM   962  C  C   . HIS A 1 122 ? 0.260   -3.587  -6.123  1.00 13.25 ? 201  HIS A C   1 
ATOM   963  O  O   . HIS A 1 122 ? 0.695   -3.995  -7.197  1.00 10.77 ? 201  HIS A O   1 
ATOM   964  C  CB  . HIS A 1 122 ? -1.952  -2.465  -6.114  1.00 12.81 ? 201  HIS A CB  1 
ATOM   965  C  CG  . HIS A 1 122 ? -3.432  -2.563  -5.955  1.00 13.19 ? 201  HIS A CG  1 
ATOM   966  N  ND1 . HIS A 1 122 ? -4.166  -3.613  -6.466  1.00 14.14 ? 201  HIS A ND1 1 
ATOM   967  C  CD2 . HIS A 1 122 ? -4.322  -1.730  -5.370  1.00 14.23 ? 201  HIS A CD2 1 
ATOM   968  C  CE1 . HIS A 1 122 ? -5.444  -3.421  -6.201  1.00 16.76 ? 201  HIS A CE1 1 
ATOM   969  N  NE2 . HIS A 1 122 ? -5.566  -2.285  -5.537  1.00 15.05 ? 201  HIS A NE2 1 
ATOM   970  N  N   . SER A 1 123 ? 1.019   -2.972  -5.222  1.00 9.69  ? 202  SER A N   1 
ATOM   971  C  CA  . SER A 1 123 ? 2.446   -2.777  -5.442  1.00 12.61 ? 202  SER A CA  1 
ATOM   972  C  C   . SER A 1 123 ? 3.129   -4.133  -5.588  1.00 14.47 ? 202  SER A C   1 
ATOM   973  O  O   . SER A 1 123 ? 4.190   -4.240  -6.204  1.00 13.12 ? 202  SER A O   1 
ATOM   974  C  CB  . SER A 1 123 ? 3.071   -2.025  -4.263  1.00 12.35 ? 202  SER A CB  1 
ATOM   975  O  OG  . SER A 1 123 ? 2.539   -0.719  -4.156  1.00 13.38 ? 202  SER A OG  1 
ATOM   976  N  N   . LEU A 1 124 ? 2.516   -5.165  -5.013  1.00 14.50 ? 203  LEU A N   1 
ATOM   977  C  CA  . LEU A 1 124 ? 3.084   -6.502  -5.076  1.00 14.62 ? 203  LEU A CA  1 
ATOM   978  C  C   . LEU A 1 124 ? 2.495   -7.327  -6.212  1.00 13.53 ? 203  LEU A C   1 
ATOM   979  O  O   . LEU A 1 124 ? 2.960   -8.433  -6.482  1.00 15.84 ? 203  LEU A O   1 
ATOM   980  C  CB  . LEU A 1 124 ? 2.896   -7.216  -3.735  1.00 12.79 ? 203  LEU A CB  1 
ATOM   981  C  CG  . LEU A 1 124 ? 3.562   -6.481  -2.560  1.00 13.09 ? 203  LEU A CG  1 
ATOM   982  C  CD1 . LEU A 1 124 ? 3.347   -7.261  -1.260  1.00 12.91 ? 203  LEU A CD1 1 
ATOM   983  C  CD2 . LEU A 1 124 ? 5.041   -6.306  -2.836  1.00 13.75 ? 203  LEU A CD2 1 
ATOM   984  N  N   . GLY A 1 125 ? 1.473   -6.791  -6.871  1.00 13.25 ? 204  GLY A N   1 
ATOM   985  C  CA  . GLY A 1 125 ? 0.874   -7.496  -7.993  1.00 14.57 ? 204  GLY A CA  1 
ATOM   986  C  C   . GLY A 1 125 ? -0.518  -8.047  -7.778  1.00 14.11 ? 204  GLY A C   1 
ATOM   987  O  O   . GLY A 1 125 ? -1.060  -8.720  -8.651  1.00 14.41 ? 204  GLY A O   1 
ATOM   988  N  N   . LEU A 1 126 ? -1.112  -7.776  -6.624  1.00 14.32 ? 205  LEU A N   1 
ATOM   989  C  CA  . LEU A 1 126 ? -2.451  -8.283  -6.365  1.00 14.40 ? 205  LEU A CA  1 
ATOM   990  C  C   . LEU A 1 126 ? -3.532  -7.387  -6.956  1.00 14.54 ? 205  LEU A C   1 
ATOM   991  O  O   . LEU A 1 126 ? -3.400  -6.163  -6.986  1.00 14.91 ? 205  LEU A O   1 
ATOM   992  C  CB  . LEU A 1 126 ? -2.694  -8.442  -4.858  1.00 15.07 ? 205  LEU A CB  1 
ATOM   993  C  CG  . LEU A 1 126 ? -2.000  -9.613  -4.153  1.00 16.31 ? 205  LEU A CG  1 
ATOM   994  C  CD1 . LEU A 1 126 ? -2.435  -9.679  -2.698  1.00 17.82 ? 205  LEU A CD1 1 
ATOM   995  C  CD2 . LEU A 1 126 ? -2.358  -10.911 -4.857  1.00 16.94 ? 205  LEU A CD2 1 
ATOM   996  N  N   . ALA A 1 127 ? -4.595  -8.019  -7.438  1.00 13.92 ? 206  ALA A N   1 
ATOM   997  C  CA  . ALA A 1 127 ? -5.732  -7.307  -8.001  1.00 17.17 ? 206  ALA A CA  1 
ATOM   998  C  C   . ALA A 1 127 ? -6.785  -7.289  -6.902  1.00 16.91 ? 206  ALA A C   1 
ATOM   999  O  O   . ALA A 1 127 ? -6.551  -7.798  -5.805  1.00 17.37 ? 206  ALA A O   1 
ATOM   1000 C  CB  . ALA A 1 127 ? -6.264  -8.042  -9.227  1.00 15.87 ? 206  ALA A CB  1 
ATOM   1001 N  N   . HIS A 1 128 ? -7.945  -6.717  -7.190  1.00 17.03 ? 207  HIS A N   1 
ATOM   1002 C  CA  . HIS A 1 128 ? -9.010  -6.664  -6.202  1.00 18.00 ? 207  HIS A CA  1 
ATOM   1003 C  C   . HIS A 1 128 ? -9.664  -8.019  -5.977  1.00 19.52 ? 207  HIS A C   1 
ATOM   1004 O  O   . HIS A 1 128 ? -9.634  -8.904  -6.842  1.00 17.02 ? 207  HIS A O   1 
ATOM   1005 C  CB  . HIS A 1 128 ? -10.075 -5.660  -6.632  1.00 18.47 ? 207  HIS A CB  1 
ATOM   1006 C  CG  . HIS A 1 128 ? -9.667  -4.235  -6.438  1.00 18.90 ? 207  HIS A CG  1 
ATOM   1007 N  ND1 . HIS A 1 128 ? -10.158 -3.209  -7.213  1.00 21.36 ? 207  HIS A ND1 1 
ATOM   1008 C  CD2 . HIS A 1 128 ? -8.848  -3.660  -5.527  1.00 19.26 ? 207  HIS A CD2 1 
ATOM   1009 C  CE1 . HIS A 1 128 ? -9.660  -2.062  -6.789  1.00 20.38 ? 207  HIS A CE1 1 
ATOM   1010 N  NE2 . HIS A 1 128 ? -8.862  -2.309  -5.766  1.00 19.99 ? 207  HIS A NE2 1 
ATOM   1011 N  N   . SER A 1 129 ? -10.247 -8.173  -4.797  1.00 18.53 ? 208  SER A N   1 
ATOM   1012 C  CA  . SER A 1 129 ? -10.950 -9.392  -4.444  1.00 20.79 ? 208  SER A CA  1 
ATOM   1013 C  C   . SER A 1 129 ? -12.413 -9.018  -4.266  1.00 21.88 ? 208  SER A C   1 
ATOM   1014 O  O   . SER A 1 129 ? -12.728 -7.884  -3.906  1.00 20.58 ? 208  SER A O   1 
ATOM   1015 C  CB  . SER A 1 129 ? -10.407 -9.971  -3.140  1.00 20.45 ? 208  SER A CB  1 
ATOM   1016 O  OG  . SER A 1 129 ? -11.138 -11.123 -2.765  1.00 20.41 ? 208  SER A OG  1 
ATOM   1017 N  N   . SER A 1 130 ? -13.310 -9.963  -4.526  1.00 24.25 ? 209  SER A N   1 
ATOM   1018 C  CA  . SER A 1 130 ? -14.730 -9.694  -4.377  1.00 25.69 ? 209  SER A CA  1 
ATOM   1019 C  C   . SER A 1 130 ? -15.152 -10.088 -2.968  1.00 25.62 ? 209  SER A C   1 
ATOM   1020 O  O   . SER A 1 130 ? -16.319 -9.981  -2.604  1.00 28.23 ? 209  SER A O   1 
ATOM   1021 C  CB  . SER A 1 130 ? -15.545 -10.480 -5.411  1.00 26.86 ? 209  SER A CB  1 
ATOM   1022 O  OG  . SER A 1 130 ? -15.637 -11.854 -5.069  1.00 29.25 ? 209  SER A OG  1 
ATOM   1023 N  N   . ASP A 1 131 ? -14.187 -10.540 -2.175  1.00 26.45 ? 210  ASP A N   1 
ATOM   1024 C  CA  . ASP A 1 131 ? -14.462 -10.944 -0.802  1.00 26.91 ? 210  ASP A CA  1 
ATOM   1025 C  C   . ASP A 1 131 ? -14.477 -9.726  0.119   1.00 26.20 ? 210  ASP A C   1 
ATOM   1026 O  O   . ASP A 1 131 ? -13.434 -9.141  0.401   1.00 26.13 ? 210  ASP A O   1 
ATOM   1027 C  CB  . ASP A 1 131 ? -13.399 -11.931 -0.323  1.00 27.74 ? 210  ASP A CB  1 
ATOM   1028 C  CG  . ASP A 1 131 ? -13.803 -12.646 0.948   1.00 28.76 ? 210  ASP A CG  1 
ATOM   1029 O  OD1 . ASP A 1 131 ? -14.288 -11.975 1.885   1.00 28.44 ? 210  ASP A OD1 1 
ATOM   1030 O  OD2 . ASP A 1 131 ? -13.631 -13.879 1.012   1.00 31.27 ? 210  ASP A OD2 1 
ATOM   1031 N  N   . PRO A 1 132 ? -15.665 -9.336  0.612   1.00 26.16 ? 211  PRO A N   1 
ATOM   1032 C  CA  . PRO A 1 132 ? -15.792 -8.179  1.502   1.00 25.87 ? 211  PRO A CA  1 
ATOM   1033 C  C   . PRO A 1 132 ? -14.869 -8.236  2.720   1.00 24.46 ? 211  PRO A C   1 
ATOM   1034 O  O   . PRO A 1 132 ? -14.522 -7.204  3.295   1.00 25.81 ? 211  PRO A O   1 
ATOM   1035 C  CB  . PRO A 1 132 ? -17.271 -8.202  1.884   1.00 26.46 ? 211  PRO A CB  1 
ATOM   1036 C  CG  . PRO A 1 132 ? -17.612 -9.655  1.812   1.00 25.89 ? 211  PRO A CG  1 
ATOM   1037 C  CD  . PRO A 1 132 ? -16.942 -10.065 0.529   1.00 25.88 ? 211  PRO A CD  1 
ATOM   1038 N  N   . GLY A 1 133 ? -14.472 -9.441  3.109   1.00 23.82 ? 212  GLY A N   1 
ATOM   1039 C  CA  . GLY A 1 133 ? -13.580 -9.587  4.246   1.00 21.81 ? 212  GLY A CA  1 
ATOM   1040 C  C   . GLY A 1 133 ? -12.123 -9.598  3.812   1.00 21.49 ? 212  GLY A C   1 
ATOM   1041 O  O   . GLY A 1 133 ? -11.228 -9.929  4.592   1.00 21.27 ? 212  GLY A O   1 
ATOM   1042 N  N   . ALA A 1 134 ? -11.878 -9.240  2.557   1.00 17.74 ? 213  ALA A N   1 
ATOM   1043 C  CA  . ALA A 1 134 ? -10.517 -9.222  2.036   1.00 17.64 ? 213  ALA A CA  1 
ATOM   1044 C  C   . ALA A 1 134 ? -9.924  -7.825  2.109   1.00 15.55 ? 213  ALA A C   1 
ATOM   1045 O  O   . ALA A 1 134 ? -10.629 -6.833  1.942   1.00 15.87 ? 213  ALA A O   1 
ATOM   1046 C  CB  . ALA A 1 134 ? -10.506 -9.711  0.591   1.00 15.60 ? 213  ALA A CB  1 
ATOM   1047 N  N   . LEU A 1 135 ? -8.623  -7.747  2.363   1.00 17.23 ? 214  LEU A N   1 
ATOM   1048 C  CA  . LEU A 1 135 ? -7.954  -6.455  2.415   1.00 15.52 ? 214  LEU A CA  1 
ATOM   1049 C  C   . LEU A 1 135 ? -7.996  -5.847  1.018   1.00 14.99 ? 214  LEU A C   1 
ATOM   1050 O  O   . LEU A 1 135 ? -8.086  -4.633  0.857   1.00 13.98 ? 214  LEU A O   1 
ATOM   1051 C  CB  . LEU A 1 135 ? -6.501  -6.616  2.857   1.00 15.35 ? 214  LEU A CB  1 
ATOM   1052 C  CG  . LEU A 1 135 ? -5.649  -5.345  2.787   1.00 15.70 ? 214  LEU A CG  1 
ATOM   1053 C  CD1 . LEU A 1 135 ? -6.280  -4.253  3.643   1.00 15.02 ? 214  LEU A CD1 1 
ATOM   1054 C  CD2 . LEU A 1 135 ? -4.233  -5.652  3.268   1.00 16.21 ? 214  LEU A CD2 1 
ATOM   1055 N  N   . MET A 1 136 ? -7.938  -6.708  0.008   1.00 13.11 ? 215  MET A N   1 
ATOM   1056 C  CA  . MET A 1 136 ? -7.965  -6.257  -1.375  1.00 12.93 ? 215  MET A CA  1 
ATOM   1057 C  C   . MET A 1 136 ? -9.377  -6.046  -1.928  1.00 14.76 ? 215  MET A C   1 
ATOM   1058 O  O   . MET A 1 136 ? -9.585  -6.062  -3.142  1.00 11.01 ? 215  MET A O   1 
ATOM   1059 C  CB  . MET A 1 136 ? -7.196  -7.243  -2.259  1.00 11.15 ? 215  MET A CB  1 
ATOM   1060 C  CG  . MET A 1 136 ? -5.714  -7.375  -1.883  1.00 10.47 ? 215  MET A CG  1 
ATOM   1061 S  SD  . MET A 1 136 ? -4.881  -5.781  -1.700  1.00 13.03 ? 215  MET A SD  1 
ATOM   1062 C  CE  . MET A 1 136 ? -4.875  -5.212  -3.375  1.00 12.94 ? 215  MET A CE  1 
ATOM   1063 N  N   . TYR A 1 137 ? -10.353 -5.861  -1.045  1.00 14.58 ? 216  TYR A N   1 
ATOM   1064 C  CA  . TYR A 1 137 ? -11.714 -5.617  -1.512  1.00 16.92 ? 216  TYR A CA  1 
ATOM   1065 C  C   . TYR A 1 137 ? -11.620 -4.230  -2.150  1.00 16.20 ? 216  TYR A C   1 
ATOM   1066 O  O   . TYR A 1 137 ? -10.839 -3.397  -1.699  1.00 16.72 ? 216  TYR A O   1 
ATOM   1067 C  CB  . TYR A 1 137 ? -12.699 -5.613  -0.339  1.00 19.05 ? 216  TYR A CB  1 
ATOM   1068 C  CG  . TYR A 1 137 ? -14.145 -5.482  -0.770  1.00 20.56 ? 216  TYR A CG  1 
ATOM   1069 C  CD1 . TYR A 1 137 ? -14.752 -6.464  -1.559  1.00 20.35 ? 216  TYR A CD1 1 
ATOM   1070 C  CD2 . TYR A 1 137 ? -14.895 -4.361  -0.419  1.00 19.87 ? 216  TYR A CD2 1 
ATOM   1071 C  CE1 . TYR A 1 137 ? -16.071 -6.328  -1.991  1.00 23.20 ? 216  TYR A CE1 1 
ATOM   1072 C  CE2 . TYR A 1 137 ? -16.214 -4.216  -0.844  1.00 22.23 ? 216  TYR A CE2 1 
ATOM   1073 C  CZ  . TYR A 1 137 ? -16.795 -5.200  -1.630  1.00 22.95 ? 216  TYR A CZ  1 
ATOM   1074 O  OH  . TYR A 1 137 ? -18.098 -5.048  -2.058  1.00 24.29 ? 216  TYR A OH  1 
ATOM   1075 N  N   . PRO A 1 138 ? -12.411 -3.958  -3.202  1.00 16.19 ? 217  PRO A N   1 
ATOM   1076 C  CA  . PRO A 1 138 ? -12.338 -2.643  -3.848  1.00 15.25 ? 217  PRO A CA  1 
ATOM   1077 C  C   . PRO A 1 138 ? -12.647 -1.432  -2.980  1.00 15.60 ? 217  PRO A C   1 
ATOM   1078 O  O   . PRO A 1 138 ? -12.234 -0.323  -3.307  1.00 13.68 ? 217  PRO A O   1 
ATOM   1079 C  CB  . PRO A 1 138 ? -13.329 -2.768  -5.004  1.00 15.38 ? 217  PRO A CB  1 
ATOM   1080 C  CG  . PRO A 1 138 ? -13.348 -4.226  -5.295  1.00 14.23 ? 217  PRO A CG  1 
ATOM   1081 C  CD  . PRO A 1 138 ? -13.367 -4.821  -3.911  1.00 16.79 ? 217  PRO A CD  1 
ATOM   1082 N  N   . ASN A 1 139 ? -13.364 -1.633  -1.883  1.00 14.79 ? 218  ASN A N   1 
ATOM   1083 C  CA  . ASN A 1 139 ? -13.735 -0.505  -1.041  1.00 17.32 ? 218  ASN A CA  1 
ATOM   1084 C  C   . ASN A 1 139 ? -13.190 -0.524  0.372   1.00 16.48 ? 218  ASN A C   1 
ATOM   1085 O  O   . ASN A 1 139 ? -13.187 -1.557  1.039   1.00 16.65 ? 218  ASN A O   1 
ATOM   1086 C  CB  . ASN A 1 139 ? -15.262 -0.380  -0.997  1.00 18.17 ? 218  ASN A CB  1 
ATOM   1087 C  CG  . ASN A 1 139 ? -15.829 0.300   -2.227  1.00 18.53 ? 218  ASN A CG  1 
ATOM   1088 O  OD1 . ASN A 1 139 ? -17.045 0.320   -2.434  1.00 22.10 ? 218  ASN A OD1 1 
ATOM   1089 N  ND2 . ASN A 1 139 ? -14.953 0.877   -3.045  1.00 19.57 ? 218  ASN A ND2 1 
ATOM   1090 N  N   . TYR A 1 140 ? -12.735 0.644   0.817   1.00 18.43 ? 219  TYR A N   1 
ATOM   1091 C  CA  . TYR A 1 140 ? -12.197 0.814   2.155   1.00 21.48 ? 219  TYR A CA  1 
ATOM   1092 C  C   . TYR A 1 140 ? -13.308 0.668   3.186   1.00 25.02 ? 219  TYR A C   1 
ATOM   1093 O  O   . TYR A 1 140 ? -14.457 1.034   2.941   1.00 24.11 ? 219  TYR A O   1 
ATOM   1094 C  CB  . TYR A 1 140 ? -11.533 2.194   2.285   1.00 18.53 ? 219  TYR A CB  1 
ATOM   1095 C  CG  . TYR A 1 140 ? -11.163 2.614   3.701   1.00 17.41 ? 219  TYR A CG  1 
ATOM   1096 C  CD1 . TYR A 1 140 ? -12.130 3.089   4.586   1.00 16.24 ? 219  TYR A CD1 1 
ATOM   1097 C  CD2 . TYR A 1 140 ? -9.845  2.557   4.147   1.00 16.94 ? 219  TYR A CD2 1 
ATOM   1098 C  CE1 . TYR A 1 140 ? -11.796 3.501   5.879   1.00 17.96 ? 219  TYR A CE1 1 
ATOM   1099 C  CE2 . TYR A 1 140 ? -9.497  2.964   5.445   1.00 17.21 ? 219  TYR A CE2 1 
ATOM   1100 C  CZ  . TYR A 1 140 ? -10.482 3.436   6.303   1.00 16.37 ? 219  TYR A CZ  1 
ATOM   1101 O  OH  . TYR A 1 140 ? -10.157 3.838   7.584   1.00 14.76 ? 219  TYR A OH  1 
ATOM   1102 N  N   . ALA A 1 141 ? -12.937 0.117   4.335   1.00 29.71 ? 220  ALA A N   1 
ATOM   1103 C  CA  . ALA A 1 141 ? -13.837 -0.090  5.459   1.00 34.75 ? 220  ALA A CA  1 
ATOM   1104 C  C   . ALA A 1 141 ? -12.903 -0.391  6.616   1.00 37.82 ? 220  ALA A C   1 
ATOM   1105 O  O   . ALA A 1 141 ? -12.285 -1.452  6.647   1.00 40.16 ? 220  ALA A O   1 
ATOM   1106 C  CB  . ALA A 1 141 ? -14.753 -1.276  5.200   1.00 33.74 ? 220  ALA A CB  1 
ATOM   1107 N  N   . PHE A 1 142 ? -12.782 0.535   7.562   1.00 41.94 ? 221  PHE A N   1 
ATOM   1108 C  CA  . PHE A 1 142 ? -11.875 0.300   8.675   1.00 46.35 ? 221  PHE A CA  1 
ATOM   1109 C  C   . PHE A 1 142 ? -12.081 -1.051  9.334   1.00 48.04 ? 221  PHE A C   1 
ATOM   1110 O  O   . PHE A 1 142 ? -13.194 -1.577  9.387   1.00 48.98 ? 221  PHE A O   1 
ATOM   1111 C  CB  . PHE A 1 142 ? -11.992 1.369   9.761   1.00 48.36 ? 221  PHE A CB  1 
ATOM   1112 C  CG  . PHE A 1 142 ? -10.996 1.181   10.878  1.00 50.59 ? 221  PHE A CG  1 
ATOM   1113 C  CD1 . PHE A 1 142 ? -9.692  1.658   10.751  1.00 50.70 ? 221  PHE A CD1 1 
ATOM   1114 C  CD2 . PHE A 1 142 ? -11.330 0.444   12.012  1.00 51.51 ? 221  PHE A CD2 1 
ATOM   1115 C  CE1 . PHE A 1 142 ? -8.734  1.400   11.734  1.00 51.42 ? 221  PHE A CE1 1 
ATOM   1116 C  CE2 . PHE A 1 142 ? -10.380 0.179   13.002  1.00 52.03 ? 221  PHE A CE2 1 
ATOM   1117 C  CZ  . PHE A 1 142 ? -9.080  0.657   12.861  1.00 51.80 ? 221  PHE A CZ  1 
ATOM   1118 N  N   . ARG A 1 143 ? -10.979 -1.592  9.840   1.00 49.53 ? 222  ARG A N   1 
ATOM   1119 C  CA  . ARG A 1 143 ? -10.965 -2.871  10.526  1.00 50.74 ? 222  ARG A CA  1 
ATOM   1120 C  C   . ARG A 1 143 ? -10.026 -2.712  11.712  1.00 52.14 ? 222  ARG A C   1 
ATOM   1121 O  O   . ARG A 1 143 ? -8.995  -2.042  11.606  1.00 52.11 ? 222  ARG A O   1 
ATOM   1122 C  CB  . ARG A 1 143 ? -10.445 -3.962  9.592   1.00 50.37 ? 222  ARG A CB  1 
ATOM   1123 C  CG  . ARG A 1 143 ? -11.276 -4.132  8.337   1.00 50.29 ? 222  ARG A CG  1 
ATOM   1124 C  CD  . ARG A 1 143 ? -12.693 -4.550  8.683   1.00 49.63 ? 222  ARG A CD  1 
ATOM   1125 N  NE  . ARG A 1 143 ? -13.562 -4.577  7.511   1.00 50.74 ? 222  ARG A NE  1 
ATOM   1126 C  CZ  . ARG A 1 143 ? -14.822 -4.998  7.529   1.00 51.03 ? 222  ARG A CZ  1 
ATOM   1127 N  NH1 . ARG A 1 143 ? -15.361 -5.431  8.661   1.00 50.90 ? 222  ARG A NH1 1 
ATOM   1128 N  NH2 . ARG A 1 143 ? -15.544 -4.984  6.417   1.00 51.38 ? 222  ARG A NH2 1 
ATOM   1129 N  N   . GLU A 1 144 ? -10.389 -3.311  12.841  1.00 52.73 ? 223  GLU A N   1 
ATOM   1130 C  CA  . GLU A 1 144 ? -9.567  -3.226  14.040  1.00 52.97 ? 223  GLU A CA  1 
ATOM   1131 C  C   . GLU A 1 144 ? -8.107  -3.415  13.671  1.00 53.29 ? 223  GLU A C   1 
ATOM   1132 O  O   . GLU A 1 144 ? -7.692  -4.507  13.285  1.00 53.87 ? 223  GLU A O   1 
ATOM   1133 C  CB  . GLU A 1 144 ? -9.993  -4.295  15.044  1.00 53.85 ? 223  GLU A CB  1 
ATOM   1134 C  CG  . GLU A 1 144 ? -11.466 -4.235  15.369  1.00 54.73 ? 223  GLU A CG  1 
ATOM   1135 C  CD  . GLU A 1 144 ? -11.903 -2.842  15.759  1.00 55.09 ? 223  GLU A CD  1 
ATOM   1136 O  OE1 . GLU A 1 144 ? -11.406 -2.330  16.785  1.00 55.65 ? 223  GLU A OE1 1 
ATOM   1137 O  OE2 . GLU A 1 144 ? -12.736 -2.256  15.035  1.00 55.89 ? 223  GLU A OE2 1 
ATOM   1138 N  N   . THR A 1 145 ? -7.335  -2.340  13.780  1.00 52.93 ? 224  THR A N   1 
ATOM   1139 C  CA  . THR A 1 145 ? -5.921  -2.383  13.442  1.00 53.46 ? 224  THR A CA  1 
ATOM   1140 C  C   . THR A 1 145 ? -5.061  -2.876  14.599  1.00 53.73 ? 224  THR A C   1 
ATOM   1141 O  O   . THR A 1 145 ? -3.840  -2.983  14.471  1.00 54.37 ? 224  THR A O   1 
ATOM   1142 C  CB  . THR A 1 145 ? -5.416  -0.997  13.004  1.00 53.45 ? 224  THR A CB  1 
ATOM   1143 O  OG1 . THR A 1 145 ? -5.717  -0.032  14.020  1.00 53.76 ? 224  THR A OG1 1 
ATOM   1144 C  CG2 . THR A 1 145 ? -6.079  -0.582  11.703  1.00 53.44 ? 224  THR A CG2 1 
ATOM   1145 N  N   . SER A 1 146 ? -5.697  -3.180  15.727  1.00 53.10 ? 225  SER A N   1 
ATOM   1146 C  CA  . SER A 1 146 ? -4.964  -3.666  16.889  1.00 52.92 ? 225  SER A CA  1 
ATOM   1147 C  C   . SER A 1 146 ? -4.301  -4.999  16.556  1.00 52.65 ? 225  SER A C   1 
ATOM   1148 O  O   . SER A 1 146 ? -3.143  -5.035  16.139  1.00 53.54 ? 225  SER A O   1 
ATOM   1149 C  CB  . SER A 1 146 ? -5.903  -3.828  18.090  1.00 52.29 ? 225  SER A CB  1 
ATOM   1150 O  OG  . SER A 1 146 ? -6.929  -4.764  17.820  1.00 51.95 ? 225  SER A OG  1 
ATOM   1151 N  N   . ASN A 1 147 ? -5.034  -6.092  16.734  1.00 52.10 ? 226  ASN A N   1 
ATOM   1152 C  CA  . ASN A 1 147 ? -4.497  -7.417  16.443  1.00 51.49 ? 226  ASN A CA  1 
ATOM   1153 C  C   . ASN A 1 147 ? -4.767  -7.763  14.981  1.00 50.26 ? 226  ASN A C   1 
ATOM   1154 O  O   . ASN A 1 147 ? -4.776  -8.935  14.602  1.00 50.77 ? 226  ASN A O   1 
ATOM   1155 C  CB  . ASN A 1 147 ? -5.151  -8.469  17.347  1.00 52.75 ? 226  ASN A CB  1 
ATOM   1156 C  CG  . ASN A 1 147 ? -5.213  -8.038  18.801  1.00 54.58 ? 226  ASN A CG  1 
ATOM   1157 O  OD1 . ASN A 1 147 ? -4.208  -7.641  19.389  1.00 55.88 ? 226  ASN A OD1 1 
ATOM   1158 N  ND2 . ASN A 1 147 ? -6.400  -8.121  19.393  1.00 54.90 ? 226  ASN A ND2 1 
ATOM   1159 N  N   . TYR A 1 148 ? -4.984  -6.736  14.163  1.00 47.08 ? 227  TYR A N   1 
ATOM   1160 C  CA  . TYR A 1 148 ? -5.271  -6.944  12.751  1.00 44.83 ? 227  TYR A CA  1 
ATOM   1161 C  C   . TYR A 1 148 ? -4.208  -7.791  12.074  1.00 42.81 ? 227  TYR A C   1 
ATOM   1162 O  O   . TYR A 1 148 ? -3.009  -7.599  12.282  1.00 44.06 ? 227  TYR A O   1 
ATOM   1163 C  CB  . TYR A 1 148 ? -5.380  -5.613  12.007  1.00 44.14 ? 227  TYR A CB  1 
ATOM   1164 C  CG  . TYR A 1 148 ? -5.999  -5.755  10.633  1.00 43.52 ? 227  TYR A CG  1 
ATOM   1165 C  CD1 . TYR A 1 148 ? -7.371  -5.953  10.486  1.00 43.12 ? 227  TYR A CD1 1 
ATOM   1166 C  CD2 . TYR A 1 148 ? -5.212  -5.717  9.482   1.00 42.26 ? 227  TYR A CD2 1 
ATOM   1167 C  CE1 . TYR A 1 148 ? -7.947  -6.110  9.228   1.00 42.76 ? 227  TYR A CE1 1 
ATOM   1168 C  CE2 . TYR A 1 148 ? -5.779  -5.873  8.216   1.00 42.14 ? 227  TYR A CE2 1 
ATOM   1169 C  CZ  . TYR A 1 148 ? -7.148  -6.069  8.099   1.00 42.98 ? 227  TYR A CZ  1 
ATOM   1170 O  OH  . TYR A 1 148 ? -7.724  -6.221  6.858   1.00 42.56 ? 227  TYR A OH  1 
ATOM   1171 N  N   . SER A 1 149 ? -4.662  -8.732  11.259  1.00 39.46 ? 228  SER A N   1 
ATOM   1172 C  CA  . SER A 1 149 ? -3.768  -9.610  10.530  1.00 35.76 ? 228  SER A CA  1 
ATOM   1173 C  C   . SER A 1 149 ? -4.285  -9.720  9.101   1.00 32.26 ? 228  SER A C   1 
ATOM   1174 O  O   . SER A 1 149 ? -5.452  -9.436  8.831   1.00 30.51 ? 228  SER A O   1 
ATOM   1175 C  CB  . SER A 1 149 ? -3.732  -10.990 11.188  1.00 37.83 ? 228  SER A CB  1 
ATOM   1176 O  OG  . SER A 1 149 ? -5.026  -11.570 11.225  1.00 40.36 ? 228  SER A OG  1 
ATOM   1177 N  N   . LEU A 1 150 ? -3.409  -10.126 8.190   1.00 28.70 ? 229  LEU A N   1 
ATOM   1178 C  CA  . LEU A 1 150 ? -3.777  -10.268 6.791   1.00 24.31 ? 229  LEU A CA  1 
ATOM   1179 C  C   . LEU A 1 150 ? -4.899  -11.296 6.628   1.00 23.22 ? 229  LEU A C   1 
ATOM   1180 O  O   . LEU A 1 150 ? -4.758  -12.445 7.039   1.00 22.48 ? 229  LEU A O   1 
ATOM   1181 C  CB  . LEU A 1 150 ? -2.557  -10.706 5.984   1.00 22.62 ? 229  LEU A CB  1 
ATOM   1182 C  CG  . LEU A 1 150 ? -2.687  -10.614 4.469   1.00 21.99 ? 229  LEU A CG  1 
ATOM   1183 C  CD1 . LEU A 1 150 ? -2.863  -9.157  4.069   1.00 21.29 ? 229  LEU A CD1 1 
ATOM   1184 C  CD2 . LEU A 1 150 ? -1.451  -11.202 3.817   1.00 22.06 ? 229  LEU A CD2 1 
ATOM   1185 N  N   . PRO A 1 151 ? -6.032  -10.892 6.028   1.00 21.18 ? 230  PRO A N   1 
ATOM   1186 C  CA  . PRO A 1 151 ? -7.162  -11.809 5.824   1.00 18.96 ? 230  PRO A CA  1 
ATOM   1187 C  C   . PRO A 1 151 ? -6.740  -13.018 4.982   1.00 19.22 ? 230  PRO A C   1 
ATOM   1188 O  O   . PRO A 1 151 ? -5.866  -12.906 4.118   1.00 14.95 ? 230  PRO A O   1 
ATOM   1189 C  CB  . PRO A 1 151 ? -8.188  -10.936 5.113   1.00 19.92 ? 230  PRO A CB  1 
ATOM   1190 C  CG  . PRO A 1 151 ? -7.888  -9.566  5.642   1.00 20.77 ? 230  PRO A CG  1 
ATOM   1191 C  CD  . PRO A 1 151 ? -6.382  -9.529  5.595   1.00 21.68 ? 230  PRO A CD  1 
ATOM   1192 N  N   . GLN A 1 152 ? -7.370  -14.164 5.219   1.00 17.30 ? 231  GLN A N   1 
ATOM   1193 C  CA  . GLN A 1 152 ? -7.008  -15.376 4.491   1.00 17.44 ? 231  GLN A CA  1 
ATOM   1194 C  C   . GLN A 1 152 ? -7.066  -15.237 2.971   1.00 15.60 ? 231  GLN A C   1 
ATOM   1195 O  O   . GLN A 1 152 ? -6.230  -15.803 2.272   1.00 15.64 ? 231  GLN A O   1 
ATOM   1196 C  CB  . GLN A 1 152 ? -7.881  -16.559 4.940   1.00 19.53 ? 231  GLN A CB  1 
ATOM   1197 C  CG  . GLN A 1 152 ? -7.142  -17.907 4.893   1.00 22.46 ? 231  GLN A CG  1 
ATOM   1198 C  CD  . GLN A 1 152 ? -5.975  -17.980 5.883   1.00 24.92 ? 231  GLN A CD  1 
ATOM   1199 O  OE1 . GLN A 1 152 ? -4.951  -18.620 5.618   1.00 23.22 ? 231  GLN A OE1 1 
ATOM   1200 N  NE2 . GLN A 1 152 ? -6.137  -17.332 7.035   1.00 26.22 ? 231  GLN A NE2 1 
ATOM   1201 N  N   . ASP A 1 153 ? -8.035  -14.493 2.443   1.00 15.20 ? 232  ASP A N   1 
ATOM   1202 C  CA  . ASP A 1 153 ? -8.108  -14.351 0.990   1.00 15.03 ? 232  ASP A CA  1 
ATOM   1203 C  C   . ASP A 1 153 ? -6.872  -13.643 0.432   1.00 15.14 ? 232  ASP A C   1 
ATOM   1204 O  O   . ASP A 1 153 ? -6.412  -13.942 -0.673  1.00 14.94 ? 232  ASP A O   1 
ATOM   1205 C  CB  . ASP A 1 153 ? -9.355  -13.577 0.567   1.00 16.27 ? 232  ASP A CB  1 
ATOM   1206 C  CG  . ASP A 1 153 ? -9.522  -13.542 -0.944  1.00 17.38 ? 232  ASP A CG  1 
ATOM   1207 O  OD1 . ASP A 1 153 ? -9.841  -14.594 -1.531  1.00 18.60 ? 232  ASP A OD1 1 
ATOM   1208 O  OD2 . ASP A 1 153 ? -9.316  -12.469 -1.546  1.00 19.50 ? 232  ASP A OD2 1 
ATOM   1209 N  N   . ASP A 1 154 ? -6.340  -12.698 1.197   1.00 14.35 ? 233  ASP A N   1 
ATOM   1210 C  CA  . ASP A 1 154 ? -5.161  -11.960 0.772   1.00 14.37 ? 233  ASP A CA  1 
ATOM   1211 C  C   . ASP A 1 154 ? -3.934  -12.828 0.968   1.00 13.10 ? 233  ASP A C   1 
ATOM   1212 O  O   . ASP A 1 154 ? -2.949  -12.710 0.235   1.00 11.97 ? 233  ASP A O   1 
ATOM   1213 C  CB  . ASP A 1 154 ? -5.047  -10.672 1.573   1.00 13.59 ? 233  ASP A CB  1 
ATOM   1214 C  CG  . ASP A 1 154 ? -6.331  -9.873  1.541   1.00 15.18 ? 233  ASP A CG  1 
ATOM   1215 O  OD1 . ASP A 1 154 ? -6.695  -9.373  0.453   1.00 11.85 ? 233  ASP A OD1 1 
ATOM   1216 O  OD2 . ASP A 1 154 ? -6.985  -9.765  2.601   1.00 13.97 ? 233  ASP A OD2 1 
ATOM   1217 N  N   . ILE A 1 155 ? -3.988  -13.696 1.972   1.00 14.67 ? 234  ILE A N   1 
ATOM   1218 C  CA  . ILE A 1 155 ? -2.886  -14.609 2.212   1.00 14.71 ? 234  ILE A CA  1 
ATOM   1219 C  C   . ILE A 1 155 ? -2.837  -15.507 0.970   1.00 16.01 ? 234  ILE A C   1 
ATOM   1220 O  O   . ILE A 1 155 ? -1.775  -15.746 0.401   1.00 15.33 ? 234  ILE A O   1 
ATOM   1221 C  CB  . ILE A 1 155 ? -3.131  -15.463 3.471   1.00 13.93 ? 234  ILE A CB  1 
ATOM   1222 C  CG1 . ILE A 1 155 ? -2.942  -14.599 4.722   1.00 13.45 ? 234  ILE A CG1 1 
ATOM   1223 C  CG2 . ILE A 1 155 ? -2.189  -16.662 3.482   1.00 12.78 ? 234  ILE A CG2 1 
ATOM   1224 C  CD1 . ILE A 1 155 ? -3.209  -15.325 6.026   1.00 16.11 ? 234  ILE A CD1 1 
ATOM   1225 N  N   . ASP A 1 156 ? -4.005  -15.982 0.550   1.00 15.98 ? 235  ASP A N   1 
ATOM   1226 C  CA  . ASP A 1 156 ? -4.106  -16.840 -0.626  1.00 17.54 ? 235  ASP A CA  1 
ATOM   1227 C  C   . ASP A 1 156 ? -3.573  -16.136 -1.871  1.00 16.27 ? 235  ASP A C   1 
ATOM   1228 O  O   . ASP A 1 156 ? -2.832  -16.721 -2.668  1.00 17.42 ? 235  ASP A O   1 
ATOM   1229 C  CB  . ASP A 1 156 ? -5.562  -17.239 -0.876  1.00 18.08 ? 235  ASP A CB  1 
ATOM   1230 C  CG  . ASP A 1 156 ? -6.163  -18.033 0.269   1.00 17.21 ? 235  ASP A CG  1 
ATOM   1231 O  OD1 . ASP A 1 156 ? -5.422  -18.417 1.195   1.00 18.69 ? 235  ASP A OD1 1 
ATOM   1232 O  OD2 . ASP A 1 156 ? -7.384  -18.285 0.233   1.00 18.29 ? 235  ASP A OD2 1 
ATOM   1233 N  N   . GLY A 1 157 ? -3.962  -14.877 -2.039  1.00 15.45 ? 236  GLY A N   1 
ATOM   1234 C  CA  . GLY A 1 157 ? -3.528  -14.118 -3.194  1.00 14.59 ? 236  GLY A CA  1 
ATOM   1235 C  C   . GLY A 1 157 ? -2.029  -13.895 -3.237  1.00 13.99 ? 236  GLY A C   1 
ATOM   1236 O  O   . GLY A 1 157 ? -1.387  -14.161 -4.254  1.00 13.63 ? 236  GLY A O   1 
ATOM   1237 N  N   . ILE A 1 158 ? -1.465  -13.417 -2.134  1.00 12.25 ? 237  ILE A N   1 
ATOM   1238 C  CA  . ILE A 1 158 ? -0.029  -13.150 -2.078  1.00 14.21 ? 237  ILE A CA  1 
ATOM   1239 C  C   . ILE A 1 158 ? 0.736   -14.470 -2.232  1.00 13.32 ? 237  ILE A C   1 
ATOM   1240 O  O   . ILE A 1 158 ? 1.741   -14.543 -2.948  1.00 13.53 ? 237  ILE A O   1 
ATOM   1241 C  CB  . ILE A 1 158 ? 0.344   -12.413 -0.740  1.00 15.09 ? 237  ILE A CB  1 
ATOM   1242 C  CG1 . ILE A 1 158 ? 1.655   -11.638 -0.902  1.00 17.55 ? 237  ILE A CG1 1 
ATOM   1243 C  CG2 . ILE A 1 158 ? 0.429   -13.395 0.414   1.00 14.66 ? 237  ILE A CG2 1 
ATOM   1244 C  CD1 . ILE A 1 158 ? 2.828   -12.457 -1.332  1.00 22.88 ? 237  ILE A CD1 1 
ATOM   1245 N  N   . GLN A 1 159 ? 0.237   -15.520 -1.587  1.00 12.32 ? 238  GLN A N   1 
ATOM   1246 C  CA  . GLN A 1 159 ? 0.865   -16.836 -1.669  1.00 14.06 ? 238  GLN A CA  1 
ATOM   1247 C  C   . GLN A 1 159 ? 0.871   -17.350 -3.104  1.00 13.98 ? 238  GLN A C   1 
ATOM   1248 O  O   . GLN A 1 159 ? 1.868   -17.882 -3.582  1.00 15.85 ? 238  GLN A O   1 
ATOM   1249 C  CB  . GLN A 1 159 ? 0.112   -17.834 -0.791  1.00 12.34 ? 238  GLN A CB  1 
ATOM   1250 C  CG  . GLN A 1 159 ? 0.527   -17.836 0.670   1.00 12.47 ? 238  GLN A CG  1 
ATOM   1251 C  CD  . GLN A 1 159 ? 1.750   -18.704 0.924   1.00 13.82 ? 238  GLN A CD  1 
ATOM   1252 O  OE1 . GLN A 1 159 ? 1.803   -19.855 0.489   1.00 13.81 ? 238  GLN A OE1 1 
ATOM   1253 N  NE2 . GLN A 1 159 ? 2.732   -18.161 1.640   1.00 10.87 ? 238  GLN A NE2 1 
ATOM   1254 N  N   . ALA A 1 160 ? -0.256  -17.179 -3.781  1.00 15.54 ? 239  ALA A N   1 
ATOM   1255 C  CA  . ALA A 1 160 ? -0.416  -17.642 -5.150  1.00 17.25 ? 239  ALA A CA  1 
ATOM   1256 C  C   . ALA A 1 160 ? 0.609   -17.026 -6.089  1.00 18.39 ? 239  ALA A C   1 
ATOM   1257 O  O   . ALA A 1 160 ? 0.933   -17.600 -7.133  1.00 19.59 ? 239  ALA A O   1 
ATOM   1258 C  CB  . ALA A 1 160 ? -1.830  -17.330 -5.638  1.00 16.37 ? 239  ALA A CB  1 
ATOM   1259 N  N   . ILE A 1 161 ? 1.123   -15.861 -5.712  1.00 16.79 ? 240  ILE A N   1 
ATOM   1260 C  CA  . ILE A 1 161 ? 2.096   -15.161 -6.537  1.00 17.72 ? 240  ILE A CA  1 
ATOM   1261 C  C   . ILE A 1 161 ? 3.551   -15.393 -6.139  1.00 17.34 ? 240  ILE A C   1 
ATOM   1262 O  O   . ILE A 1 161 ? 4.397   -15.596 -7.002  1.00 19.22 ? 240  ILE A O   1 
ATOM   1263 C  CB  . ILE A 1 161 ? 1.837   -13.633 -6.526  1.00 19.11 ? 240  ILE A CB  1 
ATOM   1264 C  CG1 . ILE A 1 161 ? 0.467   -13.327 -7.142  1.00 18.35 ? 240  ILE A CG1 1 
ATOM   1265 C  CG2 . ILE A 1 161 ? 2.935   -12.910 -7.297  1.00 19.74 ? 240  ILE A CG2 1 
ATOM   1266 C  CD1 . ILE A 1 161 ? 0.081   -11.860 -7.083  1.00 19.42 ? 240  ILE A CD1 1 
ATOM   1267 N  N   . TYR A 1 162 ? 3.836   -15.380 -4.840  1.00 16.71 ? 241  TYR A N   1 
ATOM   1268 C  CA  . TYR A 1 162 ? 5.209   -15.538 -4.357  1.00 16.86 ? 241  TYR A CA  1 
ATOM   1269 C  C   . TYR A 1 162 ? 5.444   -16.715 -3.414  1.00 17.49 ? 241  TYR A C   1 
ATOM   1270 O  O   . TYR A 1 162 ? 6.572   -16.951 -2.982  1.00 19.73 ? 241  TYR A O   1 
ATOM   1271 C  CB  . TYR A 1 162 ? 5.631   -14.269 -3.621  1.00 17.49 ? 241  TYR A CB  1 
ATOM   1272 C  CG  . TYR A 1 162 ? 5.504   -12.999 -4.427  1.00 18.72 ? 241  TYR A CG  1 
ATOM   1273 C  CD1 . TYR A 1 162 ? 6.446   -12.675 -5.397  1.00 19.63 ? 241  TYR A CD1 1 
ATOM   1274 C  CD2 . TYR A 1 162 ? 4.457   -12.105 -4.200  1.00 17.06 ? 241  TYR A CD2 1 
ATOM   1275 C  CE1 . TYR A 1 162 ? 6.355   -11.494 -6.119  1.00 21.00 ? 241  TYR A CE1 1 
ATOM   1276 C  CE2 . TYR A 1 162 ? 4.356   -10.918 -4.918  1.00 19.23 ? 241  TYR A CE2 1 
ATOM   1277 C  CZ  . TYR A 1 162 ? 5.312   -10.619 -5.875  1.00 19.47 ? 241  TYR A CZ  1 
ATOM   1278 O  OH  . TYR A 1 162 ? 5.249   -9.439  -6.579  1.00 20.80 ? 241  TYR A OH  1 
ATOM   1279 N  N   . GLY A 1 163 ? 4.394   -17.452 -3.087  1.00 17.41 ? 242  GLY A N   1 
ATOM   1280 C  CA  . GLY A 1 163 ? 4.571   -18.544 -2.155  1.00 16.08 ? 242  GLY A CA  1 
ATOM   1281 C  C   . GLY A 1 163 ? 4.720   -17.917 -0.781  1.00 15.24 ? 242  GLY A C   1 
ATOM   1282 O  O   . GLY A 1 163 ? 4.379   -16.738 -0.614  1.00 10.67 ? 242  GLY A O   1 
HETATM 1283 CA CA  . CA  B 2 .   ? 9.210   1.712   -8.103  1.00 14.93 ? 996  CA  A CA  1 
HETATM 1284 CA CA  . CA  C 2 .   ? -9.176  11.913  -2.643  1.00 16.48 ? 997  CA  A CA  1 
HETATM 1285 ZN ZN  . ZN  D 3 .   ? -0.015  8.777   -8.589  1.00 14.96 ? 998  ZN  A ZN  1 
HETATM 1286 ZN ZN  . ZN  E 3 .   ? -7.250  -1.378  -4.698  1.00 14.95 ? 999  ZN  A ZN  1 
HETATM 1287 C  C14 . FIN F 4 .   ? -9.106  -0.254  0.730   1.00 20.42 ? 994  FIN A C14 1 
HETATM 1288 C  C15 . FIN F 4 .   ? -8.404  -0.001  1.987   1.00 20.09 ? 994  FIN A C15 1 
HETATM 1289 C  C16 . FIN F 4 .   ? -8.489  -0.981  3.098   1.00 21.22 ? 994  FIN A C16 1 
HETATM 1290 C  C17 . FIN F 4 .   ? -9.284  -2.206  2.937   1.00 22.20 ? 994  FIN A C17 1 
HETATM 1291 C  C1  . FIN F 4 .   ? -9.978  -2.454  1.689   1.00 22.05 ? 994  FIN A C1  1 
HETATM 1292 C  C2  . FIN F 4 .   ? -9.895  -1.481  0.580   1.00 19.68 ? 994  FIN A C2  1 
HETATM 1293 O  O1  . FIN F 4 .   ? -9.394  -3.187  4.013   1.00 24.40 ? 994  FIN A O1  1 
HETATM 1294 C  C3  . FIN F 4 .   ? -9.020  -2.877  5.364   1.00 27.53 ? 994  FIN A C3  1 
HETATM 1295 C  C4  . FIN F 4 .   ? -9.041  0.751   -0.383  1.00 20.26 ? 994  FIN A C4  1 
HETATM 1296 C  C5  . FIN F 4 .   ? -7.960  1.747   -0.435  1.00 20.62 ? 994  FIN A C5  1 
HETATM 1297 C  C6  . FIN F 4 .   ? -7.936  2.731   -1.503  1.00 20.63 ? 994  FIN A C6  1 
HETATM 1298 C  C7  . FIN F 4 .   ? -9.002  2.728   -2.541  1.00 20.13 ? 994  FIN A C7  1 
HETATM 1299 C  C8  . FIN F 4 .   ? -10.053 1.737   -2.500  1.00 19.11 ? 994  FIN A C8  1 
HETATM 1300 C  C9  . FIN F 4 .   ? -10.088 0.758   -1.440  1.00 21.29 ? 994  FIN A C9  1 
HETATM 1301 S  S1  . FIN F 4 .   ? -8.985  3.936   -3.819  1.00 17.11 ? 994  FIN A S1  1 
HETATM 1302 O  O2  . FIN F 4 .   ? -10.359 4.071   -4.248  1.00 19.85 ? 994  FIN A O2  1 
HETATM 1303 O  O3  . FIN F 4 .   ? -8.408  5.103   -3.219  1.00 19.64 ? 994  FIN A O3  1 
HETATM 1304 N  N1  . FIN F 4 .   ? -8.095  3.539   -5.147  1.00 16.88 ? 994  FIN A N1  1 
HETATM 1305 C  C10 . FIN F 4 .   ? -8.527  2.685   -6.113  1.00 16.34 ? 994  FIN A C10 1 
HETATM 1306 C  C11 . FIN F 4 .   ? -8.585  3.463   -7.473  1.00 16.38 ? 994  FIN A C11 1 
HETATM 1307 C  C12 . FIN F 4 .   ? -9.659  4.498   -7.527  1.00 15.56 ? 994  FIN A C12 1 
HETATM 1308 C  C13 . FIN F 4 .   ? -7.284  4.171   -7.912  1.00 12.87 ? 994  FIN A C13 1 
HETATM 1309 P  P1  . FIN F 4 .   ? -7.370  1.384   -6.176  1.00 17.95 ? 994  FIN A P1  1 
HETATM 1310 O  O4  . FIN F 4 .   ? -7.443  0.654   -7.500  1.00 17.12 ? 994  FIN A O4  1 
HETATM 1311 O  O5  . FIN F 4 .   ? -5.987  1.909   -5.989  1.00 16.96 ? 994  FIN A O5  1 
HETATM 1312 O  O6  . FIN F 4 .   ? -7.686  0.512   -5.106  1.00 15.88 ? 994  FIN A O6  1 
HETATM 1313 O  O   . HOH G 5 .   ? -1.007  12.644  -11.529 1.00 11.20 ? 1000 HOH A O   1 
HETATM 1314 O  O   . HOH G 5 .   ? -7.055  -10.850 -1.772  1.00 11.07 ? 1001 HOH A O   1 
HETATM 1315 O  O   . HOH G 5 .   ? -5.857  15.494  -4.143  1.00 18.52 ? 1002 HOH A O   1 
HETATM 1316 O  O   . HOH G 5 .   ? -0.794  12.147  16.146  1.00 26.88 ? 1003 HOH A O   1 
HETATM 1317 O  O   . HOH G 5 .   ? -3.702  19.596  -10.207 1.00 10.72 ? 1004 HOH A O   1 
HETATM 1318 O  O   . HOH G 5 .   ? 6.377   7.407   -7.565  1.00 17.15 ? 1005 HOH A O   1 
HETATM 1319 O  O   . HOH G 5 .   ? -10.566 13.094  3.732   1.00 19.22 ? 1006 HOH A O   1 
HETATM 1320 O  O   . HOH G 5 .   ? -6.662  -10.169 -4.637  1.00 19.86 ? 1007 HOH A O   1 
HETATM 1321 O  O   . HOH G 5 .   ? -4.102  1.238   -7.561  1.00 18.42 ? 1008 HOH A O   1 
HETATM 1322 O  O   . HOH G 5 .   ? -3.374  -19.374 -3.070  1.00 21.59 ? 1009 HOH A O   1 
HETATM 1323 O  O   . HOH G 5 .   ? -6.018  8.268   -8.759  1.00 18.63 ? 1010 HOH A O   1 
HETATM 1324 O  O   . HOH G 5 .   ? 2.161   16.348  -0.327  1.00 31.55 ? 1011 HOH A O   1 
HETATM 1325 O  O   . HOH G 5 .   ? 6.722   16.175  3.385   1.00 32.49 ? 1012 HOH A O   1 
HETATM 1326 O  O   . HOH G 5 .   ? 13.385  -1.466  6.968   1.00 33.41 ? 1013 HOH A O   1 
HETATM 1327 O  O   . HOH G 5 .   ? 12.758  -1.130  -8.488  1.00 27.99 ? 1014 HOH A O   1 
HETATM 1328 O  O   . HOH G 5 .   ? 8.550   2.956   7.608   1.00 15.26 ? 1015 HOH A O   1 
HETATM 1329 O  O   . HOH G 5 .   ? 13.550  1.287   -10.581 1.00 18.47 ? 1016 HOH A O   1 
HETATM 1330 O  O   . HOH G 5 .   ? 11.707  -7.630  -10.259 1.00 27.15 ? 1017 HOH A O   1 
HETATM 1331 O  O   . HOH G 5 .   ? -1.568  19.371  -8.633  1.00 14.12 ? 1018 HOH A O   1 
HETATM 1332 O  O   . HOH G 5 .   ? 3.314   12.797  8.268   1.00 19.60 ? 1019 HOH A O   1 
HETATM 1333 O  O   . HOH G 5 .   ? -11.979 11.535  10.252  1.00 19.65 ? 1020 HOH A O   1 
HETATM 1334 O  O   . HOH G 5 .   ? -3.354  7.876   17.533  1.00 42.06 ? 1021 HOH A O   1 
HETATM 1335 O  O   . HOH G 5 .   ? 0.018   0.156   12.261  1.00 34.12 ? 1022 HOH A O   1 
HETATM 1336 O  O   . HOH G 5 .   ? -13.685 9.473   10.749  1.00 25.86 ? 1023 HOH A O   1 
HETATM 1337 O  O   . HOH G 5 .   ? 12.103  6.613   3.746   1.00 27.22 ? 1024 HOH A O   1 
HETATM 1338 O  O   . HOH G 5 .   ? 2.258   -21.320 -1.970  1.00 33.38 ? 1025 HOH A O   1 
HETATM 1339 O  O   . HOH G 5 .   ? -9.482  0.144   -9.316  1.00 25.30 ? 1026 HOH A O   1 
HETATM 1340 O  O   . HOH G 5 .   ? -2.761  -18.419 7.951   1.00 29.64 ? 1027 HOH A O   1 
HETATM 1341 O  O   . HOH G 5 .   ? -18.389 -8.829  -3.602  1.00 24.22 ? 1028 HOH A O   1 
HETATM 1342 O  O   . HOH G 5 .   ? 1.533   -5.953  10.749  1.00 30.42 ? 1029 HOH A O   1 
HETATM 1343 O  O   . HOH G 5 .   ? 1.012   5.283   13.413  1.00 22.58 ? 1030 HOH A O   1 
HETATM 1344 O  O   . HOH G 5 .   ? -12.838 -13.089 -5.908  1.00 40.17 ? 1031 HOH A O   1 
HETATM 1345 O  O   . HOH G 5 .   ? -6.157  -16.075 9.453   1.00 47.67 ? 1032 HOH A O   1 
HETATM 1346 O  O   . HOH G 5 .   ? -1.871  2.999   -11.911 1.00 47.89 ? 1033 HOH A O   1 
HETATM 1347 O  O   . HOH G 5 .   ? 14.968  7.606   -8.848  1.00 51.27 ? 1034 HOH A O   1 
HETATM 1348 O  O   . HOH G 5 .   ? -13.428 5.554   -0.435  1.00 41.27 ? 1035 HOH A O   1 
HETATM 1349 O  O   . HOH G 5 .   ? 10.184  -7.303  5.842   1.00 19.09 ? 1036 HOH A O   1 
HETATM 1350 O  O   . HOH G 5 .   ? -3.189  14.587  4.293   1.00 26.47 ? 1037 HOH A O   1 
HETATM 1351 O  O   . HOH G 5 .   ? 11.233  2.898   -19.144 1.00 48.07 ? 1038 HOH A O   1 
HETATM 1352 O  O   . HOH G 5 .   ? 16.710  14.605  -1.380  1.00 45.75 ? 1039 HOH A O   1 
HETATM 1353 O  O   . HOH G 5 .   ? 8.021   -3.741  7.380   1.00 24.30 ? 1040 HOH A O   1 
HETATM 1354 O  O   . HOH G 5 .   ? -6.181  16.474  -14.591 1.00 40.37 ? 1041 HOH A O   1 
HETATM 1355 O  O   . HOH G 5 .   ? 0.307   -9.871  -10.629 1.00 33.48 ? 1042 HOH A O   1 
HETATM 1356 O  O   . HOH G 5 .   ? 14.457  9.356   6.152   1.00 32.80 ? 1043 HOH A O   1 
HETATM 1357 O  O   . HOH G 5 .   ? 6.776   -9.989  -13.876 1.00 26.80 ? 1044 HOH A O   1 
HETATM 1358 O  O   . HOH G 5 .   ? 1.266   15.911  2.316   1.00 22.26 ? 1045 HOH A O   1 
HETATM 1359 O  O   . HOH G 5 .   ? -1.785  -4.453  -9.017  1.00 46.07 ? 1046 HOH A O   1 
HETATM 1360 O  O   . HOH G 5 .   ? 10.956  14.327  -1.040  1.00 41.06 ? 1047 HOH A O   1 
HETATM 1361 O  O   . HOH G 5 .   ? -10.612 -13.993 3.648   1.00 37.39 ? 1048 HOH A O   1 
HETATM 1362 O  O   . HOH G 5 .   ? 7.609   -11.123 11.060  1.00 35.77 ? 1049 HOH A O   1 
HETATM 1363 O  O   . HOH G 5 .   ? -10.986 -6.032  4.976   1.00 53.41 ? 1050 HOH A O   1 
HETATM 1364 O  O   . HOH G 5 .   ? 11.930  6.483   -10.721 1.00 50.48 ? 1051 HOH A O   1 
HETATM 1365 O  O   . HOH G 5 .   ? -18.648 -2.321  -1.075  1.00 25.73 ? 1052 HOH A O   1 
HETATM 1366 O  O   . HOH G 5 .   ? -10.689 0.375   -5.245  1.00 36.14 ? 1053 HOH A O   1 
HETATM 1367 O  O   . HOH G 5 .   ? 18.324  11.383  4.734   1.00 26.83 ? 1054 HOH A O   1 
HETATM 1368 O  O   . HOH G 5 .   ? 13.459  11.247  3.415   1.00 47.73 ? 1055 HOH A O   1 
HETATM 1369 O  O   . HOH G 5 .   ? -0.081  -1.078  -12.171 1.00 31.83 ? 1056 HOH A O   1 
HETATM 1370 O  O   . HOH G 5 .   ? -5.333  -15.208 -12.878 1.00 58.71 ? 1057 HOH A O   1 
HETATM 1371 O  O   . HOH G 5 .   ? -3.998  5.081   16.873  1.00 52.38 ? 1058 HOH A O   1 
HETATM 1372 O  O   . HOH G 5 .   ? -13.951 16.621  -2.480  1.00 28.73 ? 1059 HOH A O   1 
HETATM 1373 O  O   . HOH G 5 .   ? 11.552  2.841   -7.829  1.00 14.37 ? 1060 HOH A O   1 
HETATM 1374 O  O   . HOH G 5 .   ? -4.555  4.155   -11.799 1.00 26.46 ? 1061 HOH A O   1 
HETATM 1375 O  O   . HOH G 5 .   ? -1.368  6.799   -15.221 1.00 66.28 ? 1062 HOH A O   1 
HETATM 1376 O  O   . HOH G 5 .   ? 18.969  5.844   -5.476  1.00 33.63 ? 1063 HOH A O   1 
HETATM 1377 O  O   . HOH G 5 .   ? 4.248   -1.105  -13.501 1.00 25.19 ? 1064 HOH A O   1 
HETATM 1378 O  O   . HOH G 5 .   ? -6.327  20.972  -9.991  1.00 31.23 ? 1065 HOH A O   1 
HETATM 1379 O  O   . HOH G 5 .   ? 9.437   -13.050 9.122   1.00 52.60 ? 1066 HOH A O   1 
HETATM 1380 O  O   . HOH G 5 .   ? 8.668   4.526   -14.606 1.00 27.19 ? 1067 HOH A O   1 
HETATM 1381 O  O   . HOH G 5 .   ? -2.591  4.564   10.050  1.00 26.37 ? 1068 HOH A O   1 
HETATM 1382 O  O   . HOH G 5 .   ? -12.034 2.264   -9.758  1.00 39.21 ? 1069 HOH A O   1 
HETATM 1383 O  O   . HOH G 5 .   ? 12.401  -14.707 2.535   1.00 31.28 ? 1070 HOH A O   1 
HETATM 1384 O  O   . HOH G 5 .   ? 5.254   -3.492  -14.642 1.00 35.19 ? 1071 HOH A O   1 
HETATM 1385 O  O   . HOH G 5 .   ? 10.673  -3.477  7.372   1.00 36.53 ? 1072 HOH A O   1 
HETATM 1386 O  O   . HOH G 5 .   ? 13.663  8.593   -6.758  1.00 45.33 ? 1073 HOH A O   1 
HETATM 1387 O  O   . HOH G 5 .   ? 16.592  11.536  -1.909  1.00 27.80 ? 1074 HOH A O   1 
HETATM 1388 O  O   . HOH G 5 .   ? -15.184 18.132  -0.790  1.00 40.63 ? 1075 HOH A O   1 
HETATM 1389 O  O   . HOH G 5 .   ? 2.434   -22.930 -4.469  1.00 44.27 ? 1076 HOH A O   1 
HETATM 1390 O  O   . HOH G 5 .   ? 18.945  -5.644  1.750   1.00 33.62 ? 1077 HOH A O   1 
HETATM 1391 O  O   . HOH G 5 .   ? 3.571   -16.424 -9.355  1.00 53.34 ? 1078 HOH A O   1 
HETATM 1392 O  O   . HOH G 5 .   ? 9.504   -12.353 4.497   1.00 29.96 ? 1079 HOH A O   1 
HETATM 1393 O  O   . HOH G 5 .   ? 0.081   -13.220 -10.628 1.00 53.21 ? 1080 HOH A O   1 
HETATM 1394 O  O   . HOH G 5 .   ? -0.897  -2.701  13.689  1.00 46.44 ? 1081 HOH A O   1 
HETATM 1395 O  O   . HOH G 5 .   ? -7.530  20.224  0.479   1.00 41.12 ? 1082 HOH A O   1 
HETATM 1396 O  O   . HOH G 5 .   ? -6.799  -10.453 -12.013 1.00 41.66 ? 1083 HOH A O   1 
HETATM 1397 O  O   . HOH G 5 .   ? -1.657  -3.346  -12.618 1.00 39.79 ? 1084 HOH A O   1 
HETATM 1398 O  O   . HOH G 5 .   ? -14.464 11.650  9.685   1.00 55.26 ? 1085 HOH A O   1 
HETATM 1399 O  O   . HOH G 5 .   ? -7.419  -12.680 14.704  1.00 54.07 ? 1086 HOH A O   1 
HETATM 1400 O  O   . HOH G 5 .   ? 9.538   -10.275 9.429   1.00 50.39 ? 1087 HOH A O   1 
HETATM 1401 O  O   . HOH G 5 .   ? 13.318  14.247  4.388   1.00 46.96 ? 1088 HOH A O   1 
HETATM 1402 O  O   . HOH G 5 .   ? 15.274  -4.996  -4.773  1.00 30.26 ? 1089 HOH A O   1 
HETATM 1403 O  O   . HOH G 5 .   ? -1.790  13.965  -6.269  1.00 60.96 ? 1090 HOH A O   1 
HETATM 1404 O  O   . HOH G 5 .   ? 1.676   -0.686  -14.346 1.00 55.55 ? 1091 HOH A O   1 
HETATM 1405 O  O   . HOH G 5 .   ? 14.719  -7.043  -11.437 1.00 44.62 ? 1092 HOH A O   1 
HETATM 1406 O  O   . HOH G 5 .   ? 9.149   -12.346 -10.524 1.00 51.84 ? 1093 HOH A O   1 
HETATM 1407 O  O   . HOH G 5 .   ? 9.327   17.077  -0.364  1.00 41.72 ? 1094 HOH A O   1 
HETATM 1408 O  O   . HOH G 5 .   ? -10.161 15.700  3.697   1.00 45.13 ? 1095 HOH A O   1 
HETATM 1409 O  O   . HOH G 5 .   ? -7.131  16.974  -10.066 1.00 45.71 ? 1096 HOH A O   1 
HETATM 1410 O  O   . HOH G 5 .   ? -14.354 -4.044  3.188   1.00 39.34 ? 1097 HOH A O   1 
HETATM 1411 O  O   . HOH G 5 .   ? 18.502  14.843  4.793   1.00 44.74 ? 1098 HOH A O   1 
HETATM 1412 O  O   . HOH G 5 .   ? 2.960   18.550  2.023   1.00 47.30 ? 1099 HOH A O   1 
HETATM 1413 O  O   . HOH G 5 .   ? -8.621  -0.092  -12.309 1.00 57.63 ? 1100 HOH A O   1 
HETATM 1414 O  O   . HOH G 5 .   ? 10.694  -0.062  -9.403  1.00 16.88 ? 1101 HOH A O   1 
HETATM 1415 O  O   . HOH G 5 .   ? -11.917 -3.165  -8.902  1.00 20.66 ? 1102 HOH A O   1 
HETATM 1416 O  O   . HOH G 5 .   ? 14.197  1.641   -7.557  1.00 54.53 ? 1103 HOH A O   1 
HETATM 1417 O  O   . HOH G 5 .   ? -11.180 4.902   -11.142 1.00 39.97 ? 1104 HOH A O   1 
HETATM 1418 O  O   . HOH G 5 .   ? 3.883   -24.173 -6.239  1.00 41.02 ? 1105 HOH A O   1 
HETATM 1419 O  O   . HOH G 5 .   ? -0.591  -10.958 8.569   1.00 43.68 ? 1106 HOH A O   1 
HETATM 1420 O  O   . HOH G 5 .   ? 7.094   -0.595  -15.504 1.00 42.67 ? 1107 HOH A O   1 
HETATM 1421 O  O   . HOH G 5 .   ? -6.290  18.327  -12.812 1.00 35.72 ? 1108 HOH A O   1 
HETATM 1422 O  O   . HOH G 5 .   ? 4.574   1.260   -15.117 1.00 49.38 ? 1109 HOH A O   1 
HETATM 1423 O  O   . HOH G 5 .   ? 13.881  -14.110 -12.548 1.00 56.96 ? 1110 HOH A O   1 
HETATM 1424 O  O   . HOH G 5 .   ? 9.283   16.058  2.609   1.00 50.99 ? 1111 HOH A O   1 
HETATM 1425 O  O   . HOH G 5 .   ? -16.369 -7.885  6.841   1.00 42.88 ? 1112 HOH A O   1 
HETATM 1426 O  O   . HOH G 5 .   ? 16.698  -2.043  -7.441  1.00 47.13 ? 1113 HOH A O   1 
HETATM 1427 O  O   . HOH G 5 .   ? -12.259 5.945   -4.116  1.00 56.35 ? 1114 HOH A O   1 
HETATM 1428 O  O   . HOH G 5 .   ? 7.997   -1.634  5.997   0.00 70.31 ? 1115 HOH A O   1 
HETATM 1429 O  O   . HOH G 5 .   ? -3.021  1.975   12.288  1.00 55.40 ? 1116 HOH A O   1 
HETATM 1430 O  O   . HOH G 5 .   ? 9.389   7.220   -10.929 1.00 38.15 ? 1117 HOH A O   1 
HETATM 1431 O  O   . HOH G 5 .   ? -2.319  -0.499  14.135  1.00 61.23 ? 1118 HOH A O   1 
HETATM 1432 O  O   . HOH G 5 .   ? 9.759   -11.498 -15.861 1.00 43.71 ? 1119 HOH A O   1 
HETATM 1433 O  O   . HOH G 5 .   ? -10.410 -2.528  -13.808 1.00 39.37 ? 1120 HOH A O   1 
HETATM 1434 O  O   . HOH G 5 .   ? -1.026  9.441   5.973   0.00 70.43 ? 1121 HOH A O   1 
HETATM 1435 O  O   . HOH G 5 .   ? -4.915  17.221  4.277   1.00 54.71 ? 1122 HOH A O   1 
HETATM 1436 O  O   . HOH G 5 .   ? -9.778  17.086  -8.788  1.00 49.30 ? 1123 HOH A O   1 
HETATM 1437 O  O   . HOH G 5 .   ? 14.398  13.714  0.525   1.00 61.20 ? 1124 HOH A O   1 
HETATM 1438 O  O   . HOH G 5 .   ? 6.562   -18.590 -5.655  1.00 41.63 ? 1125 HOH A O   1 
HETATM 1439 O  O   . HOH G 5 .   ? 7.378   -12.307 -12.779 1.00 49.99 ? 1126 HOH A O   1 
HETATM 1440 O  O   . HOH G 5 .   ? -9.720  -14.406 6.427   1.00 53.40 ? 1127 HOH A O   1 
HETATM 1441 O  O   . HOH G 5 .   ? -3.108  -15.907 -11.789 1.00 56.21 ? 1128 HOH A O   1 
HETATM 1442 O  O   . HOH G 5 .   ? -4.348  -1.580  -12.333 1.00 40.65 ? 1129 HOH A O   1 
HETATM 1443 O  O   . HOH G 5 .   ? -13.356 -16.154 2.244   1.00 29.25 ? 1130 HOH A O   1 
HETATM 1444 O  O   . HOH G 5 .   ? -13.505 1.111   -11.626 1.00 41.11 ? 1131 HOH A O   1 
HETATM 1445 O  O   . HOH G 5 .   ? -4.819  -3.288  6.392   0.00 71.19 ? 1132 HOH A O   1 
HETATM 1446 O  O   . HOH G 5 .   ? 9.557   6.919   15.611  1.00 55.31 ? 1133 HOH A O   1 
HETATM 1447 O  O   . HOH G 5 .   ? -11.870 -15.317 -0.042  1.00 51.69 ? 1134 HOH A O   1 
HETATM 1448 O  O   . HOH G 5 .   ? 4.170   -16.324 -12.305 1.00 55.37 ? 1135 HOH A O   1 
HETATM 1449 O  O   . HOH G 5 .   ? 6.565   7.802   -3.669  1.00 57.97 ? 1136 HOH A O   1 
HETATM 1450 O  O   . HOH G 5 .   ? -2.278  0.092   -11.706 1.00 64.90 ? 1137 HOH A O   1 
HETATM 1451 O  O   . HOH G 5 .   ? -1.231  17.913  12.408  1.00 38.54 ? 1138 HOH A O   1 
HETATM 1452 O  O   . HOH G 5 .   ? -14.445 6.007   11.016  1.00 46.70 ? 1139 HOH A O   1 
HETATM 1453 O  O   . HOH G 5 .   ? 3.585   -4.881  0.515   0.00 68.51 ? 1140 HOH A O   1 
HETATM 1454 O  O   . HOH G 5 .   ? -15.266 10.840  6.530   1.00 57.73 ? 1141 HOH A O   1 
HETATM 1455 O  O   . HOH G 5 .   ? -6.581  -14.002 12.584  1.00 60.55 ? 1142 HOH A O   1 
HETATM 1456 O  O   . HOH G 5 .   ? -10.692 0.791   -14.267 1.00 53.34 ? 1143 HOH A O   1 
# 
loop_
_pdbx_poly_seq_scheme.asym_id 
_pdbx_poly_seq_scheme.entity_id 
_pdbx_poly_seq_scheme.seq_id 
_pdbx_poly_seq_scheme.mon_id 
_pdbx_poly_seq_scheme.ndb_seq_num 
_pdbx_poly_seq_scheme.pdb_seq_num 
_pdbx_poly_seq_scheme.auth_seq_num 
_pdbx_poly_seq_scheme.pdb_mon_id 
_pdbx_poly_seq_scheme.auth_mon_id 
_pdbx_poly_seq_scheme.pdb_strand_id 
_pdbx_poly_seq_scheme.pdb_ins_code 
_pdbx_poly_seq_scheme.hetero 
A 1 1   MET 1   80  80  MET MET A . n 
A 1 2   LEU 2   81  81  LEU LEU A . n 
A 1 3   THR 3   82  82  THR THR A . n 
A 1 4   PRO 4   83  83  PRO PRO A . n 
A 1 5   GLY 5   84  84  GLY GLY A . n 
A 1 6   ASN 6   85  85  ASN ASN A . n 
A 1 7   PRO 7   86  86  PRO PRO A . n 
A 1 8   LYS 8   87  87  LYS LYS A . n 
A 1 9   TRP 9   88  88  TRP TRP A . n 
A 1 10  GLU 10  89  89  GLU GLU A . n 
A 1 11  ARG 11  90  90  ARG ARG A . n 
A 1 12  THR 12  91  91  THR THR A . n 
A 1 13  ASN 13  92  92  ASN ASN A . n 
A 1 14  LEU 14  93  93  LEU LEU A . n 
A 1 15  THR 15  94  94  THR THR A . n 
A 1 16  TYR 16  95  95  TYR TYR A . n 
A 1 17  ARG 17  96  96  ARG ARG A . n 
A 1 18  ILE 18  97  97  ILE ILE A . n 
A 1 19  ARG 19  98  98  ARG ARG A . n 
A 1 20  ASN 20  99  99  ASN ASN A . n 
A 1 21  TYR 21  100 100 TYR TYR A . n 
A 1 22  THR 22  101 101 THR THR A . n 
A 1 23  PRO 23  102 102 PRO PRO A . n 
A 1 24  GLN 24  103 103 GLN GLN A . n 
A 1 25  LEU 25  104 104 LEU LEU A . n 
A 1 26  SER 26  105 105 SER SER A . n 
A 1 27  GLU 27  106 106 GLU GLU A . n 
A 1 28  ALA 28  107 107 ALA ALA A . n 
A 1 29  GLU 29  108 108 GLU GLU A . n 
A 1 30  VAL 30  109 109 VAL VAL A . n 
A 1 31  GLU 31  110 110 GLU GLU A . n 
A 1 32  ARG 32  111 111 ARG ARG A . n 
A 1 33  ALA 33  112 112 ALA ALA A . n 
A 1 34  ILE 34  113 113 ILE ILE A . n 
A 1 35  LYS 35  114 114 LYS LYS A . n 
A 1 36  ASP 36  115 115 ASP ASP A . n 
A 1 37  ALA 37  116 116 ALA ALA A . n 
A 1 38  PHE 38  117 117 PHE PHE A . n 
A 1 39  GLU 39  118 118 GLU GLU A . n 
A 1 40  LEU 40  119 119 LEU LEU A . n 
A 1 41  TRP 41  120 120 TRP TRP A . n 
A 1 42  SER 42  121 121 SER SER A . n 
A 1 43  VAL 43  122 122 VAL VAL A . n 
A 1 44  ALA 44  123 123 ALA ALA A . n 
A 1 45  SER 45  124 124 SER SER A . n 
A 1 46  PRO 46  125 125 PRO PRO A . n 
A 1 47  LEU 47  126 126 LEU LEU A . n 
A 1 48  ILE 48  127 127 ILE ILE A . n 
A 1 49  PHE 49  128 128 PHE PHE A . n 
A 1 50  THR 50  129 129 THR THR A . n 
A 1 51  ARG 51  130 130 ARG ARG A . n 
A 1 52  ILE 52  131 131 ILE ILE A . n 
A 1 53  SER 53  132 132 SER SER A . n 
A 1 54  GLN 54  133 133 GLN GLN A . n 
A 1 55  GLY 55  134 134 GLY GLY A . n 
A 1 56  GLU 56  135 135 GLU GLU A . n 
A 1 57  ALA 57  136 136 ALA ALA A . n 
A 1 58  ASP 58  137 137 ASP ASP A . n 
A 1 59  ILE 59  138 138 ILE ILE A . n 
A 1 60  ASN 60  139 139 ASN ASN A . n 
A 1 61  ILE 61  140 140 ILE ILE A . n 
A 1 62  ALA 62  141 141 ALA ALA A . n 
A 1 63  PHE 63  142 142 PHE PHE A . n 
A 1 64  TYR 64  143 143 TYR TYR A . n 
A 1 65  GLN 65  144 144 GLN GLN A . n 
A 1 66  ARG 66  145 145 ARG ARG A . n 
A 1 67  ASP 67  146 146 ASP ASP A . n 
A 1 68  HIS 68  147 147 HIS HIS A . n 
A 1 69  GLY 69  148 148 GLY GLY A . n 
A 1 70  ASP 70  149 149 ASP ASP A . n 
A 1 71  ASN 71  150 150 ASN ASN A . n 
A 1 72  SER 72  151 151 SER SER A . n 
A 1 73  PRO 73  152 152 PRO PRO A . n 
A 1 74  PHE 74  153 153 PHE PHE A . n 
A 1 75  ASP 75  154 154 ASP ASP A . n 
A 1 76  GLY 76  155 155 GLY GLY A . n 
A 1 77  PRO 77  156 156 PRO PRO A . n 
A 1 78  ASN 78  157 157 ASN ASN A . n 
A 1 79  GLY 79  158 158 GLY GLY A . n 
A 1 80  ILE 80  159 159 ILE ILE A . n 
A 1 81  LEU 81  160 160 LEU LEU A . n 
A 1 82  ALA 82  161 161 ALA ALA A . n 
A 1 83  HIS 83  162 162 HIS HIS A . n 
A 1 84  ALA 84  163 163 ALA ALA A . n 
A 1 85  PHE 85  164 164 PHE PHE A . n 
A 1 86  GLN 86  165 165 GLN GLN A . n 
A 1 87  PRO 87  166 166 PRO PRO A . n 
A 1 88  GLY 88  167 167 GLY GLY A . n 
A 1 89  GLN 89  168 168 GLN GLN A . n 
A 1 90  GLY 90  169 169 GLY GLY A . n 
A 1 91  ILE 91  170 170 ILE ILE A . n 
A 1 92  GLY 92  171 171 GLY GLY A . n 
A 1 93  GLY 93  172 172 GLY GLY A . n 
A 1 94  ASP 94  173 173 ASP ASP A . n 
A 1 95  ALA 95  174 174 ALA ALA A . n 
A 1 96  HIS 96  175 175 HIS HIS A . n 
A 1 97  PHE 97  176 176 PHE PHE A . n 
A 1 98  ASP 98  177 177 ASP ASP A . n 
A 1 99  ALA 99  178 178 ALA ALA A . n 
A 1 100 GLU 100 179 179 GLU GLU A . n 
A 1 101 GLU 101 180 180 GLU GLU A . n 
A 1 102 THR 102 181 181 THR THR A . n 
A 1 103 TRP 103 182 182 TRP TRP A . n 
A 1 104 THR 104 183 183 THR THR A . n 
A 1 105 ASN 105 184 184 ASN ASN A . n 
A 1 106 THR 106 185 185 THR THR A . n 
A 1 107 SER 107 186 186 SER SER A . n 
A 1 108 ALA 108 187 187 ALA ALA A . n 
A 1 109 ASN 109 188 188 ASN ASN A . n 
A 1 110 TYR 110 189 189 TYR TYR A . n 
A 1 111 ASN 111 190 190 ASN ASN A . n 
A 1 112 LEU 112 191 191 LEU LEU A . n 
A 1 113 PHE 113 192 192 PHE PHE A . n 
A 1 114 LEU 114 193 193 LEU LEU A . n 
A 1 115 VAL 115 194 194 VAL VAL A . n 
A 1 116 ALA 116 195 195 ALA ALA A . n 
A 1 117 ALA 117 196 196 ALA ALA A . n 
A 1 118 HIS 118 197 197 HIS HIS A . n 
A 1 119 GLU 119 198 198 GLU GLU A . n 
A 1 120 PHE 120 199 199 PHE PHE A . n 
A 1 121 GLY 121 200 200 GLY GLY A . n 
A 1 122 HIS 122 201 201 HIS HIS A . n 
A 1 123 SER 123 202 202 SER SER A . n 
A 1 124 LEU 124 203 203 LEU LEU A . n 
A 1 125 GLY 125 204 204 GLY GLY A . n 
A 1 126 LEU 126 205 205 LEU LEU A . n 
A 1 127 ALA 127 206 206 ALA ALA A . n 
A 1 128 HIS 128 207 207 HIS HIS A . n 
A 1 129 SER 129 208 208 SER SER A . n 
A 1 130 SER 130 209 209 SER SER A . n 
A 1 131 ASP 131 210 210 ASP ASP A . n 
A 1 132 PRO 132 211 211 PRO PRO A . n 
A 1 133 GLY 133 212 212 GLY GLY A . n 
A 1 134 ALA 134 213 213 ALA ALA A . n 
A 1 135 LEU 135 214 214 LEU LEU A . n 
A 1 136 MET 136 215 215 MET MET A . n 
A 1 137 TYR 137 216 216 TYR TYR A . n 
A 1 138 PRO 138 217 217 PRO PRO A . n 
A 1 139 ASN 139 218 218 ASN ASN A . n 
A 1 140 TYR 140 219 219 TYR TYR A . n 
A 1 141 ALA 141 220 220 ALA ALA A . n 
A 1 142 PHE 142 221 221 PHE PHE A . n 
A 1 143 ARG 143 222 222 ARG ARG A . n 
A 1 144 GLU 144 223 223 GLU GLU A . n 
A 1 145 THR 145 224 224 THR THR A . n 
A 1 146 SER 146 225 225 SER SER A . n 
A 1 147 ASN 147 226 226 ASN ASN A . n 
A 1 148 TYR 148 227 227 TYR TYR A . n 
A 1 149 SER 149 228 228 SER SER A . n 
A 1 150 LEU 150 229 229 LEU LEU A . n 
A 1 151 PRO 151 230 230 PRO PRO A . n 
A 1 152 GLN 152 231 231 GLN GLN A . n 
A 1 153 ASP 153 232 232 ASP ASP A . n 
A 1 154 ASP 154 233 233 ASP ASP A . n 
A 1 155 ILE 155 234 234 ILE ILE A . n 
A 1 156 ASP 156 235 235 ASP ASP A . n 
A 1 157 GLY 157 236 236 GLY GLY A . n 
A 1 158 ILE 158 237 237 ILE ILE A . n 
A 1 159 GLN 159 238 238 GLN GLN A . n 
A 1 160 ALA 160 239 239 ALA ALA A . n 
A 1 161 ILE 161 240 240 ILE ILE A . n 
A 1 162 TYR 162 241 241 TYR TYR A . n 
A 1 163 GLY 163 242 242 GLY GLY A . n 
# 
loop_
_pdbx_nonpoly_scheme.asym_id 
_pdbx_nonpoly_scheme.entity_id 
_pdbx_nonpoly_scheme.mon_id 
_pdbx_nonpoly_scheme.ndb_seq_num 
_pdbx_nonpoly_scheme.pdb_seq_num 
_pdbx_nonpoly_scheme.auth_seq_num 
_pdbx_nonpoly_scheme.pdb_mon_id 
_pdbx_nonpoly_scheme.auth_mon_id 
_pdbx_nonpoly_scheme.pdb_strand_id 
_pdbx_nonpoly_scheme.pdb_ins_code 
B 2 CA  1   996  996 CA  CA  A . 
C 2 CA  1   997  997 CA  CA  A . 
D 3 ZN  1   998  998 ZN  ZN  A . 
E 3 ZN  1   999  999 ZN  ZN  A . 
F 4 FIN 1   994  1   FIN FIN A . 
G 5 HOH 1   1000 1   HOH TIP A . 
G 5 HOH 2   1001 2   HOH TIP A . 
G 5 HOH 3   1002 3   HOH TIP A . 
G 5 HOH 4   1003 4   HOH TIP A . 
G 5 HOH 5   1004 5   HOH TIP A . 
G 5 HOH 6   1005 6   HOH TIP A . 
G 5 HOH 7   1006 7   HOH TIP A . 
G 5 HOH 8   1007 8   HOH TIP A . 
G 5 HOH 9   1008 9   HOH TIP A . 
G 5 HOH 10  1009 10  HOH TIP A . 
G 5 HOH 11  1010 11  HOH TIP A . 
G 5 HOH 12  1011 12  HOH TIP A . 
G 5 HOH 13  1012 13  HOH TIP A . 
G 5 HOH 14  1013 14  HOH TIP A . 
G 5 HOH 15  1014 15  HOH TIP A . 
G 5 HOH 16  1015 16  HOH TIP A . 
G 5 HOH 17  1016 17  HOH TIP A . 
G 5 HOH 18  1017 18  HOH TIP A . 
G 5 HOH 19  1018 19  HOH TIP A . 
G 5 HOH 20  1019 20  HOH TIP A . 
G 5 HOH 21  1020 21  HOH TIP A . 
G 5 HOH 22  1021 22  HOH TIP A . 
G 5 HOH 23  1022 23  HOH TIP A . 
G 5 HOH 24  1023 24  HOH TIP A . 
G 5 HOH 25  1024 25  HOH TIP A . 
G 5 HOH 26  1025 26  HOH TIP A . 
G 5 HOH 27  1026 27  HOH TIP A . 
G 5 HOH 28  1027 28  HOH TIP A . 
G 5 HOH 29  1028 29  HOH TIP A . 
G 5 HOH 30  1029 30  HOH TIP A . 
G 5 HOH 31  1030 31  HOH TIP A . 
G 5 HOH 32  1031 32  HOH TIP A . 
G 5 HOH 33  1032 33  HOH TIP A . 
G 5 HOH 34  1033 34  HOH TIP A . 
G 5 HOH 35  1034 35  HOH TIP A . 
G 5 HOH 36  1035 36  HOH TIP A . 
G 5 HOH 37  1036 37  HOH TIP A . 
G 5 HOH 38  1037 38  HOH TIP A . 
G 5 HOH 39  1038 39  HOH TIP A . 
G 5 HOH 40  1039 40  HOH TIP A . 
G 5 HOH 41  1040 41  HOH TIP A . 
G 5 HOH 42  1041 42  HOH TIP A . 
G 5 HOH 43  1042 43  HOH TIP A . 
G 5 HOH 44  1043 44  HOH TIP A . 
G 5 HOH 45  1044 45  HOH TIP A . 
G 5 HOH 46  1045 46  HOH TIP A . 
G 5 HOH 47  1046 47  HOH TIP A . 
G 5 HOH 48  1047 48  HOH TIP A . 
G 5 HOH 49  1048 49  HOH TIP A . 
G 5 HOH 50  1049 50  HOH TIP A . 
G 5 HOH 51  1050 51  HOH TIP A . 
G 5 HOH 52  1051 52  HOH TIP A . 
G 5 HOH 53  1052 53  HOH TIP A . 
G 5 HOH 54  1053 54  HOH TIP A . 
G 5 HOH 55  1054 55  HOH TIP A . 
G 5 HOH 56  1055 56  HOH TIP A . 
G 5 HOH 57  1056 57  HOH TIP A . 
G 5 HOH 58  1057 58  HOH TIP A . 
G 5 HOH 59  1058 59  HOH TIP A . 
G 5 HOH 60  1059 60  HOH TIP A . 
G 5 HOH 61  1060 61  HOH TIP A . 
G 5 HOH 62  1061 62  HOH TIP A . 
G 5 HOH 63  1062 63  HOH TIP A . 
G 5 HOH 64  1063 64  HOH TIP A . 
G 5 HOH 65  1064 65  HOH TIP A . 
G 5 HOH 66  1065 66  HOH TIP A . 
G 5 HOH 67  1066 67  HOH TIP A . 
G 5 HOH 68  1067 68  HOH TIP A . 
G 5 HOH 69  1068 69  HOH TIP A . 
G 5 HOH 70  1069 70  HOH TIP A . 
G 5 HOH 71  1070 71  HOH TIP A . 
G 5 HOH 72  1071 72  HOH TIP A . 
G 5 HOH 73  1072 73  HOH TIP A . 
G 5 HOH 74  1073 74  HOH TIP A . 
G 5 HOH 75  1074 75  HOH TIP A . 
G 5 HOH 76  1075 76  HOH TIP A . 
G 5 HOH 77  1076 77  HOH TIP A . 
G 5 HOH 78  1077 78  HOH TIP A . 
G 5 HOH 79  1078 79  HOH TIP A . 
G 5 HOH 80  1079 80  HOH TIP A . 
G 5 HOH 81  1080 81  HOH TIP A . 
G 5 HOH 82  1081 82  HOH TIP A . 
G 5 HOH 83  1082 83  HOH TIP A . 
G 5 HOH 84  1083 84  HOH TIP A . 
G 5 HOH 85  1084 85  HOH TIP A . 
G 5 HOH 86  1085 86  HOH TIP A . 
G 5 HOH 87  1086 87  HOH TIP A . 
G 5 HOH 88  1087 88  HOH TIP A . 
G 5 HOH 89  1088 89  HOH TIP A . 
G 5 HOH 90  1089 90  HOH TIP A . 
G 5 HOH 91  1090 91  HOH TIP A . 
G 5 HOH 92  1091 92  HOH TIP A . 
G 5 HOH 93  1092 93  HOH TIP A . 
G 5 HOH 94  1093 94  HOH TIP A . 
G 5 HOH 95  1094 95  HOH TIP A . 
G 5 HOH 96  1095 96  HOH TIP A . 
G 5 HOH 97  1096 97  HOH TIP A . 
G 5 HOH 98  1097 98  HOH TIP A . 
G 5 HOH 99  1098 99  HOH TIP A . 
G 5 HOH 100 1099 100 HOH TIP A . 
G 5 HOH 101 1100 101 HOH TIP A . 
G 5 HOH 102 1101 102 HOH TIP A . 
G 5 HOH 103 1102 103 HOH TIP A . 
G 5 HOH 104 1103 104 HOH TIP A . 
G 5 HOH 105 1104 105 HOH TIP A . 
G 5 HOH 106 1105 106 HOH TIP A . 
G 5 HOH 107 1106 107 HOH TIP A . 
G 5 HOH 108 1107 108 HOH TIP A . 
G 5 HOH 109 1108 109 HOH TIP A . 
G 5 HOH 110 1109 110 HOH TIP A . 
G 5 HOH 111 1110 111 HOH TIP A . 
G 5 HOH 112 1111 112 HOH TIP A . 
G 5 HOH 113 1112 113 HOH TIP A . 
G 5 HOH 114 1113 114 HOH TIP A . 
G 5 HOH 115 1114 115 HOH TIP A . 
G 5 HOH 116 1115 116 HOH TIP A . 
G 5 HOH 117 1116 117 HOH TIP A . 
G 5 HOH 118 1117 118 HOH TIP A . 
G 5 HOH 119 1118 119 HOH TIP A . 
G 5 HOH 120 1119 120 HOH TIP A . 
G 5 HOH 121 1120 121 HOH TIP A . 
G 5 HOH 122 1121 122 HOH TIP A . 
G 5 HOH 123 1122 123 HOH TIP A . 
G 5 HOH 124 1123 124 HOH TIP A . 
G 5 HOH 125 1124 125 HOH TIP A . 
G 5 HOH 126 1125 126 HOH TIP A . 
G 5 HOH 127 1126 127 HOH TIP A . 
G 5 HOH 128 1127 128 HOH TIP A . 
G 5 HOH 129 1128 129 HOH TIP A . 
G 5 HOH 130 1129 130 HOH TIP A . 
G 5 HOH 131 1130 131 HOH TIP A . 
G 5 HOH 132 1131 132 HOH TIP A . 
G 5 HOH 133 1132 133 HOH TIP A . 
G 5 HOH 134 1133 134 HOH TIP A . 
G 5 HOH 135 1134 135 HOH TIP A . 
G 5 HOH 136 1135 136 HOH TIP A . 
G 5 HOH 137 1136 137 HOH TIP A . 
G 5 HOH 138 1137 138 HOH TIP A . 
G 5 HOH 139 1138 139 HOH TIP A . 
G 5 HOH 140 1139 140 HOH TIP A . 
G 5 HOH 141 1140 141 HOH TIP A . 
G 5 HOH 142 1141 142 HOH TIP A . 
G 5 HOH 143 1142 143 HOH TIP A . 
G 5 HOH 144 1143 144 HOH TIP A . 
# 
_pdbx_struct_assembly.id                   1 
_pdbx_struct_assembly.details              author_defined_assembly 
_pdbx_struct_assembly.method_details       ? 
_pdbx_struct_assembly.oligomeric_details   monomeric 
_pdbx_struct_assembly.oligomeric_count     1 
# 
_pdbx_struct_assembly_gen.assembly_id       1 
_pdbx_struct_assembly_gen.oper_expression   1 
_pdbx_struct_assembly_gen.asym_id_list      A,B,C,D,E,F,G 
# 
_pdbx_struct_oper_list.id                   1 
_pdbx_struct_oper_list.type                 'identity operation' 
_pdbx_struct_oper_list.name                 1_555 
_pdbx_struct_oper_list.symmetry_operation   x,y,z 
_pdbx_struct_oper_list.matrix[1][1]         1.0000000000 
_pdbx_struct_oper_list.matrix[1][2]         0.0000000000 
_pdbx_struct_oper_list.matrix[1][3]         0.0000000000 
_pdbx_struct_oper_list.vector[1]            0.0000000000 
_pdbx_struct_oper_list.matrix[2][1]         0.0000000000 
_pdbx_struct_oper_list.matrix[2][2]         1.0000000000 
_pdbx_struct_oper_list.matrix[2][3]         0.0000000000 
_pdbx_struct_oper_list.vector[2]            0.0000000000 
_pdbx_struct_oper_list.matrix[3][1]         0.0000000000 
_pdbx_struct_oper_list.matrix[3][2]         0.0000000000 
_pdbx_struct_oper_list.matrix[3][3]         1.0000000000 
_pdbx_struct_oper_list.vector[3]            0.0000000000 
# 
loop_
_pdbx_struct_conn_angle.id 
_pdbx_struct_conn_angle.ptnr1_label_atom_id 
_pdbx_struct_conn_angle.ptnr1_label_alt_id 
_pdbx_struct_conn_angle.ptnr1_label_asym_id 
_pdbx_struct_conn_angle.ptnr1_label_comp_id 
_pdbx_struct_conn_angle.ptnr1_label_seq_id 
_pdbx_struct_conn_angle.ptnr1_auth_atom_id 
_pdbx_struct_conn_angle.ptnr1_auth_asym_id 
_pdbx_struct_conn_angle.ptnr1_auth_comp_id 
_pdbx_struct_conn_angle.ptnr1_auth_seq_id 
_pdbx_struct_conn_angle.ptnr1_PDB_ins_code 
_pdbx_struct_conn_angle.ptnr1_symmetry 
_pdbx_struct_conn_angle.ptnr2_label_atom_id 
_pdbx_struct_conn_angle.ptnr2_label_alt_id 
_pdbx_struct_conn_angle.ptnr2_label_asym_id 
_pdbx_struct_conn_angle.ptnr2_label_comp_id 
_pdbx_struct_conn_angle.ptnr2_label_seq_id 
_pdbx_struct_conn_angle.ptnr2_auth_atom_id 
_pdbx_struct_conn_angle.ptnr2_auth_asym_id 
_pdbx_struct_conn_angle.ptnr2_auth_comp_id 
_pdbx_struct_conn_angle.ptnr2_auth_seq_id 
_pdbx_struct_conn_angle.ptnr2_PDB_ins_code 
_pdbx_struct_conn_angle.ptnr2_symmetry 
_pdbx_struct_conn_angle.ptnr3_label_atom_id 
_pdbx_struct_conn_angle.ptnr3_label_alt_id 
_pdbx_struct_conn_angle.ptnr3_label_asym_id 
_pdbx_struct_conn_angle.ptnr3_label_comp_id 
_pdbx_struct_conn_angle.ptnr3_label_seq_id 
_pdbx_struct_conn_angle.ptnr3_auth_atom_id 
_pdbx_struct_conn_angle.ptnr3_auth_asym_id 
_pdbx_struct_conn_angle.ptnr3_auth_comp_id 
_pdbx_struct_conn_angle.ptnr3_auth_seq_id 
_pdbx_struct_conn_angle.ptnr3_PDB_ins_code 
_pdbx_struct_conn_angle.ptnr3_symmetry 
_pdbx_struct_conn_angle.value 
_pdbx_struct_conn_angle.value_esd 
1  O   ? A ASP 58  ? A ASP 137  ? 1_555 CA ? B CA . ? A CA 996 ? 1_555 O   ? A GLY 90  ? A GLY 169  ? 1_555 162.3 ? 
2  O   ? A ASP 58  ? A ASP 137  ? 1_555 CA ? B CA . ? A CA 996 ? 1_555 O   ? A GLY 92  ? A GLY 171  ? 1_555 92.3  ? 
3  O   ? A GLY 90  ? A GLY 169  ? 1_555 CA ? B CA . ? A CA 996 ? 1_555 O   ? A GLY 92  ? A GLY 171  ? 1_555 96.0  ? 
4  O   ? A ASP 58  ? A ASP 137  ? 1_555 CA ? B CA . ? A CA 996 ? 1_555 OD1 ? A ASP 94  ? A ASP 173  ? 1_555 91.1  ? 
5  O   ? A GLY 90  ? A GLY 169  ? 1_555 CA ? B CA . ? A CA 996 ? 1_555 OD1 ? A ASP 94  ? A ASP 173  ? 1_555 102.5 ? 
6  O   ? A GLY 92  ? A GLY 171  ? 1_555 CA ? B CA . ? A CA 996 ? 1_555 OD1 ? A ASP 94  ? A ASP 173  ? 1_555 101.2 ? 
7  O   ? A ASP 58  ? A ASP 137  ? 1_555 CA ? B CA . ? A CA 996 ? 1_555 O   ? G HOH .   ? A HOH 1060 ? 1_555 91.2  ? 
8  O   ? A GLY 90  ? A GLY 169  ? 1_555 CA ? B CA . ? A CA 996 ? 1_555 O   ? G HOH .   ? A HOH 1060 ? 1_555 75.6  ? 
9  O   ? A GLY 92  ? A GLY 171  ? 1_555 CA ? B CA . ? A CA 996 ? 1_555 O   ? G HOH .   ? A HOH 1060 ? 1_555 158.8 ? 
10 OD1 ? A ASP 94  ? A ASP 173  ? 1_555 CA ? B CA . ? A CA 996 ? 1_555 O   ? G HOH .   ? A HOH 1060 ? 1_555 99.7  ? 
11 O   ? A ASP 58  ? A ASP 137  ? 1_555 CA ? B CA . ? A CA 996 ? 1_555 O   ? G HOH .   ? A HOH 1101 ? 1_555 83.0  ? 
12 O   ? A GLY 90  ? A GLY 169  ? 1_555 CA ? B CA . ? A CA 996 ? 1_555 O   ? G HOH .   ? A HOH 1101 ? 1_555 83.3  ? 
13 O   ? A GLY 92  ? A GLY 171  ? 1_555 CA ? B CA . ? A CA 996 ? 1_555 O   ? G HOH .   ? A HOH 1101 ? 1_555 78.9  ? 
14 OD1 ? A ASP 94  ? A ASP 173  ? 1_555 CA ? B CA . ? A CA 996 ? 1_555 O   ? G HOH .   ? A HOH 1101 ? 1_555 174.1 ? 
15 O   ? G HOH .   ? A HOH 1060 ? 1_555 CA ? B CA . ? A CA 996 ? 1_555 O   ? G HOH .   ? A HOH 1101 ? 1_555 80.7  ? 
16 NE2 ? A HIS 68  ? A HIS 147  ? 1_555 ZN ? D ZN . ? A ZN 998 ? 1_555 OD2 ? A ASP 70  ? A ASP 149  ? 1_555 110.9 ? 
17 NE2 ? A HIS 68  ? A HIS 147  ? 1_555 ZN ? D ZN . ? A ZN 998 ? 1_555 NE2 ? A HIS 83  ? A HIS 162  ? 1_555 115.3 ? 
18 OD2 ? A ASP 70  ? A ASP 149  ? 1_555 ZN ? D ZN . ? A ZN 998 ? 1_555 NE2 ? A HIS 83  ? A HIS 162  ? 1_555 113.6 ? 
19 OD1 ? A ASP 75  ? A ASP 154  ? 1_555 CA ? C CA . ? A CA 997 ? 1_555 O   ? A GLY 76  ? A GLY 155  ? 1_555 89.3  ? 
20 OD1 ? A ASP 75  ? A ASP 154  ? 1_555 CA ? C CA . ? A CA 997 ? 1_555 O   ? A ASN 78  ? A ASN 157  ? 1_555 85.0  ? 
21 O   ? A GLY 76  ? A GLY 155  ? 1_555 CA ? C CA . ? A CA 997 ? 1_555 O   ? A ASN 78  ? A ASN 157  ? 1_555 80.2  ? 
22 OD1 ? A ASP 75  ? A ASP 154  ? 1_555 CA ? C CA . ? A CA 997 ? 1_555 O   ? A ILE 80  ? A ILE 159  ? 1_555 86.7  ? 
23 O   ? A GLY 76  ? A GLY 155  ? 1_555 CA ? C CA . ? A CA 997 ? 1_555 O   ? A ILE 80  ? A ILE 159  ? 1_555 175.3 ? 
24 O   ? A ASN 78  ? A ASN 157  ? 1_555 CA ? C CA . ? A CA 997 ? 1_555 O   ? A ILE 80  ? A ILE 159  ? 1_555 101.9 ? 
25 OD1 ? A ASP 75  ? A ASP 154  ? 1_555 CA ? C CA . ? A CA 997 ? 1_555 OD2 ? A ASP 98  ? A ASP 177  ? 1_555 91.0  ? 
26 O   ? A GLY 76  ? A GLY 155  ? 1_555 CA ? C CA . ? A CA 997 ? 1_555 OD2 ? A ASP 98  ? A ASP 177  ? 1_555 89.8  ? 
27 O   ? A ASN 78  ? A ASN 157  ? 1_555 CA ? C CA . ? A CA 997 ? 1_555 OD2 ? A ASP 98  ? A ASP 177  ? 1_555 169.2 ? 
28 O   ? A ILE 80  ? A ILE 159  ? 1_555 CA ? C CA . ? A CA 997 ? 1_555 OD2 ? A ASP 98  ? A ASP 177  ? 1_555 87.8  ? 
29 OD1 ? A ASP 75  ? A ASP 154  ? 1_555 CA ? C CA . ? A CA 997 ? 1_555 OE2 ? A GLU 101 ? A GLU 180  ? 1_555 170.3 ? 
30 O   ? A GLY 76  ? A GLY 155  ? 1_555 CA ? C CA . ? A CA 997 ? 1_555 OE2 ? A GLU 101 ? A GLU 180  ? 1_555 96.3  ? 
31 O   ? A ASN 78  ? A ASN 157  ? 1_555 CA ? C CA . ? A CA 997 ? 1_555 OE2 ? A GLU 101 ? A GLU 180  ? 1_555 88.2  ? 
32 O   ? A ILE 80  ? A ILE 159  ? 1_555 CA ? C CA . ? A CA 997 ? 1_555 OE2 ? A GLU 101 ? A GLU 180  ? 1_555 88.0  ? 
33 OD2 ? A ASP 98  ? A ASP 177  ? 1_555 CA ? C CA . ? A CA 997 ? 1_555 OE2 ? A GLU 101 ? A GLU 180  ? 1_555 96.9  ? 
34 NE2 ? A HIS 118 ? A HIS 197  ? 1_555 ZN ? E ZN . ? A ZN 999 ? 1_555 NE2 ? A HIS 122 ? A HIS 201  ? 1_555 110.3 ? 
35 NE2 ? A HIS 118 ? A HIS 197  ? 1_555 ZN ? E ZN . ? A ZN 999 ? 1_555 NE2 ? A HIS 128 ? A HIS 207  ? 1_555 115.0 ? 
36 NE2 ? A HIS 122 ? A HIS 201  ? 1_555 ZN ? E ZN . ? A ZN 999 ? 1_555 NE2 ? A HIS 128 ? A HIS 207  ? 1_555 102.5 ? 
37 NE2 ? A HIS 118 ? A HIS 197  ? 1_555 ZN ? E ZN . ? A ZN 999 ? 1_555 O6  ? F FIN .   ? A FIN 994  ? 1_555 109.6 ? 
38 NE2 ? A HIS 122 ? A HIS 201  ? 1_555 ZN ? E ZN . ? A ZN 999 ? 1_555 O6  ? F FIN .   ? A FIN 994  ? 1_555 120.6 ? 
39 NE2 ? A HIS 128 ? A HIS 207  ? 1_555 ZN ? E ZN . ? A ZN 999 ? 1_555 O6  ? F FIN .   ? A FIN 994  ? 1_555 98.4  ? 
# 
loop_
_pdbx_audit_revision_history.ordinal 
_pdbx_audit_revision_history.data_content_type 
_pdbx_audit_revision_history.major_revision 
_pdbx_audit_revision_history.minor_revision 
_pdbx_audit_revision_history.revision_date 
1 'Structure model' 1 0 2006-05-16 
2 'Structure model' 1 1 2008-04-30 
3 'Structure model' 1 2 2011-07-13 
4 'Structure model' 1 3 2017-10-11 
5 'Structure model' 1 4 2018-01-24 
6 'Structure model' 1 5 2023-08-23 
# 
_pdbx_audit_revision_details.ordinal             1 
_pdbx_audit_revision_details.revision_ordinal    1 
_pdbx_audit_revision_details.data_content_type   'Structure model' 
_pdbx_audit_revision_details.provider            repository 
_pdbx_audit_revision_details.type                'Initial release' 
_pdbx_audit_revision_details.description         ? 
_pdbx_audit_revision_details.details             ? 
# 
loop_
_pdbx_audit_revision_group.ordinal 
_pdbx_audit_revision_group.revision_ordinal 
_pdbx_audit_revision_group.data_content_type 
_pdbx_audit_revision_group.group 
1  2 'Structure model' 'Version format compliance' 
2  3 'Structure model' 'Version format compliance' 
3  4 'Structure model' Advisory                    
4  4 'Structure model' 'Refinement description'    
5  5 'Structure model' 'Database references'       
6  6 'Structure model' Advisory                    
7  6 'Structure model' 'Data collection'           
8  6 'Structure model' 'Database references'       
9  6 'Structure model' 'Derived calculations'      
10 6 'Structure model' 'Refinement description'    
# 
loop_
_pdbx_audit_revision_category.ordinal 
_pdbx_audit_revision_category.revision_ordinal 
_pdbx_audit_revision_category.data_content_type 
_pdbx_audit_revision_category.category 
1  4 'Structure model' pdbx_unobs_or_zero_occ_residues 
2  4 'Structure model' software                        
3  5 'Structure model' citation_author                 
4  6 'Structure model' chem_comp_atom                  
5  6 'Structure model' chem_comp_bond                  
6  6 'Structure model' database_2                      
7  6 'Structure model' diffrn_source                   
8  6 'Structure model' pdbx_initial_refinement_model   
9  6 'Structure model' pdbx_struct_conn_angle          
10 6 'Structure model' pdbx_unobs_or_zero_occ_residues 
11 6 'Structure model' struct_conn                     
12 6 'Structure model' struct_site                     
# 
loop_
_pdbx_audit_revision_item.ordinal 
_pdbx_audit_revision_item.revision_ordinal 
_pdbx_audit_revision_item.data_content_type 
_pdbx_audit_revision_item.item 
1  5 'Structure model' '_citation_author.name'                       
2  6 'Structure model' '_database_2.pdbx_DOI'                        
3  6 'Structure model' '_database_2.pdbx_database_accession'         
4  6 'Structure model' '_diffrn_source.pdbx_synchrotron_site'        
5  6 'Structure model' '_pdbx_struct_conn_angle.ptnr1_auth_comp_id'  
6  6 'Structure model' '_pdbx_struct_conn_angle.ptnr1_auth_seq_id'   
7  6 'Structure model' '_pdbx_struct_conn_angle.ptnr1_label_asym_id' 
8  6 'Structure model' '_pdbx_struct_conn_angle.ptnr1_label_atom_id' 
9  6 'Structure model' '_pdbx_struct_conn_angle.ptnr1_label_comp_id' 
10 6 'Structure model' '_pdbx_struct_conn_angle.ptnr1_label_seq_id'  
11 6 'Structure model' '_pdbx_struct_conn_angle.ptnr2_auth_comp_id'  
12 6 'Structure model' '_pdbx_struct_conn_angle.ptnr2_auth_seq_id'   
13 6 'Structure model' '_pdbx_struct_conn_angle.ptnr2_label_asym_id' 
14 6 'Structure model' '_pdbx_struct_conn_angle.ptnr2_label_atom_id' 
15 6 'Structure model' '_pdbx_struct_conn_angle.ptnr2_label_comp_id' 
16 6 'Structure model' '_pdbx_struct_conn_angle.ptnr3_auth_comp_id'  
17 6 'Structure model' '_pdbx_struct_conn_angle.ptnr3_auth_seq_id'   
18 6 'Structure model' '_pdbx_struct_conn_angle.ptnr3_label_asym_id' 
19 6 'Structure model' '_pdbx_struct_conn_angle.ptnr3_label_atom_id' 
20 6 'Structure model' '_pdbx_struct_conn_angle.ptnr3_label_comp_id' 
21 6 'Structure model' '_pdbx_struct_conn_angle.ptnr3_label_seq_id'  
22 6 'Structure model' '_pdbx_struct_conn_angle.value'               
23 6 'Structure model' '_struct_conn.pdbx_dist_value'                
24 6 'Structure model' '_struct_conn.ptnr1_auth_comp_id'             
25 6 'Structure model' '_struct_conn.ptnr1_auth_seq_id'              
26 6 'Structure model' '_struct_conn.ptnr1_label_asym_id'            
27 6 'Structure model' '_struct_conn.ptnr1_label_atom_id'            
28 6 'Structure model' '_struct_conn.ptnr1_label_comp_id'            
29 6 'Structure model' '_struct_conn.ptnr1_label_seq_id'             
30 6 'Structure model' '_struct_conn.ptnr2_auth_comp_id'             
31 6 'Structure model' '_struct_conn.ptnr2_auth_seq_id'              
32 6 'Structure model' '_struct_conn.ptnr2_label_asym_id'            
33 6 'Structure model' '_struct_conn.ptnr2_label_atom_id'            
34 6 'Structure model' '_struct_conn.ptnr2_label_comp_id'            
35 6 'Structure model' '_struct_conn.ptnr2_label_seq_id'             
36 6 'Structure model' '_struct_site.pdbx_auth_asym_id'              
37 6 'Structure model' '_struct_site.pdbx_auth_comp_id'              
38 6 'Structure model' '_struct_site.pdbx_auth_seq_id'               
# 
loop_
_software.name 
_software.classification 
_software.version 
_software.citation_id 
_software.pdbx_ordinal 
MAR345    'data collection' .   ? 1 
SCALEPACK 'data scaling'    .   ? 2 
AMoRE     phasing           .   ? 3 
CNS       refinement        1.0 ? 4 
# 
loop_
_pdbx_validate_torsion.id 
_pdbx_validate_torsion.PDB_model_num 
_pdbx_validate_torsion.auth_comp_id 
_pdbx_validate_torsion.auth_asym_id 
_pdbx_validate_torsion.auth_seq_id 
_pdbx_validate_torsion.PDB_ins_code 
_pdbx_validate_torsion.label_alt_id 
_pdbx_validate_torsion.phi 
_pdbx_validate_torsion.psi 
1 1 THR A 82  ? ? -28.66  143.09  
2 1 ARG A 145 ? ? 41.88   -126.51 
3 1 HIS A 147 ? ? -143.11 35.69   
4 1 ASP A 149 ? ? -144.03 18.12   
5 1 ASN A 150 ? ? 71.86   -35.41  
6 1 ASN A 157 ? ? 64.26   -170.81 
7 1 ALA A 161 ? ? -176.40 -174.88 
8 1 ALA A 220 ? ? -165.76 109.34  
9 1 SER A 225 ? ? -63.13  -86.81  
# 
loop_
_pdbx_unobs_or_zero_occ_residues.id 
_pdbx_unobs_or_zero_occ_residues.PDB_model_num 
_pdbx_unobs_or_zero_occ_residues.polymer_flag 
_pdbx_unobs_or_zero_occ_residues.occupancy_flag 
_pdbx_unobs_or_zero_occ_residues.auth_asym_id 
_pdbx_unobs_or_zero_occ_residues.auth_comp_id 
_pdbx_unobs_or_zero_occ_residues.auth_seq_id 
_pdbx_unobs_or_zero_occ_residues.PDB_ins_code 
_pdbx_unobs_or_zero_occ_residues.label_asym_id 
_pdbx_unobs_or_zero_occ_residues.label_comp_id 
_pdbx_unobs_or_zero_occ_residues.label_seq_id 
1 1 N 0 A HOH 1115 ? G HOH ? 
2 1 N 0 A HOH 1121 ? G HOH ? 
3 1 N 0 A HOH 1132 ? G HOH ? 
4 1 N 0 A HOH 1140 ? G HOH ? 
# 
loop_
_chem_comp_atom.comp_id 
_chem_comp_atom.atom_id 
_chem_comp_atom.type_symbol 
_chem_comp_atom.pdbx_aromatic_flag 
_chem_comp_atom.pdbx_stereo_config 
_chem_comp_atom.pdbx_ordinal 
ALA N    N  N N 1   
ALA CA   C  N S 2   
ALA C    C  N N 3   
ALA O    O  N N 4   
ALA CB   C  N N 5   
ALA OXT  O  N N 6   
ALA H    H  N N 7   
ALA H2   H  N N 8   
ALA HA   H  N N 9   
ALA HB1  H  N N 10  
ALA HB2  H  N N 11  
ALA HB3  H  N N 12  
ALA HXT  H  N N 13  
ARG N    N  N N 14  
ARG CA   C  N S 15  
ARG C    C  N N 16  
ARG O    O  N N 17  
ARG CB   C  N N 18  
ARG CG   C  N N 19  
ARG CD   C  N N 20  
ARG NE   N  N N 21  
ARG CZ   C  N N 22  
ARG NH1  N  N N 23  
ARG NH2  N  N N 24  
ARG OXT  O  N N 25  
ARG H    H  N N 26  
ARG H2   H  N N 27  
ARG HA   H  N N 28  
ARG HB2  H  N N 29  
ARG HB3  H  N N 30  
ARG HG2  H  N N 31  
ARG HG3  H  N N 32  
ARG HD2  H  N N 33  
ARG HD3  H  N N 34  
ARG HE   H  N N 35  
ARG HH11 H  N N 36  
ARG HH12 H  N N 37  
ARG HH21 H  N N 38  
ARG HH22 H  N N 39  
ARG HXT  H  N N 40  
ASN N    N  N N 41  
ASN CA   C  N S 42  
ASN C    C  N N 43  
ASN O    O  N N 44  
ASN CB   C  N N 45  
ASN CG   C  N N 46  
ASN OD1  O  N N 47  
ASN ND2  N  N N 48  
ASN OXT  O  N N 49  
ASN H    H  N N 50  
ASN H2   H  N N 51  
ASN HA   H  N N 52  
ASN HB2  H  N N 53  
ASN HB3  H  N N 54  
ASN HD21 H  N N 55  
ASN HD22 H  N N 56  
ASN HXT  H  N N 57  
ASP N    N  N N 58  
ASP CA   C  N S 59  
ASP C    C  N N 60  
ASP O    O  N N 61  
ASP CB   C  N N 62  
ASP CG   C  N N 63  
ASP OD1  O  N N 64  
ASP OD2  O  N N 65  
ASP OXT  O  N N 66  
ASP H    H  N N 67  
ASP H2   H  N N 68  
ASP HA   H  N N 69  
ASP HB2  H  N N 70  
ASP HB3  H  N N 71  
ASP HD2  H  N N 72  
ASP HXT  H  N N 73  
CA  CA   CA N N 74  
FIN C14  C  Y N 75  
FIN C15  C  Y N 76  
FIN C16  C  Y N 77  
FIN C17  C  Y N 78  
FIN C1   C  Y N 79  
FIN C2   C  Y N 80  
FIN O1   O  N N 81  
FIN C3   C  N N 82  
FIN C4   C  Y N 83  
FIN C5   C  Y N 84  
FIN C6   C  Y N 85  
FIN C7   C  Y N 86  
FIN C8   C  Y N 87  
FIN C9   C  Y N 88  
FIN S1   S  N N 89  
FIN O2   O  N N 90  
FIN O3   O  N N 91  
FIN N1   N  N N 92  
FIN C10  C  N R 93  
FIN C11  C  N N 94  
FIN C12  C  N N 95  
FIN C13  C  N N 96  
FIN P1   P  N N 97  
FIN O4   O  N N 98  
FIN O5   O  N N 99  
FIN O6   O  N N 100 
FIN H15  H  N N 101 
FIN H16  H  N N 102 
FIN H1   H  N N 103 
FIN H2   H  N N 104 
FIN H31  H  N N 105 
FIN H32  H  N N 106 
FIN H33  H  N N 107 
FIN H5   H  N N 108 
FIN H6   H  N N 109 
FIN H8   H  N N 110 
FIN H9   H  N N 111 
FIN HN1  H  N N 112 
FIN H10  H  N N 113 
FIN H11  H  N N 114 
FIN H121 H  N N 115 
FIN H122 H  N N 116 
FIN H123 H  N N 117 
FIN H131 H  N N 118 
FIN H132 H  N N 119 
FIN H133 H  N N 120 
FIN HO4  H  N N 121 
FIN HO6  H  N N 122 
GLN N    N  N N 123 
GLN CA   C  N S 124 
GLN C    C  N N 125 
GLN O    O  N N 126 
GLN CB   C  N N 127 
GLN CG   C  N N 128 
GLN CD   C  N N 129 
GLN OE1  O  N N 130 
GLN NE2  N  N N 131 
GLN OXT  O  N N 132 
GLN H    H  N N 133 
GLN H2   H  N N 134 
GLN HA   H  N N 135 
GLN HB2  H  N N 136 
GLN HB3  H  N N 137 
GLN HG2  H  N N 138 
GLN HG3  H  N N 139 
GLN HE21 H  N N 140 
GLN HE22 H  N N 141 
GLN HXT  H  N N 142 
GLU N    N  N N 143 
GLU CA   C  N S 144 
GLU C    C  N N 145 
GLU O    O  N N 146 
GLU CB   C  N N 147 
GLU CG   C  N N 148 
GLU CD   C  N N 149 
GLU OE1  O  N N 150 
GLU OE2  O  N N 151 
GLU OXT  O  N N 152 
GLU H    H  N N 153 
GLU H2   H  N N 154 
GLU HA   H  N N 155 
GLU HB2  H  N N 156 
GLU HB3  H  N N 157 
GLU HG2  H  N N 158 
GLU HG3  H  N N 159 
GLU HE2  H  N N 160 
GLU HXT  H  N N 161 
GLY N    N  N N 162 
GLY CA   C  N N 163 
GLY C    C  N N 164 
GLY O    O  N N 165 
GLY OXT  O  N N 166 
GLY H    H  N N 167 
GLY H2   H  N N 168 
GLY HA2  H  N N 169 
GLY HA3  H  N N 170 
GLY HXT  H  N N 171 
HIS N    N  N N 172 
HIS CA   C  N S 173 
HIS C    C  N N 174 
HIS O    O  N N 175 
HIS CB   C  N N 176 
HIS CG   C  Y N 177 
HIS ND1  N  Y N 178 
HIS CD2  C  Y N 179 
HIS CE1  C  Y N 180 
HIS NE2  N  Y N 181 
HIS OXT  O  N N 182 
HIS H    H  N N 183 
HIS H2   H  N N 184 
HIS HA   H  N N 185 
HIS HB2  H  N N 186 
HIS HB3  H  N N 187 
HIS HD1  H  N N 188 
HIS HD2  H  N N 189 
HIS HE1  H  N N 190 
HIS HE2  H  N N 191 
HIS HXT  H  N N 192 
HOH O    O  N N 193 
HOH H1   H  N N 194 
HOH H2   H  N N 195 
ILE N    N  N N 196 
ILE CA   C  N S 197 
ILE C    C  N N 198 
ILE O    O  N N 199 
ILE CB   C  N S 200 
ILE CG1  C  N N 201 
ILE CG2  C  N N 202 
ILE CD1  C  N N 203 
ILE OXT  O  N N 204 
ILE H    H  N N 205 
ILE H2   H  N N 206 
ILE HA   H  N N 207 
ILE HB   H  N N 208 
ILE HG12 H  N N 209 
ILE HG13 H  N N 210 
ILE HG21 H  N N 211 
ILE HG22 H  N N 212 
ILE HG23 H  N N 213 
ILE HD11 H  N N 214 
ILE HD12 H  N N 215 
ILE HD13 H  N N 216 
ILE HXT  H  N N 217 
LEU N    N  N N 218 
LEU CA   C  N S 219 
LEU C    C  N N 220 
LEU O    O  N N 221 
LEU CB   C  N N 222 
LEU CG   C  N N 223 
LEU CD1  C  N N 224 
LEU CD2  C  N N 225 
LEU OXT  O  N N 226 
LEU H    H  N N 227 
LEU H2   H  N N 228 
LEU HA   H  N N 229 
LEU HB2  H  N N 230 
LEU HB3  H  N N 231 
LEU HG   H  N N 232 
LEU HD11 H  N N 233 
LEU HD12 H  N N 234 
LEU HD13 H  N N 235 
LEU HD21 H  N N 236 
LEU HD22 H  N N 237 
LEU HD23 H  N N 238 
LEU HXT  H  N N 239 
LYS N    N  N N 240 
LYS CA   C  N S 241 
LYS C    C  N N 242 
LYS O    O  N N 243 
LYS CB   C  N N 244 
LYS CG   C  N N 245 
LYS CD   C  N N 246 
LYS CE   C  N N 247 
LYS NZ   N  N N 248 
LYS OXT  O  N N 249 
LYS H    H  N N 250 
LYS H2   H  N N 251 
LYS HA   H  N N 252 
LYS HB2  H  N N 253 
LYS HB3  H  N N 254 
LYS HG2  H  N N 255 
LYS HG3  H  N N 256 
LYS HD2  H  N N 257 
LYS HD3  H  N N 258 
LYS HE2  H  N N 259 
LYS HE3  H  N N 260 
LYS HZ1  H  N N 261 
LYS HZ2  H  N N 262 
LYS HZ3  H  N N 263 
LYS HXT  H  N N 264 
MET N    N  N N 265 
MET CA   C  N S 266 
MET C    C  N N 267 
MET O    O  N N 268 
MET CB   C  N N 269 
MET CG   C  N N 270 
MET SD   S  N N 271 
MET CE   C  N N 272 
MET OXT  O  N N 273 
MET H    H  N N 274 
MET H2   H  N N 275 
MET HA   H  N N 276 
MET HB2  H  N N 277 
MET HB3  H  N N 278 
MET HG2  H  N N 279 
MET HG3  H  N N 280 
MET HE1  H  N N 281 
MET HE2  H  N N 282 
MET HE3  H  N N 283 
MET HXT  H  N N 284 
PHE N    N  N N 285 
PHE CA   C  N S 286 
PHE C    C  N N 287 
PHE O    O  N N 288 
PHE CB   C  N N 289 
PHE CG   C  Y N 290 
PHE CD1  C  Y N 291 
PHE CD2  C  Y N 292 
PHE CE1  C  Y N 293 
PHE CE2  C  Y N 294 
PHE CZ   C  Y N 295 
PHE OXT  O  N N 296 
PHE H    H  N N 297 
PHE H2   H  N N 298 
PHE HA   H  N N 299 
PHE HB2  H  N N 300 
PHE HB3  H  N N 301 
PHE HD1  H  N N 302 
PHE HD2  H  N N 303 
PHE HE1  H  N N 304 
PHE HE2  H  N N 305 
PHE HZ   H  N N 306 
PHE HXT  H  N N 307 
PRO N    N  N N 308 
PRO CA   C  N S 309 
PRO C    C  N N 310 
PRO O    O  N N 311 
PRO CB   C  N N 312 
PRO CG   C  N N 313 
PRO CD   C  N N 314 
PRO OXT  O  N N 315 
PRO H    H  N N 316 
PRO HA   H  N N 317 
PRO HB2  H  N N 318 
PRO HB3  H  N N 319 
PRO HG2  H  N N 320 
PRO HG3  H  N N 321 
PRO HD2  H  N N 322 
PRO HD3  H  N N 323 
PRO HXT  H  N N 324 
SER N    N  N N 325 
SER CA   C  N S 326 
SER C    C  N N 327 
SER O    O  N N 328 
SER CB   C  N N 329 
SER OG   O  N N 330 
SER OXT  O  N N 331 
SER H    H  N N 332 
SER H2   H  N N 333 
SER HA   H  N N 334 
SER HB2  H  N N 335 
SER HB3  H  N N 336 
SER HG   H  N N 337 
SER HXT  H  N N 338 
THR N    N  N N 339 
THR CA   C  N S 340 
THR C    C  N N 341 
THR O    O  N N 342 
THR CB   C  N R 343 
THR OG1  O  N N 344 
THR CG2  C  N N 345 
THR OXT  O  N N 346 
THR H    H  N N 347 
THR H2   H  N N 348 
THR HA   H  N N 349 
THR HB   H  N N 350 
THR HG1  H  N N 351 
THR HG21 H  N N 352 
THR HG22 H  N N 353 
THR HG23 H  N N 354 
THR HXT  H  N N 355 
TRP N    N  N N 356 
TRP CA   C  N S 357 
TRP C    C  N N 358 
TRP O    O  N N 359 
TRP CB   C  N N 360 
TRP CG   C  Y N 361 
TRP CD1  C  Y N 362 
TRP CD2  C  Y N 363 
TRP NE1  N  Y N 364 
TRP CE2  C  Y N 365 
TRP CE3  C  Y N 366 
TRP CZ2  C  Y N 367 
TRP CZ3  C  Y N 368 
TRP CH2  C  Y N 369 
TRP OXT  O  N N 370 
TRP H    H  N N 371 
TRP H2   H  N N 372 
TRP HA   H  N N 373 
TRP HB2  H  N N 374 
TRP HB3  H  N N 375 
TRP HD1  H  N N 376 
TRP HE1  H  N N 377 
TRP HE3  H  N N 378 
TRP HZ2  H  N N 379 
TRP HZ3  H  N N 380 
TRP HH2  H  N N 381 
TRP HXT  H  N N 382 
TYR N    N  N N 383 
TYR CA   C  N S 384 
TYR C    C  N N 385 
TYR O    O  N N 386 
TYR CB   C  N N 387 
TYR CG   C  Y N 388 
TYR CD1  C  Y N 389 
TYR CD2  C  Y N 390 
TYR CE1  C  Y N 391 
TYR CE2  C  Y N 392 
TYR CZ   C  Y N 393 
TYR OH   O  N N 394 
TYR OXT  O  N N 395 
TYR H    H  N N 396 
TYR H2   H  N N 397 
TYR HA   H  N N 398 
TYR HB2  H  N N 399 
TYR HB3  H  N N 400 
TYR HD1  H  N N 401 
TYR HD2  H  N N 402 
TYR HE1  H  N N 403 
TYR HE2  H  N N 404 
TYR HH   H  N N 405 
TYR HXT  H  N N 406 
VAL N    N  N N 407 
VAL CA   C  N S 408 
VAL C    C  N N 409 
VAL O    O  N N 410 
VAL CB   C  N N 411 
VAL CG1  C  N N 412 
VAL CG2  C  N N 413 
VAL OXT  O  N N 414 
VAL H    H  N N 415 
VAL H2   H  N N 416 
VAL HA   H  N N 417 
VAL HB   H  N N 418 
VAL HG11 H  N N 419 
VAL HG12 H  N N 420 
VAL HG13 H  N N 421 
VAL HG21 H  N N 422 
VAL HG22 H  N N 423 
VAL HG23 H  N N 424 
VAL HXT  H  N N 425 
ZN  ZN   ZN N N 426 
# 
loop_
_chem_comp_bond.comp_id 
_chem_comp_bond.atom_id_1 
_chem_comp_bond.atom_id_2 
_chem_comp_bond.value_order 
_chem_comp_bond.pdbx_aromatic_flag 
_chem_comp_bond.pdbx_stereo_config 
_chem_comp_bond.pdbx_ordinal 
ALA N   CA   sing N N 1   
ALA N   H    sing N N 2   
ALA N   H2   sing N N 3   
ALA CA  C    sing N N 4   
ALA CA  CB   sing N N 5   
ALA CA  HA   sing N N 6   
ALA C   O    doub N N 7   
ALA C   OXT  sing N N 8   
ALA CB  HB1  sing N N 9   
ALA CB  HB2  sing N N 10  
ALA CB  HB3  sing N N 11  
ALA OXT HXT  sing N N 12  
ARG N   CA   sing N N 13  
ARG N   H    sing N N 14  
ARG N   H2   sing N N 15  
ARG CA  C    sing N N 16  
ARG CA  CB   sing N N 17  
ARG CA  HA   sing N N 18  
ARG C   O    doub N N 19  
ARG C   OXT  sing N N 20  
ARG CB  CG   sing N N 21  
ARG CB  HB2  sing N N 22  
ARG CB  HB3  sing N N 23  
ARG CG  CD   sing N N 24  
ARG CG  HG2  sing N N 25  
ARG CG  HG3  sing N N 26  
ARG CD  NE   sing N N 27  
ARG CD  HD2  sing N N 28  
ARG CD  HD3  sing N N 29  
ARG NE  CZ   sing N N 30  
ARG NE  HE   sing N N 31  
ARG CZ  NH1  sing N N 32  
ARG CZ  NH2  doub N N 33  
ARG NH1 HH11 sing N N 34  
ARG NH1 HH12 sing N N 35  
ARG NH2 HH21 sing N N 36  
ARG NH2 HH22 sing N N 37  
ARG OXT HXT  sing N N 38  
ASN N   CA   sing N N 39  
ASN N   H    sing N N 40  
ASN N   H2   sing N N 41  
ASN CA  C    sing N N 42  
ASN CA  CB   sing N N 43  
ASN CA  HA   sing N N 44  
ASN C   O    doub N N 45  
ASN C   OXT  sing N N 46  
ASN CB  CG   sing N N 47  
ASN CB  HB2  sing N N 48  
ASN CB  HB3  sing N N 49  
ASN CG  OD1  doub N N 50  
ASN CG  ND2  sing N N 51  
ASN ND2 HD21 sing N N 52  
ASN ND2 HD22 sing N N 53  
ASN OXT HXT  sing N N 54  
ASP N   CA   sing N N 55  
ASP N   H    sing N N 56  
ASP N   H2   sing N N 57  
ASP CA  C    sing N N 58  
ASP CA  CB   sing N N 59  
ASP CA  HA   sing N N 60  
ASP C   O    doub N N 61  
ASP C   OXT  sing N N 62  
ASP CB  CG   sing N N 63  
ASP CB  HB2  sing N N 64  
ASP CB  HB3  sing N N 65  
ASP CG  OD1  doub N N 66  
ASP CG  OD2  sing N N 67  
ASP OD2 HD2  sing N N 68  
ASP OXT HXT  sing N N 69  
FIN C14 C15  sing Y N 70  
FIN C14 C2   doub Y N 71  
FIN C14 C4   sing Y N 72  
FIN C15 C16  doub Y N 73  
FIN C15 H15  sing N N 74  
FIN C16 C17  sing Y N 75  
FIN C16 H16  sing N N 76  
FIN C17 C1   doub Y N 77  
FIN C17 O1   sing N N 78  
FIN C1  C2   sing Y N 79  
FIN C1  H1   sing N N 80  
FIN C2  H2   sing N N 81  
FIN O1  C3   sing N N 82  
FIN C3  H31  sing N N 83  
FIN C3  H32  sing N N 84  
FIN C3  H33  sing N N 85  
FIN C4  C5   sing Y N 86  
FIN C4  C9   doub Y N 87  
FIN C5  C6   doub Y N 88  
FIN C5  H5   sing N N 89  
FIN C6  C7   sing Y N 90  
FIN C6  H6   sing N N 91  
FIN C7  C8   doub Y N 92  
FIN C7  S1   sing N N 93  
FIN C8  C9   sing Y N 94  
FIN C8  H8   sing N N 95  
FIN C9  H9   sing N N 96  
FIN S1  O2   doub N N 97  
FIN S1  O3   doub N N 98  
FIN S1  N1   sing N N 99  
FIN N1  C10  sing N N 100 
FIN N1  HN1  sing N N 101 
FIN C10 C11  sing N N 102 
FIN C10 P1   sing N N 103 
FIN C10 H10  sing N N 104 
FIN C11 C12  sing N N 105 
FIN C11 C13  sing N N 106 
FIN C11 H11  sing N N 107 
FIN C12 H121 sing N N 108 
FIN C12 H122 sing N N 109 
FIN C12 H123 sing N N 110 
FIN C13 H131 sing N N 111 
FIN C13 H132 sing N N 112 
FIN C13 H133 sing N N 113 
FIN P1  O4   sing N N 114 
FIN P1  O5   doub N N 115 
FIN P1  O6   sing N N 116 
FIN O4  HO4  sing N N 117 
FIN O6  HO6  sing N N 118 
GLN N   CA   sing N N 119 
GLN N   H    sing N N 120 
GLN N   H2   sing N N 121 
GLN CA  C    sing N N 122 
GLN CA  CB   sing N N 123 
GLN CA  HA   sing N N 124 
GLN C   O    doub N N 125 
GLN C   OXT  sing N N 126 
GLN CB  CG   sing N N 127 
GLN CB  HB2  sing N N 128 
GLN CB  HB3  sing N N 129 
GLN CG  CD   sing N N 130 
GLN CG  HG2  sing N N 131 
GLN CG  HG3  sing N N 132 
GLN CD  OE1  doub N N 133 
GLN CD  NE2  sing N N 134 
GLN NE2 HE21 sing N N 135 
GLN NE2 HE22 sing N N 136 
GLN OXT HXT  sing N N 137 
GLU N   CA   sing N N 138 
GLU N   H    sing N N 139 
GLU N   H2   sing N N 140 
GLU CA  C    sing N N 141 
GLU CA  CB   sing N N 142 
GLU CA  HA   sing N N 143 
GLU C   O    doub N N 144 
GLU C   OXT  sing N N 145 
GLU CB  CG   sing N N 146 
GLU CB  HB2  sing N N 147 
GLU CB  HB3  sing N N 148 
GLU CG  CD   sing N N 149 
GLU CG  HG2  sing N N 150 
GLU CG  HG3  sing N N 151 
GLU CD  OE1  doub N N 152 
GLU CD  OE2  sing N N 153 
GLU OE2 HE2  sing N N 154 
GLU OXT HXT  sing N N 155 
GLY N   CA   sing N N 156 
GLY N   H    sing N N 157 
GLY N   H2   sing N N 158 
GLY CA  C    sing N N 159 
GLY CA  HA2  sing N N 160 
GLY CA  HA3  sing N N 161 
GLY C   O    doub N N 162 
GLY C   OXT  sing N N 163 
GLY OXT HXT  sing N N 164 
HIS N   CA   sing N N 165 
HIS N   H    sing N N 166 
HIS N   H2   sing N N 167 
HIS CA  C    sing N N 168 
HIS CA  CB   sing N N 169 
HIS CA  HA   sing N N 170 
HIS C   O    doub N N 171 
HIS C   OXT  sing N N 172 
HIS CB  CG   sing N N 173 
HIS CB  HB2  sing N N 174 
HIS CB  HB3  sing N N 175 
HIS CG  ND1  sing Y N 176 
HIS CG  CD2  doub Y N 177 
HIS ND1 CE1  doub Y N 178 
HIS ND1 HD1  sing N N 179 
HIS CD2 NE2  sing Y N 180 
HIS CD2 HD2  sing N N 181 
HIS CE1 NE2  sing Y N 182 
HIS CE1 HE1  sing N N 183 
HIS NE2 HE2  sing N N 184 
HIS OXT HXT  sing N N 185 
HOH O   H1   sing N N 186 
HOH O   H2   sing N N 187 
ILE N   CA   sing N N 188 
ILE N   H    sing N N 189 
ILE N   H2   sing N N 190 
ILE CA  C    sing N N 191 
ILE CA  CB   sing N N 192 
ILE CA  HA   sing N N 193 
ILE C   O    doub N N 194 
ILE C   OXT  sing N N 195 
ILE CB  CG1  sing N N 196 
ILE CB  CG2  sing N N 197 
ILE CB  HB   sing N N 198 
ILE CG1 CD1  sing N N 199 
ILE CG1 HG12 sing N N 200 
ILE CG1 HG13 sing N N 201 
ILE CG2 HG21 sing N N 202 
ILE CG2 HG22 sing N N 203 
ILE CG2 HG23 sing N N 204 
ILE CD1 HD11 sing N N 205 
ILE CD1 HD12 sing N N 206 
ILE CD1 HD13 sing N N 207 
ILE OXT HXT  sing N N 208 
LEU N   CA   sing N N 209 
LEU N   H    sing N N 210 
LEU N   H2   sing N N 211 
LEU CA  C    sing N N 212 
LEU CA  CB   sing N N 213 
LEU CA  HA   sing N N 214 
LEU C   O    doub N N 215 
LEU C   OXT  sing N N 216 
LEU CB  CG   sing N N 217 
LEU CB  HB2  sing N N 218 
LEU CB  HB3  sing N N 219 
LEU CG  CD1  sing N N 220 
LEU CG  CD2  sing N N 221 
LEU CG  HG   sing N N 222 
LEU CD1 HD11 sing N N 223 
LEU CD1 HD12 sing N N 224 
LEU CD1 HD13 sing N N 225 
LEU CD2 HD21 sing N N 226 
LEU CD2 HD22 sing N N 227 
LEU CD2 HD23 sing N N 228 
LEU OXT HXT  sing N N 229 
LYS N   CA   sing N N 230 
LYS N   H    sing N N 231 
LYS N   H2   sing N N 232 
LYS CA  C    sing N N 233 
LYS CA  CB   sing N N 234 
LYS CA  HA   sing N N 235 
LYS C   O    doub N N 236 
LYS C   OXT  sing N N 237 
LYS CB  CG   sing N N 238 
LYS CB  HB2  sing N N 239 
LYS CB  HB3  sing N N 240 
LYS CG  CD   sing N N 241 
LYS CG  HG2  sing N N 242 
LYS CG  HG3  sing N N 243 
LYS CD  CE   sing N N 244 
LYS CD  HD2  sing N N 245 
LYS CD  HD3  sing N N 246 
LYS CE  NZ   sing N N 247 
LYS CE  HE2  sing N N 248 
LYS CE  HE3  sing N N 249 
LYS NZ  HZ1  sing N N 250 
LYS NZ  HZ2  sing N N 251 
LYS NZ  HZ3  sing N N 252 
LYS OXT HXT  sing N N 253 
MET N   CA   sing N N 254 
MET N   H    sing N N 255 
MET N   H2   sing N N 256 
MET CA  C    sing N N 257 
MET CA  CB   sing N N 258 
MET CA  HA   sing N N 259 
MET C   O    doub N N 260 
MET C   OXT  sing N N 261 
MET CB  CG   sing N N 262 
MET CB  HB2  sing N N 263 
MET CB  HB3  sing N N 264 
MET CG  SD   sing N N 265 
MET CG  HG2  sing N N 266 
MET CG  HG3  sing N N 267 
MET SD  CE   sing N N 268 
MET CE  HE1  sing N N 269 
MET CE  HE2  sing N N 270 
MET CE  HE3  sing N N 271 
MET OXT HXT  sing N N 272 
PHE N   CA   sing N N 273 
PHE N   H    sing N N 274 
PHE N   H2   sing N N 275 
PHE CA  C    sing N N 276 
PHE CA  CB   sing N N 277 
PHE CA  HA   sing N N 278 
PHE C   O    doub N N 279 
PHE C   OXT  sing N N 280 
PHE CB  CG   sing N N 281 
PHE CB  HB2  sing N N 282 
PHE CB  HB3  sing N N 283 
PHE CG  CD1  doub Y N 284 
PHE CG  CD2  sing Y N 285 
PHE CD1 CE1  sing Y N 286 
PHE CD1 HD1  sing N N 287 
PHE CD2 CE2  doub Y N 288 
PHE CD2 HD2  sing N N 289 
PHE CE1 CZ   doub Y N 290 
PHE CE1 HE1  sing N N 291 
PHE CE2 CZ   sing Y N 292 
PHE CE2 HE2  sing N N 293 
PHE CZ  HZ   sing N N 294 
PHE OXT HXT  sing N N 295 
PRO N   CA   sing N N 296 
PRO N   CD   sing N N 297 
PRO N   H    sing N N 298 
PRO CA  C    sing N N 299 
PRO CA  CB   sing N N 300 
PRO CA  HA   sing N N 301 
PRO C   O    doub N N 302 
PRO C   OXT  sing N N 303 
PRO CB  CG   sing N N 304 
PRO CB  HB2  sing N N 305 
PRO CB  HB3  sing N N 306 
PRO CG  CD   sing N N 307 
PRO CG  HG2  sing N N 308 
PRO CG  HG3  sing N N 309 
PRO CD  HD2  sing N N 310 
PRO CD  HD3  sing N N 311 
PRO OXT HXT  sing N N 312 
SER N   CA   sing N N 313 
SER N   H    sing N N 314 
SER N   H2   sing N N 315 
SER CA  C    sing N N 316 
SER CA  CB   sing N N 317 
SER CA  HA   sing N N 318 
SER C   O    doub N N 319 
SER C   OXT  sing N N 320 
SER CB  OG   sing N N 321 
SER CB  HB2  sing N N 322 
SER CB  HB3  sing N N 323 
SER OG  HG   sing N N 324 
SER OXT HXT  sing N N 325 
THR N   CA   sing N N 326 
THR N   H    sing N N 327 
THR N   H2   sing N N 328 
THR CA  C    sing N N 329 
THR CA  CB   sing N N 330 
THR CA  HA   sing N N 331 
THR C   O    doub N N 332 
THR C   OXT  sing N N 333 
THR CB  OG1  sing N N 334 
THR CB  CG2  sing N N 335 
THR CB  HB   sing N N 336 
THR OG1 HG1  sing N N 337 
THR CG2 HG21 sing N N 338 
THR CG2 HG22 sing N N 339 
THR CG2 HG23 sing N N 340 
THR OXT HXT  sing N N 341 
TRP N   CA   sing N N 342 
TRP N   H    sing N N 343 
TRP N   H2   sing N N 344 
TRP CA  C    sing N N 345 
TRP CA  CB   sing N N 346 
TRP CA  HA   sing N N 347 
TRP C   O    doub N N 348 
TRP C   OXT  sing N N 349 
TRP CB  CG   sing N N 350 
TRP CB  HB2  sing N N 351 
TRP CB  HB3  sing N N 352 
TRP CG  CD1  doub Y N 353 
TRP CG  CD2  sing Y N 354 
TRP CD1 NE1  sing Y N 355 
TRP CD1 HD1  sing N N 356 
TRP CD2 CE2  doub Y N 357 
TRP CD2 CE3  sing Y N 358 
TRP NE1 CE2  sing Y N 359 
TRP NE1 HE1  sing N N 360 
TRP CE2 CZ2  sing Y N 361 
TRP CE3 CZ3  doub Y N 362 
TRP CE3 HE3  sing N N 363 
TRP CZ2 CH2  doub Y N 364 
TRP CZ2 HZ2  sing N N 365 
TRP CZ3 CH2  sing Y N 366 
TRP CZ3 HZ3  sing N N 367 
TRP CH2 HH2  sing N N 368 
TRP OXT HXT  sing N N 369 
TYR N   CA   sing N N 370 
TYR N   H    sing N N 371 
TYR N   H2   sing N N 372 
TYR CA  C    sing N N 373 
TYR CA  CB   sing N N 374 
TYR CA  HA   sing N N 375 
TYR C   O    doub N N 376 
TYR C   OXT  sing N N 377 
TYR CB  CG   sing N N 378 
TYR CB  HB2  sing N N 379 
TYR CB  HB3  sing N N 380 
TYR CG  CD1  doub Y N 381 
TYR CG  CD2  sing Y N 382 
TYR CD1 CE1  sing Y N 383 
TYR CD1 HD1  sing N N 384 
TYR CD2 CE2  doub Y N 385 
TYR CD2 HD2  sing N N 386 
TYR CE1 CZ   doub Y N 387 
TYR CE1 HE1  sing N N 388 
TYR CE2 CZ   sing Y N 389 
TYR CE2 HE2  sing N N 390 
TYR CZ  OH   sing N N 391 
TYR OH  HH   sing N N 392 
TYR OXT HXT  sing N N 393 
VAL N   CA   sing N N 394 
VAL N   H    sing N N 395 
VAL N   H2   sing N N 396 
VAL CA  C    sing N N 397 
VAL CA  CB   sing N N 398 
VAL CA  HA   sing N N 399 
VAL C   O    doub N N 400 
VAL C   OXT  sing N N 401 
VAL CB  CG1  sing N N 402 
VAL CB  CG2  sing N N 403 
VAL CB  HB   sing N N 404 
VAL CG1 HG11 sing N N 405 
VAL CG1 HG12 sing N N 406 
VAL CG1 HG13 sing N N 407 
VAL CG2 HG21 sing N N 408 
VAL CG2 HG22 sing N N 409 
VAL CG2 HG23 sing N N 410 
VAL OXT HXT  sing N N 411 
# 
loop_
_pdbx_entity_nonpoly.entity_id 
_pdbx_entity_nonpoly.name 
_pdbx_entity_nonpoly.comp_id 
2 'CALCIUM ION'                                                                           CA  
3 'ZINC ION'                                                                              ZN  
4 
;(1R)-1-{[(4'-METHOXY-1,1'-BIPHENYL-4-YL)SULFONYL]AMINO}-2-METHYLPROPYLPHOSPHONIC ACID
;
FIN 
5 water                                                                                   HOH 
# 
_pdbx_initial_refinement_model.id               1 
_pdbx_initial_refinement_model.entity_id_list   ? 
_pdbx_initial_refinement_model.type             'experimental model' 
_pdbx_initial_refinement_model.source_name      PDB 
_pdbx_initial_refinement_model.accession_code   1I76 
_pdbx_initial_refinement_model.details          'PDB ENTRY 1I76' 
# 
